data_1A1X
# 
_entry.id   1A1X 
# 
_audit_conform.dict_name       mmcif_pdbx.dic 
_audit_conform.dict_version    5.385 
_audit_conform.dict_location   http://mmcif.pdb.org/dictionaries/ascii/mmcif_pdbx.dic 
# 
loop_
_database_2.database_id 
_database_2.database_code 
_database_2.pdbx_database_accession 
_database_2.pdbx_DOI 
PDB   1A1X         pdb_00001a1x 10.2210/pdb1a1x/pdb 
WWPDB D_1000170291 ?            ?                   
# 
loop_
_pdbx_audit_revision_history.ordinal 
_pdbx_audit_revision_history.data_content_type 
_pdbx_audit_revision_history.major_revision 
_pdbx_audit_revision_history.minor_revision 
_pdbx_audit_revision_history.revision_date 
1 'Structure model' 1 0 1998-05-27 
2 'Structure model' 1 1 2008-03-24 
3 'Structure model' 1 2 2011-07-13 
4 'Structure model' 1 3 2024-02-07 
# 
_pdbx_audit_revision_details.ordinal             1 
_pdbx_audit_revision_details.revision_ordinal    1 
_pdbx_audit_revision_details.data_content_type   'Structure model' 
_pdbx_audit_revision_details.provider            repository 
_pdbx_audit_revision_details.type                'Initial release' 
_pdbx_audit_revision_details.description         ? 
_pdbx_audit_revision_details.details             ? 
# 
loop_
_pdbx_audit_revision_group.ordinal 
_pdbx_audit_revision_group.revision_ordinal 
_pdbx_audit_revision_group.data_content_type 
_pdbx_audit_revision_group.group 
1 2 'Structure model' 'Version format compliance' 
2 3 'Structure model' 'Version format compliance' 
3 4 'Structure model' 'Data collection'           
4 4 'Structure model' 'Database references'       
# 
loop_
_pdbx_audit_revision_category.ordinal 
_pdbx_audit_revision_category.revision_ordinal 
_pdbx_audit_revision_category.data_content_type 
_pdbx_audit_revision_category.category 
1 4 'Structure model' chem_comp_atom 
2 4 'Structure model' chem_comp_bond 
3 4 'Structure model' database_2     
# 
loop_
_pdbx_audit_revision_item.ordinal 
_pdbx_audit_revision_item.revision_ordinal 
_pdbx_audit_revision_item.data_content_type 
_pdbx_audit_revision_item.item 
1 4 'Structure model' '_database_2.pdbx_DOI'                
2 4 'Structure model' '_database_2.pdbx_database_accession' 
# 
_pdbx_database_status.status_code                     REL 
_pdbx_database_status.entry_id                        1A1X 
_pdbx_database_status.recvd_initial_deposition_date   1997-12-18 
_pdbx_database_status.deposit_site                    ? 
_pdbx_database_status.process_site                    BNL 
_pdbx_database_status.SG_entry                        . 
_pdbx_database_status.pdb_format_compatible           Y 
_pdbx_database_status.status_code_mr                  ? 
_pdbx_database_status.status_code_sf                  ? 
_pdbx_database_status.status_code_cs                  ? 
_pdbx_database_status.status_code_nmr_data            ? 
_pdbx_database_status.methods_development_category    ? 
# 
loop_
_audit_author.name 
_audit_author.pdbx_ordinal 
'Fu, Z.Q.'         1 
'Dubois, G.C.'     2 
'Song, S.P.'       3 
'Kulikovskaya, I.' 4 
'Virgilio, L.'     5 
'Rothstein, J.'    6 
'Croce, C.M.'      7 
'Weber, I.T.'      8 
'Harrison, R.W.'   9 
# 
_citation.id                        primary 
_citation.title                     
'Crystal structure of MTCP-1: implications for role of TCL-1 and MTCP-1 in T cell malignancies.' 
_citation.journal_abbrev            Proc.Natl.Acad.Sci.USA 
_citation.journal_volume            95 
_citation.page_first                3413 
_citation.page_last                 3418 
_citation.year                      1998 
_citation.journal_id_ASTM           PNASA6 
_citation.country                   US 
_citation.journal_id_ISSN           0027-8424 
_citation.journal_id_CSD            0040 
_citation.book_publisher            ? 
_citation.pdbx_database_id_PubMed   9520380 
_citation.pdbx_database_id_DOI      10.1073/pnas.95.7.3413 
# 
loop_
_citation_author.citation_id 
_citation_author.name 
_citation_author.ordinal 
_citation_author.identifier_ORCID 
primary 'Fu, Z.Q.'         1 ? 
primary 'Du Bois, G.C.'    2 ? 
primary 'Song, S.P.'       3 ? 
primary 'Kulikovskaya, I.' 4 ? 
primary 'Virgilio, L.'     5 ? 
primary 'Rothstein, J.L.'  6 ? 
primary 'Croce, C.M.'      7 ? 
primary 'Weber, I.T.'      8 ? 
primary 'Harrison, R.W.'   9 ? 
# 
loop_
_entity.id 
_entity.type 
_entity.src_method 
_entity.pdbx_description 
_entity.formula_weight 
_entity.pdbx_number_of_molecules 
_entity.pdbx_ec 
_entity.pdbx_mutation 
_entity.pdbx_fragment 
_entity.details 
1 polymer man HMTCP-1 12627.200 1  ? ? ? ? 
2 water   nat water   18.015    24 ? ? ? ? 
# 
_entity_poly.entity_id                      1 
_entity_poly.type                           'polypeptide(L)' 
_entity_poly.nstd_linkage                   no 
_entity_poly.nstd_monomer                   no 
_entity_poly.pdbx_seq_one_letter_code       
;GSAGEDVGAPPDHLWVHQEGIYRDEYQRTWVAVVEEETSFLRARVQQIQVPLGDAARPSHLLTSQLPLMWQLYPEERYMD
NNSRLWQIQHHLMVRGVQELLLKLLPDD
;
_entity_poly.pdbx_seq_one_letter_code_can   
;GSAGEDVGAPPDHLWVHQEGIYRDEYQRTWVAVVEEETSFLRARVQQIQVPLGDAARPSHLLTSQLPLMWQLYPEERYMD
NNSRLWQIQHHLMVRGVQELLLKLLPDD
;
_entity_poly.pdbx_strand_id                 A 
_entity_poly.pdbx_target_identifier         ? 
# 
_pdbx_entity_nonpoly.entity_id   2 
_pdbx_entity_nonpoly.name        water 
_pdbx_entity_nonpoly.comp_id     HOH 
# 
loop_
_entity_poly_seq.entity_id 
_entity_poly_seq.num 
_entity_poly_seq.mon_id 
_entity_poly_seq.hetero 
1 1   GLY n 
1 2   SER n 
1 3   ALA n 
1 4   GLY n 
1 5   GLU n 
1 6   ASP n 
1 7   VAL n 
1 8   GLY n 
1 9   ALA n 
1 10  PRO n 
1 11  PRO n 
1 12  ASP n 
1 13  HIS n 
1 14  LEU n 
1 15  TRP n 
1 16  VAL n 
1 17  HIS n 
1 18  GLN n 
1 19  GLU n 
1 20  GLY n 
1 21  ILE n 
1 22  TYR n 
1 23  ARG n 
1 24  ASP n 
1 25  GLU n 
1 26  TYR n 
1 27  GLN n 
1 28  ARG n 
1 29  THR n 
1 30  TRP n 
1 31  VAL n 
1 32  ALA n 
1 33  VAL n 
1 34  VAL n 
1 35  GLU n 
1 36  GLU n 
1 37  GLU n 
1 38  THR n 
1 39  SER n 
1 40  PHE n 
1 41  LEU n 
1 42  ARG n 
1 43  ALA n 
1 44  ARG n 
1 45  VAL n 
1 46  GLN n 
1 47  GLN n 
1 48  ILE n 
1 49  GLN n 
1 50  VAL n 
1 51  PRO n 
1 52  LEU n 
1 53  GLY n 
1 54  ASP n 
1 55  ALA n 
1 56  ALA n 
1 57  ARG n 
1 58  PRO n 
1 59  SER n 
1 60  HIS n 
1 61  LEU n 
1 62  LEU n 
1 63  THR n 
1 64  SER n 
1 65  GLN n 
1 66  LEU n 
1 67  PRO n 
1 68  LEU n 
1 69  MET n 
1 70  TRP n 
1 71  GLN n 
1 72  LEU n 
1 73  TYR n 
1 74  PRO n 
1 75  GLU n 
1 76  GLU n 
1 77  ARG n 
1 78  TYR n 
1 79  MET n 
1 80  ASP n 
1 81  ASN n 
1 82  ASN n 
1 83  SER n 
1 84  ARG n 
1 85  LEU n 
1 86  TRP n 
1 87  GLN n 
1 88  ILE n 
1 89  GLN n 
1 90  HIS n 
1 91  HIS n 
1 92  LEU n 
1 93  MET n 
1 94  VAL n 
1 95  ARG n 
1 96  GLY n 
1 97  VAL n 
1 98  GLN n 
1 99  GLU n 
1 100 LEU n 
1 101 LEU n 
1 102 LEU n 
1 103 LYS n 
1 104 LEU n 
1 105 LEU n 
1 106 PRO n 
1 107 ASP n 
1 108 ASP n 
# 
_entity_src_gen.entity_id                          1 
_entity_src_gen.pdbx_src_id                        1 
_entity_src_gen.pdbx_alt_source_flag               sample 
_entity_src_gen.pdbx_seq_type                      ? 
_entity_src_gen.pdbx_beg_seq_num                   ? 
_entity_src_gen.pdbx_end_seq_num                   ? 
_entity_src_gen.gene_src_common_name               human 
_entity_src_gen.gene_src_genus                     Homo 
_entity_src_gen.pdbx_gene_src_gene                 ? 
_entity_src_gen.gene_src_species                   ? 
_entity_src_gen.gene_src_strain                    ? 
_entity_src_gen.gene_src_tissue                    ? 
_entity_src_gen.gene_src_tissue_fraction           ? 
_entity_src_gen.gene_src_details                   ? 
_entity_src_gen.pdbx_gene_src_fragment             ? 
_entity_src_gen.pdbx_gene_src_scientific_name      'Homo sapiens' 
_entity_src_gen.pdbx_gene_src_ncbi_taxonomy_id     9606 
_entity_src_gen.pdbx_gene_src_variant              ? 
_entity_src_gen.pdbx_gene_src_cell_line            ? 
_entity_src_gen.pdbx_gene_src_atcc                 ? 
_entity_src_gen.pdbx_gene_src_organ                ? 
_entity_src_gen.pdbx_gene_src_organelle            ? 
_entity_src_gen.pdbx_gene_src_cell                 ? 
_entity_src_gen.pdbx_gene_src_cellular_location    ? 
_entity_src_gen.host_org_common_name               ? 
_entity_src_gen.pdbx_host_org_scientific_name      'Escherichia coli' 
_entity_src_gen.pdbx_host_org_ncbi_taxonomy_id     562 
_entity_src_gen.host_org_genus                     Escherichia 
_entity_src_gen.pdbx_host_org_gene                 ? 
_entity_src_gen.pdbx_host_org_organ                ? 
_entity_src_gen.host_org_species                   ? 
_entity_src_gen.pdbx_host_org_tissue               ? 
_entity_src_gen.pdbx_host_org_tissue_fraction      ? 
_entity_src_gen.pdbx_host_org_strain               ? 
_entity_src_gen.pdbx_host_org_variant              ? 
_entity_src_gen.pdbx_host_org_cell_line            ? 
_entity_src_gen.pdbx_host_org_atcc                 ? 
_entity_src_gen.pdbx_host_org_culture_collection   ? 
_entity_src_gen.pdbx_host_org_cell                 ? 
_entity_src_gen.pdbx_host_org_organelle            ? 
_entity_src_gen.pdbx_host_org_cellular_location    ? 
_entity_src_gen.pdbx_host_org_vector_type          ? 
_entity_src_gen.pdbx_host_org_vector               ? 
_entity_src_gen.host_org_details                   ? 
_entity_src_gen.expression_system_id               ? 
_entity_src_gen.plasmid_name                       ? 
_entity_src_gen.plasmid_details                    ? 
_entity_src_gen.pdbx_description                   ? 
# 
loop_
_chem_comp.id 
_chem_comp.type 
_chem_comp.mon_nstd_flag 
_chem_comp.name 
_chem_comp.pdbx_synonyms 
_chem_comp.formula 
_chem_comp.formula_weight 
ALA 'L-peptide linking' y ALANINE         ? 'C3 H7 N O2'     89.093  
ARG 'L-peptide linking' y ARGININE        ? 'C6 H15 N4 O2 1' 175.209 
ASN 'L-peptide linking' y ASPARAGINE      ? 'C4 H8 N2 O3'    132.118 
ASP 'L-peptide linking' y 'ASPARTIC ACID' ? 'C4 H7 N O4'     133.103 
GLN 'L-peptide linking' y GLUTAMINE       ? 'C5 H10 N2 O3'   146.144 
GLU 'L-peptide linking' y 'GLUTAMIC ACID' ? 'C5 H9 N O4'     147.129 
GLY 'peptide linking'   y GLYCINE         ? 'C2 H5 N O2'     75.067  
HIS 'L-peptide linking' y HISTIDINE       ? 'C6 H10 N3 O2 1' 156.162 
HOH non-polymer         . WATER           ? 'H2 O'           18.015  
ILE 'L-peptide linking' y ISOLEUCINE      ? 'C6 H13 N O2'    131.173 
LEU 'L-peptide linking' y LEUCINE         ? 'C6 H13 N O2'    131.173 
LYS 'L-peptide linking' y LYSINE          ? 'C6 H15 N2 O2 1' 147.195 
MET 'L-peptide linking' y METHIONINE      ? 'C5 H11 N O2 S'  149.211 
PHE 'L-peptide linking' y PHENYLALANINE   ? 'C9 H11 N O2'    165.189 
PRO 'L-peptide linking' y PROLINE         ? 'C5 H9 N O2'     115.130 
SER 'L-peptide linking' y SERINE          ? 'C3 H7 N O3'     105.093 
THR 'L-peptide linking' y THREONINE       ? 'C4 H9 N O3'     119.119 
TRP 'L-peptide linking' y TRYPTOPHAN      ? 'C11 H12 N2 O2'  204.225 
TYR 'L-peptide linking' y TYROSINE        ? 'C9 H11 N O3'    181.189 
VAL 'L-peptide linking' y VALINE          ? 'C5 H11 N O2'    117.146 
# 
loop_
_pdbx_poly_seq_scheme.asym_id 
_pdbx_poly_seq_scheme.entity_id 
_pdbx_poly_seq_scheme.seq_id 
_pdbx_poly_seq_scheme.mon_id 
_pdbx_poly_seq_scheme.ndb_seq_num 
_pdbx_poly_seq_scheme.pdb_seq_num 
_pdbx_poly_seq_scheme.auth_seq_num 
_pdbx_poly_seq_scheme.pdb_mon_id 
_pdbx_poly_seq_scheme.auth_mon_id 
_pdbx_poly_seq_scheme.pdb_strand_id 
_pdbx_poly_seq_scheme.pdb_ins_code 
_pdbx_poly_seq_scheme.hetero 
A 1 1   GLY 1   1   ?   ?   ?   A . n 
A 1 2   SER 2   2   ?   ?   ?   A . n 
A 1 3   ALA 3   3   3   ALA ALA A . n 
A 1 4   GLY 4   4   4   GLY GLY A . n 
A 1 5   GLU 5   5   5   GLU GLU A . n 
A 1 6   ASP 6   6   6   ASP ASP A . n 
A 1 7   VAL 7   7   7   VAL VAL A . n 
A 1 8   GLY 8   8   8   GLY GLY A . n 
A 1 9   ALA 9   9   9   ALA ALA A . n 
A 1 10  PRO 10  10  10  PRO PRO A . n 
A 1 11  PRO 11  11  11  PRO PRO A . n 
A 1 12  ASP 12  12  12  ASP ASP A . n 
A 1 13  HIS 13  13  13  HIS HIS A . n 
A 1 14  LEU 14  14  14  LEU LEU A . n 
A 1 15  TRP 15  15  15  TRP TRP A . n 
A 1 16  VAL 16  16  16  VAL VAL A . n 
A 1 17  HIS 17  17  17  HIS HIS A . n 
A 1 18  GLN 18  18  18  GLN GLN A . n 
A 1 19  GLU 19  19  19  GLU GLU A . n 
A 1 20  GLY 20  20  20  GLY GLY A . n 
A 1 21  ILE 21  21  21  ILE ILE A . n 
A 1 22  TYR 22  22  22  TYR TYR A . n 
A 1 23  ARG 23  23  23  ARG ARG A . n 
A 1 24  ASP 24  24  24  ASP ASP A . n 
A 1 25  GLU 25  25  25  GLU GLU A . n 
A 1 26  TYR 26  26  26  TYR TYR A . n 
A 1 27  GLN 27  27  27  GLN GLN A . n 
A 1 28  ARG 28  28  28  ARG ARG A . n 
A 1 29  THR 29  29  29  THR THR A . n 
A 1 30  TRP 30  30  30  TRP TRP A . n 
A 1 31  VAL 31  31  31  VAL VAL A . n 
A 1 32  ALA 32  32  32  ALA ALA A . n 
A 1 33  VAL 33  33  33  VAL VAL A . n 
A 1 34  VAL 34  34  34  VAL VAL A . n 
A 1 35  GLU 35  35  35  GLU GLU A . n 
A 1 36  GLU 36  36  36  GLU GLU A . n 
A 1 37  GLU 37  37  37  GLU GLU A . n 
A 1 38  THR 38  38  38  THR THR A . n 
A 1 39  SER 39  39  39  SER SER A . n 
A 1 40  PHE 40  40  40  PHE PHE A . n 
A 1 41  LEU 41  41  41  LEU LEU A . n 
A 1 42  ARG 42  42  42  ARG ARG A . n 
A 1 43  ALA 43  43  43  ALA ALA A . n 
A 1 44  ARG 44  44  44  ARG ARG A . n 
A 1 45  VAL 45  45  45  VAL VAL A . n 
A 1 46  GLN 46  46  46  GLN GLN A . n 
A 1 47  GLN 47  47  47  GLN GLN A . n 
A 1 48  ILE 48  48  48  ILE ILE A . n 
A 1 49  GLN 49  49  49  GLN GLN A . n 
A 1 50  VAL 50  50  50  VAL VAL A . n 
A 1 51  PRO 51  51  51  PRO PRO A . n 
A 1 52  LEU 52  52  52  LEU LEU A . n 
A 1 53  GLY 53  53  53  GLY GLY A . n 
A 1 54  ASP 54  54  54  ASP ASP A . n 
A 1 55  ALA 55  55  55  ALA ALA A . n 
A 1 56  ALA 56  56  56  ALA ALA A . n 
A 1 57  ARG 57  57  57  ARG ARG A . n 
A 1 58  PRO 58  58  58  PRO PRO A . n 
A 1 59  SER 59  59  59  SER SER A . n 
A 1 60  HIS 60  60  60  HIS HIS A . n 
A 1 61  LEU 61  61  61  LEU LEU A . n 
A 1 62  LEU 62  62  62  LEU LEU A . n 
A 1 63  THR 63  63  63  THR THR A . n 
A 1 64  SER 64  64  64  SER SER A . n 
A 1 65  GLN 65  65  65  GLN GLN A . n 
A 1 66  LEU 66  66  66  LEU LEU A . n 
A 1 67  PRO 67  67  67  PRO PRO A . n 
A 1 68  LEU 68  68  68  LEU LEU A . n 
A 1 69  MET 69  69  69  MET MET A . n 
A 1 70  TRP 70  70  70  TRP TRP A . n 
A 1 71  GLN 71  71  71  GLN GLN A . n 
A 1 72  LEU 72  72  72  LEU LEU A . n 
A 1 73  TYR 73  73  73  TYR TYR A . n 
A 1 74  PRO 74  74  74  PRO PRO A . n 
A 1 75  GLU 75  75  75  GLU GLU A . n 
A 1 76  GLU 76  76  76  GLU GLU A . n 
A 1 77  ARG 77  77  77  ARG ARG A . n 
A 1 78  TYR 78  78  78  TYR TYR A . n 
A 1 79  MET 79  79  79  MET MET A . n 
A 1 80  ASP 80  80  80  ASP ASP A . n 
A 1 81  ASN 81  81  81  ASN ASN A . n 
A 1 82  ASN 82  82  82  ASN ASN A . n 
A 1 83  SER 83  83  83  SER SER A . n 
A 1 84  ARG 84  84  84  ARG ARG A . n 
A 1 85  LEU 85  85  85  LEU LEU A . n 
A 1 86  TRP 86  86  86  TRP TRP A . n 
A 1 87  GLN 87  87  87  GLN GLN A . n 
A 1 88  ILE 88  88  88  ILE ILE A . n 
A 1 89  GLN 89  89  89  GLN GLN A . n 
A 1 90  HIS 90  90  90  HIS HIS A . n 
A 1 91  HIS 91  91  91  HIS HIS A . n 
A 1 92  LEU 92  92  92  LEU LEU A . n 
A 1 93  MET 93  93  93  MET MET A . n 
A 1 94  VAL 94  94  94  VAL VAL A . n 
A 1 95  ARG 95  95  95  ARG ARG A . n 
A 1 96  GLY 96  96  96  GLY GLY A . n 
A 1 97  VAL 97  97  97  VAL VAL A . n 
A 1 98  GLN 98  98  98  GLN GLN A . n 
A 1 99  GLU 99  99  99  GLU GLU A . n 
A 1 100 LEU 100 100 100 LEU LEU A . n 
A 1 101 LEU 101 101 101 LEU LEU A . n 
A 1 102 LEU 102 102 102 LEU LEU A . n 
A 1 103 LYS 103 103 103 LYS LYS A . n 
A 1 104 LEU 104 104 104 LEU LEU A . n 
A 1 105 LEU 105 105 105 LEU LEU A . n 
A 1 106 PRO 106 106 106 PRO PRO A . n 
A 1 107 ASP 107 107 107 ASP ASP A . n 
A 1 108 ASP 108 108 108 ASP ASP A . n 
# 
loop_
_pdbx_nonpoly_scheme.asym_id 
_pdbx_nonpoly_scheme.entity_id 
_pdbx_nonpoly_scheme.mon_id 
_pdbx_nonpoly_scheme.ndb_seq_num 
_pdbx_nonpoly_scheme.pdb_seq_num 
_pdbx_nonpoly_scheme.auth_seq_num 
_pdbx_nonpoly_scheme.pdb_mon_id 
_pdbx_nonpoly_scheme.auth_mon_id 
_pdbx_nonpoly_scheme.pdb_strand_id 
_pdbx_nonpoly_scheme.pdb_ins_code 
B 2 HOH 1  201 201 HOH HOH A . 
B 2 HOH 2  202 202 HOH HOH A . 
B 2 HOH 3  203 203 HOH HOH A . 
B 2 HOH 4  204 204 HOH HOH A . 
B 2 HOH 5  205 205 HOH HOH A . 
B 2 HOH 6  206 206 HOH HOH A . 
B 2 HOH 7  207 207 HOH HOH A . 
B 2 HOH 8  208 208 HOH HOH A . 
B 2 HOH 9  209 209 HOH HOH A . 
B 2 HOH 10 210 210 HOH HOH A . 
B 2 HOH 11 211 211 HOH HOH A . 
B 2 HOH 12 212 212 HOH HOH A . 
B 2 HOH 13 213 213 HOH HOH A . 
B 2 HOH 14 214 214 HOH HOH A . 
B 2 HOH 15 215 215 HOH HOH A . 
B 2 HOH 16 216 216 HOH HOH A . 
B 2 HOH 17 217 217 HOH HOH A . 
B 2 HOH 18 218 218 HOH HOH A . 
B 2 HOH 19 219 219 HOH HOH A . 
B 2 HOH 20 220 220 HOH HOH A . 
B 2 HOH 21 221 221 HOH HOH A . 
B 2 HOH 22 222 222 HOH HOH A . 
B 2 HOH 23 223 223 HOH HOH A . 
B 2 HOH 24 224 224 HOH HOH A . 
# 
loop_
_software.name 
_software.classification 
_software.version 
_software.citation_id 
_software.pdbx_ordinal 
MADSYS    phasing          .   ? 1 
X-PLOR    'model building' 3.8 ? 2 
X-PLOR    refinement       3.8 ? 3 
DENZO     'data reduction' .   ? 4 
SCALEPACK 'data scaling'   .   ? 5 
X-PLOR    phasing          3.8 ? 6 
# 
_cell.entry_id           1A1X 
_cell.length_a           62.665 
_cell.length_b           62.665 
_cell.length_c           85.962 
_cell.angle_alpha        90.00 
_cell.angle_beta         90.00 
_cell.angle_gamma        120.00 
_cell.Z_PDB              12 
_cell.pdbx_unique_axis   ? 
# 
_symmetry.entry_id                         1A1X 
_symmetry.space_group_name_H-M             'P 62 2 2' 
_symmetry.pdbx_full_space_group_name_H-M   ? 
_symmetry.cell_setting                     ? 
_symmetry.Int_Tables_number                180 
# 
_exptl.entry_id          1A1X 
_exptl.method            'X-RAY DIFFRACTION' 
_exptl.crystals_number   1 
# 
_exptl_crystal.id                    1 
_exptl_crystal.density_meas          ? 
_exptl_crystal.density_Matthews      2.0 
_exptl_crystal.density_percent_sol   37. 
_exptl_crystal.description           ? 
# 
_exptl_crystal_grow.crystal_id      1 
_exptl_crystal_grow.method          ? 
_exptl_crystal_grow.temp            ? 
_exptl_crystal_grow.temp_details    ? 
_exptl_crystal_grow.pH              7.8 
_exptl_crystal_grow.pdbx_pH_range   ? 
_exptl_crystal_grow.pdbx_details    'PROTEIN WAS CRYSTALLIZED FROM 1.5M AMS WITH TRIZMA BUFFER AT PH 7.8' 
# 
_diffrn.id                     1 
_diffrn.ambient_temp           293 
_diffrn.ambient_temp_details   ? 
_diffrn.crystal_id             1 
# 
_diffrn_detector.diffrn_id              1 
_diffrn_detector.detector               'IMAGE PLATE' 
_diffrn_detector.type                   RIGAKU 
_diffrn_detector.pdbx_collection_date   1997-09 
_diffrn_detector.details                ? 
# 
_diffrn_radiation.diffrn_id                        1 
_diffrn_radiation.wavelength_id                    1 
_diffrn_radiation.pdbx_monochromatic_or_laue_m_l   M 
_diffrn_radiation.monochromator                    'NI FILTER' 
_diffrn_radiation.pdbx_diffrn_protocol             ? 
_diffrn_radiation.pdbx_scattering_type             x-ray 
# 
_diffrn_radiation_wavelength.id           1 
_diffrn_radiation_wavelength.wavelength   1.5418 
_diffrn_radiation_wavelength.wt           1.0 
# 
_diffrn_source.diffrn_id                   1 
_diffrn_source.source                      'ROTATING ANODE' 
_diffrn_source.type                        'RIGAKU RUH2R' 
_diffrn_source.pdbx_synchrotron_site       ? 
_diffrn_source.pdbx_synchrotron_beamline   ? 
_diffrn_source.pdbx_wavelength             1.5418 
_diffrn_source.pdbx_wavelength_list        ? 
# 
_reflns.entry_id                     1A1X 
_reflns.observed_criterion_sigma_I   0.0 
_reflns.observed_criterion_sigma_F   ? 
_reflns.d_resolution_low             21.0 
_reflns.d_resolution_high            2.0 
_reflns.number_obs                   7194 
_reflns.number_all                   ? 
_reflns.percent_possible_obs         99.7 
_reflns.pdbx_Rmerge_I_obs            ? 
_reflns.pdbx_Rsym_value              0.0470000 
_reflns.pdbx_netI_over_sigmaI        15.1 
_reflns.B_iso_Wilson_estimate        ? 
_reflns.pdbx_redundancy              5.9 
_reflns.pdbx_diffrn_id               1 
_reflns.pdbx_ordinal                 1 
# 
_reflns_shell.d_res_high             2.00 
_reflns_shell.d_res_low              2.07 
_reflns_shell.percent_possible_all   99.3 
_reflns_shell.Rmerge_I_obs           ? 
_reflns_shell.pdbx_Rsym_value        0.1470000 
_reflns_shell.meanI_over_sigI_obs    7.6 
_reflns_shell.pdbx_redundancy        5.4 
_reflns_shell.pdbx_diffrn_id         ? 
_reflns_shell.pdbx_ordinal           1 
# 
_refine.entry_id                                 1A1X 
_refine.ls_number_reflns_obs                     6733 
_refine.ls_number_reflns_all                     ? 
_refine.pdbx_ls_sigma_I                          ? 
_refine.pdbx_ls_sigma_F                          2.0 
_refine.pdbx_data_cutoff_high_absF               1000000.0 
_refine.pdbx_data_cutoff_low_absF                0.001 
_refine.pdbx_data_cutoff_high_rms_absF           ? 
_refine.ls_d_res_low                             6.5 
_refine.ls_d_res_high                            2.0 
_refine.ls_percent_reflns_obs                    99.7 
_refine.ls_R_factor_obs                          0.2110000 
_refine.ls_R_factor_all                          ? 
_refine.ls_R_factor_R_work                       0.2110000 
_refine.ls_R_factor_R_free                       0.2530000 
_refine.ls_R_factor_R_free_error                 0.01 
_refine.ls_R_factor_R_free_error_details         ? 
_refine.ls_percent_reflns_R_free                 8.6 
_refine.ls_number_reflns_R_free                  582 
_refine.ls_number_parameters                     ? 
_refine.ls_number_restraints                     ? 
_refine.occupancy_min                            ? 
_refine.occupancy_max                            ? 
_refine.B_iso_mean                               22.01 
_refine.aniso_B[1][1]                            ? 
_refine.aniso_B[2][2]                            ? 
_refine.aniso_B[3][3]                            ? 
_refine.aniso_B[1][2]                            ? 
_refine.aniso_B[1][3]                            ? 
_refine.aniso_B[2][3]                            ? 
_refine.solvent_model_details                    ? 
_refine.solvent_model_param_ksol                 ? 
_refine.solvent_model_param_bsol                 ? 
_refine.pdbx_ls_cross_valid_method               THROUGHOUT 
_refine.details                                  ? 
_refine.pdbx_starting_model                      ? 
_refine.pdbx_method_to_determine_struct          'MAD PHASING' 
_refine.pdbx_isotropic_thermal_model             RESTRAINED 
_refine.pdbx_stereochemistry_target_values       ? 
_refine.pdbx_stereochem_target_val_spec_case     ? 
_refine.pdbx_R_Free_selection_details            RANDOM 
_refine.pdbx_overall_ESU_R                       ? 
_refine.pdbx_overall_ESU_R_Free                  ? 
_refine.overall_SU_ML                            ? 
_refine.overall_SU_B                             ? 
_refine.pdbx_refine_id                           'X-RAY DIFFRACTION' 
_refine.pdbx_diffrn_id                           1 
_refine.pdbx_TLS_residual_ADP_flag               ? 
_refine.correlation_coeff_Fo_to_Fc               ? 
_refine.correlation_coeff_Fo_to_Fc_free          ? 
_refine.pdbx_solvent_vdw_probe_radii             ? 
_refine.pdbx_solvent_ion_probe_radii             ? 
_refine.pdbx_solvent_shrinkage_radii             ? 
_refine.pdbx_overall_phase_error                 ? 
_refine.overall_SU_R_Cruickshank_DPI             ? 
_refine.pdbx_overall_SU_R_free_Cruickshank_DPI   ? 
_refine.pdbx_overall_SU_R_Blow_DPI               ? 
_refine.pdbx_overall_SU_R_free_Blow_DPI          ? 
# 
_refine_hist.pdbx_refine_id                   'X-RAY DIFFRACTION' 
_refine_hist.cycle_id                         LAST 
_refine_hist.pdbx_number_atoms_protein        881 
_refine_hist.pdbx_number_atoms_nucleic_acid   0 
_refine_hist.pdbx_number_atoms_ligand         0 
_refine_hist.number_atoms_solvent             24 
_refine_hist.number_atoms_total               905 
_refine_hist.d_res_high                       2.0 
_refine_hist.d_res_low                        6.5 
# 
loop_
_refine_ls_restr.type 
_refine_ls_restr.dev_ideal 
_refine_ls_restr.dev_ideal_target 
_refine_ls_restr.weight 
_refine_ls_restr.number 
_refine_ls_restr.pdbx_refine_id 
_refine_ls_restr.pdbx_restraint_function 
x_bond_d                0.007 ?    ? ? 'X-RAY DIFFRACTION' ? 
x_bond_d_na             ?     ?    ? ? 'X-RAY DIFFRACTION' ? 
x_bond_d_prot           ?     ?    ? ? 'X-RAY DIFFRACTION' ? 
x_angle_d               ?     ?    ? ? 'X-RAY DIFFRACTION' ? 
x_angle_d_na            ?     ?    ? ? 'X-RAY DIFFRACTION' ? 
x_angle_d_prot          ?     ?    ? ? 'X-RAY DIFFRACTION' ? 
x_angle_deg             1.396 ?    ? ? 'X-RAY DIFFRACTION' ? 
x_angle_deg_na          ?     ?    ? ? 'X-RAY DIFFRACTION' ? 
x_angle_deg_prot        ?     ?    ? ? 'X-RAY DIFFRACTION' ? 
x_dihedral_angle_d      26.92 ?    ? ? 'X-RAY DIFFRACTION' ? 
x_dihedral_angle_d_na   ?     ?    ? ? 'X-RAY DIFFRACTION' ? 
x_dihedral_angle_d_prot ?     ?    ? ? 'X-RAY DIFFRACTION' ? 
x_improper_angle_d      1.192 ?    ? ? 'X-RAY DIFFRACTION' ? 
x_improper_angle_d_na   ?     ?    ? ? 'X-RAY DIFFRACTION' ? 
x_improper_angle_d_prot ?     ?    ? ? 'X-RAY DIFFRACTION' ? 
x_mcbond_it             2.157 1.50 ? ? 'X-RAY DIFFRACTION' ? 
x_mcangle_it            3.319 2.00 ? ? 'X-RAY DIFFRACTION' ? 
x_scbond_it             4.210 2.00 ? ? 'X-RAY DIFFRACTION' ? 
x_scangle_it            6.231 2.50 ? ? 'X-RAY DIFFRACTION' ? 
# 
_refine_ls_shell.pdbx_total_number_of_bins_used   8 
_refine_ls_shell.d_res_high                       2.00 
_refine_ls_shell.d_res_low                        2.09 
_refine_ls_shell.number_reflns_R_work             739 
_refine_ls_shell.R_factor_R_work                  0.2550000 
_refine_ls_shell.percent_reflns_obs               99.3 
_refine_ls_shell.R_factor_R_free                  0.2680000 
_refine_ls_shell.R_factor_R_free_error            0.031 
_refine_ls_shell.percent_reflns_R_free            8.7 
_refine_ls_shell.number_reflns_R_free             73 
_refine_ls_shell.pdbx_refine_id                   'X-RAY DIFFRACTION' 
_refine_ls_shell.number_reflns_all                ? 
_refine_ls_shell.R_factor_all                     ? 
# 
loop_
_pdbx_xplor_file.serial_no 
_pdbx_xplor_file.param_file 
_pdbx_xplor_file.topol_file 
_pdbx_xplor_file.pdbx_refine_id 
1 PARHCSDX.PRO    TOPHCSDX.PRO   'X-RAY DIFFRACTION' 
2 TIP3P.PARAMETER TIP3P.TOPOLOGY 'X-RAY DIFFRACTION' 
# 
_struct.entry_id                  1A1X 
_struct.title                     'CRYSTAL STRUCTURE OF MTCP-1 INVOLVED IN T CELL MALIGNANCIES' 
_struct.pdbx_model_details        ? 
_struct.pdbx_CASP_flag            ? 
_struct.pdbx_model_type_details   ? 
# 
_struct_keywords.entry_id        1A1X 
_struct_keywords.pdbx_keywords   PROTO-ONCOGENE 
_struct_keywords.text            'MTCP-1, ONCOGENE INVOLVED IN T CELL MALIGNANCIES, PROTO-ONCOGENE' 
# 
loop_
_struct_asym.id 
_struct_asym.pdbx_blank_PDB_chainid_flag 
_struct_asym.pdbx_modified 
_struct_asym.entity_id 
_struct_asym.details 
A N N 1 ? 
B N N 2 ? 
# 
_struct_ref.id                         1 
_struct_ref.db_name                    UNP 
_struct_ref.db_code                    MTCPB_HUMAN 
_struct_ref.entity_id                  1 
_struct_ref.pdbx_db_accession          P56278 
_struct_ref.pdbx_align_begin           1 
_struct_ref.pdbx_seq_one_letter_code   
;MAGEDVGAPPDHLWVHQEGIYRDEYQRTWVAVVEEETSFLRARVQQIQVPLGDAARPSHLLTSQLPLMWQLYPEERYMDN
NSRLWQIQHHLMVRGVQELLLKLLPDD
;
_struct_ref.pdbx_db_isoform            ? 
# 
_struct_ref_seq.align_id                      1 
_struct_ref_seq.ref_id                        1 
_struct_ref_seq.pdbx_PDB_id_code              1A1X 
_struct_ref_seq.pdbx_strand_id                A 
_struct_ref_seq.seq_align_beg                 3 
_struct_ref_seq.pdbx_seq_align_beg_ins_code   ? 
_struct_ref_seq.seq_align_end                 108 
_struct_ref_seq.pdbx_seq_align_end_ins_code   ? 
_struct_ref_seq.pdbx_db_accession             P56278 
_struct_ref_seq.db_align_beg                  2 
_struct_ref_seq.pdbx_db_align_beg_ins_code    ? 
_struct_ref_seq.db_align_end                  107 
_struct_ref_seq.pdbx_db_align_end_ins_code    ? 
_struct_ref_seq.pdbx_auth_seq_align_beg       3 
_struct_ref_seq.pdbx_auth_seq_align_end       108 
# 
_pdbx_struct_assembly.id                   1 
_pdbx_struct_assembly.details              author_defined_assembly 
_pdbx_struct_assembly.method_details       ? 
_pdbx_struct_assembly.oligomeric_details   dimeric 
_pdbx_struct_assembly.oligomeric_count     2 
# 
_pdbx_struct_assembly_gen.assembly_id       1 
_pdbx_struct_assembly_gen.oper_expression   1,2 
_pdbx_struct_assembly_gen.asym_id_list      A,B 
# 
loop_
_pdbx_struct_oper_list.id 
_pdbx_struct_oper_list.type 
_pdbx_struct_oper_list.name 
_pdbx_struct_oper_list.symmetry_operation 
_pdbx_struct_oper_list.matrix[1][1] 
_pdbx_struct_oper_list.matrix[1][2] 
_pdbx_struct_oper_list.matrix[1][3] 
_pdbx_struct_oper_list.vector[1] 
_pdbx_struct_oper_list.matrix[2][1] 
_pdbx_struct_oper_list.matrix[2][2] 
_pdbx_struct_oper_list.matrix[2][3] 
_pdbx_struct_oper_list.vector[2] 
_pdbx_struct_oper_list.matrix[3][1] 
_pdbx_struct_oper_list.matrix[3][2] 
_pdbx_struct_oper_list.matrix[3][3] 
_pdbx_struct_oper_list.vector[3] 
1 'identity operation'         1_555 x,y,z       1.0000000000 0.0000000000  0.0000000000  0.0000000000  0.0000000000  1.0000000000  0.0000000000 0.0000000000   0.0000000000  0.0000000000 1.0000000000  0.0000000000 
2 'crystal symmetry operation' 4_665 -x+1,-y+1,z 0.7700902645 -0.2136491469 -0.6010948566 -1.5938199925 -0.2136491469 -0.9742126382 0.0725518952 -28.1424022364 -0.6010948566 0.0725518952 -0.7958776262 5.3093034218 
# 
_struct_biol.id   1 
# 
_struct_conf.conf_type_id            HELX_P 
_struct_conf.id                      HELX_P1 
_struct_conf.pdbx_PDB_helix_id       1 
_struct_conf.beg_label_comp_id       PRO 
_struct_conf.beg_label_asym_id       A 
_struct_conf.beg_label_seq_id        58 
_struct_conf.pdbx_beg_PDB_ins_code   ? 
_struct_conf.end_label_comp_id       THR 
_struct_conf.end_label_asym_id       A 
_struct_conf.end_label_seq_id        63 
_struct_conf.pdbx_end_PDB_ins_code   ? 
_struct_conf.beg_auth_comp_id        PRO 
_struct_conf.beg_auth_asym_id        A 
_struct_conf.beg_auth_seq_id         58 
_struct_conf.end_auth_comp_id        THR 
_struct_conf.end_auth_asym_id        A 
_struct_conf.end_auth_seq_id         63 
_struct_conf.pdbx_PDB_helix_class    1 
_struct_conf.details                 ? 
_struct_conf.pdbx_PDB_helix_length   6 
# 
_struct_conf_type.id          HELX_P 
_struct_conf_type.criteria    ? 
_struct_conf_type.reference   ? 
# 
_struct_sheet.id               A 
_struct_sheet.type             ? 
_struct_sheet.number_strands   9 
_struct_sheet.details          ? 
# 
loop_
_struct_sheet_order.sheet_id 
_struct_sheet_order.range_id_1 
_struct_sheet_order.range_id_2 
_struct_sheet_order.offset 
_struct_sheet_order.sense 
A 1 2 ? anti-parallel 
A 2 3 ? anti-parallel 
A 3 4 ? anti-parallel 
A 4 5 ? anti-parallel 
A 5 6 ? anti-parallel 
A 6 7 ? anti-parallel 
A 7 8 ? anti-parallel 
A 8 9 ? anti-parallel 
# 
loop_
_struct_sheet_range.sheet_id 
_struct_sheet_range.id 
_struct_sheet_range.beg_label_comp_id 
_struct_sheet_range.beg_label_asym_id 
_struct_sheet_range.beg_label_seq_id 
_struct_sheet_range.pdbx_beg_PDB_ins_code 
_struct_sheet_range.end_label_comp_id 
_struct_sheet_range.end_label_asym_id 
_struct_sheet_range.end_label_seq_id 
_struct_sheet_range.pdbx_end_PDB_ins_code 
_struct_sheet_range.beg_auth_comp_id 
_struct_sheet_range.beg_auth_asym_id 
_struct_sheet_range.beg_auth_seq_id 
_struct_sheet_range.end_auth_comp_id 
_struct_sheet_range.end_auth_asym_id 
_struct_sheet_range.end_auth_seq_id 
A 1 HIS A 13 ? TRP A 15  ? HIS A 13 TRP A 15  
A 2 MET A 69 ? TYR A 73  ? MET A 69 TYR A 73  
A 3 ARG A 77 ? ASP A 80  ? ARG A 77 ASP A 80  
A 4 LEU A 85 ? VAL A 94  ? LEU A 85 VAL A 94  
A 5 VAL A 97 ? LEU A 104 ? VAL A 97 LEU A 104 
A 6 LEU A 41 ? GLN A 46  ? LEU A 41 GLN A 46  
A 7 THR A 29 ? GLU A 36  ? THR A 29 GLU A 36  
A 8 ILE A 21 ? ASP A 24  ? ILE A 21 ASP A 24  
A 9 LEU A 14 ? GLN A 18  ? LEU A 14 GLN A 18  
# 
loop_
_pdbx_struct_sheet_hbond.sheet_id 
_pdbx_struct_sheet_hbond.range_id_1 
_pdbx_struct_sheet_hbond.range_id_2 
_pdbx_struct_sheet_hbond.range_1_label_atom_id 
_pdbx_struct_sheet_hbond.range_1_label_comp_id 
_pdbx_struct_sheet_hbond.range_1_label_asym_id 
_pdbx_struct_sheet_hbond.range_1_label_seq_id 
_pdbx_struct_sheet_hbond.range_1_PDB_ins_code 
_pdbx_struct_sheet_hbond.range_1_auth_atom_id 
_pdbx_struct_sheet_hbond.range_1_auth_comp_id 
_pdbx_struct_sheet_hbond.range_1_auth_asym_id 
_pdbx_struct_sheet_hbond.range_1_auth_seq_id 
_pdbx_struct_sheet_hbond.range_2_label_atom_id 
_pdbx_struct_sheet_hbond.range_2_label_comp_id 
_pdbx_struct_sheet_hbond.range_2_label_asym_id 
_pdbx_struct_sheet_hbond.range_2_label_seq_id 
_pdbx_struct_sheet_hbond.range_2_PDB_ins_code 
_pdbx_struct_sheet_hbond.range_2_auth_atom_id 
_pdbx_struct_sheet_hbond.range_2_auth_comp_id 
_pdbx_struct_sheet_hbond.range_2_auth_asym_id 
_pdbx_struct_sheet_hbond.range_2_auth_seq_id 
A 1 2 O LEU A 14  ? O LEU A 14  N TRP A 70  ? N TRP A 70  
A 2 3 O GLN A 71  ? O GLN A 71  N MET A 79  ? N MET A 79  
A 3 4 O TYR A 78  ? O TYR A 78  N TRP A 86  ? N TRP A 86  
A 4 5 O GLN A 87  ? O GLN A 87  N LYS A 103 ? N LYS A 103 
A 5 6 O LEU A 100 ? O LEU A 100 N VAL A 45  ? N VAL A 45  
A 6 7 O ARG A 42  ? O ARG A 42  N GLU A 35  ? N GLU A 35  
A 7 8 O TRP A 30  ? O TRP A 30  N TYR A 22  ? N TYR A 22  
A 8 9 O ILE A 21  ? O ILE A 21  N GLN A 18  ? N GLN A 18  
# 
_pdbx_validate_torsion.id              1 
_pdbx_validate_torsion.PDB_model_num   1 
_pdbx_validate_torsion.auth_comp_id    GLU 
_pdbx_validate_torsion.auth_asym_id    A 
_pdbx_validate_torsion.auth_seq_id     75 
_pdbx_validate_torsion.PDB_ins_code    ? 
_pdbx_validate_torsion.label_alt_id    ? 
_pdbx_validate_torsion.phi             76.92 
_pdbx_validate_torsion.psi             37.60 
# 
loop_
_pdbx_unobs_or_zero_occ_residues.id 
_pdbx_unobs_or_zero_occ_residues.PDB_model_num 
_pdbx_unobs_or_zero_occ_residues.polymer_flag 
_pdbx_unobs_or_zero_occ_residues.occupancy_flag 
_pdbx_unobs_or_zero_occ_residues.auth_asym_id 
_pdbx_unobs_or_zero_occ_residues.auth_comp_id 
_pdbx_unobs_or_zero_occ_residues.auth_seq_id 
_pdbx_unobs_or_zero_occ_residues.PDB_ins_code 
_pdbx_unobs_or_zero_occ_residues.label_asym_id 
_pdbx_unobs_or_zero_occ_residues.label_comp_id 
_pdbx_unobs_or_zero_occ_residues.label_seq_id 
1 1 Y 1 A GLY 1 ? A GLY 1 
2 1 Y 1 A SER 2 ? A SER 2 
# 
loop_
_chem_comp_atom.comp_id 
_chem_comp_atom.atom_id 
_chem_comp_atom.type_symbol 
_chem_comp_atom.pdbx_aromatic_flag 
_chem_comp_atom.pdbx_stereo_config 
_chem_comp_atom.pdbx_ordinal 
ALA N    N N N 1   
ALA CA   C N S 2   
ALA C    C N N 3   
ALA O    O N N 4   
ALA CB   C N N 5   
ALA OXT  O N N 6   
ALA H    H N N 7   
ALA H2   H N N 8   
ALA HA   H N N 9   
ALA HB1  H N N 10  
ALA HB2  H N N 11  
ALA HB3  H N N 12  
ALA HXT  H N N 13  
ARG N    N N N 14  
ARG CA   C N S 15  
ARG C    C N N 16  
ARG O    O N N 17  
ARG CB   C N N 18  
ARG CG   C N N 19  
ARG CD   C N N 20  
ARG NE   N N N 21  
ARG CZ   C N N 22  
ARG NH1  N N N 23  
ARG NH2  N N N 24  
ARG OXT  O N N 25  
ARG H    H N N 26  
ARG H2   H N N 27  
ARG HA   H N N 28  
ARG HB2  H N N 29  
ARG HB3  H N N 30  
ARG HG2  H N N 31  
ARG HG3  H N N 32  
ARG HD2  H N N 33  
ARG HD3  H N N 34  
ARG HE   H N N 35  
ARG HH11 H N N 36  
ARG HH12 H N N 37  
ARG HH21 H N N 38  
ARG HH22 H N N 39  
ARG HXT  H N N 40  
ASN N    N N N 41  
ASN CA   C N S 42  
ASN C    C N N 43  
ASN O    O N N 44  
ASN CB   C N N 45  
ASN CG   C N N 46  
ASN OD1  O N N 47  
ASN ND2  N N N 48  
ASN OXT  O N N 49  
ASN H    H N N 50  
ASN H2   H N N 51  
ASN HA   H N N 52  
ASN HB2  H N N 53  
ASN HB3  H N N 54  
ASN HD21 H N N 55  
ASN HD22 H N N 56  
ASN HXT  H N N 57  
ASP N    N N N 58  
ASP CA   C N S 59  
ASP C    C N N 60  
ASP O    O N N 61  
ASP CB   C N N 62  
ASP CG   C N N 63  
ASP OD1  O N N 64  
ASP OD2  O N N 65  
ASP OXT  O N N 66  
ASP H    H N N 67  
ASP H2   H N N 68  
ASP HA   H N N 69  
ASP HB2  H N N 70  
ASP HB3  H N N 71  
ASP HD2  H N N 72  
ASP HXT  H N N 73  
GLN N    N N N 74  
GLN CA   C N S 75  
GLN C    C N N 76  
GLN O    O N N 77  
GLN CB   C N N 78  
GLN CG   C N N 79  
GLN CD   C N N 80  
GLN OE1  O N N 81  
GLN NE2  N N N 82  
GLN OXT  O N N 83  
GLN H    H N N 84  
GLN H2   H N N 85  
GLN HA   H N N 86  
GLN HB2  H N N 87  
GLN HB3  H N N 88  
GLN HG2  H N N 89  
GLN HG3  H N N 90  
GLN HE21 H N N 91  
GLN HE22 H N N 92  
GLN HXT  H N N 93  
GLU N    N N N 94  
GLU CA   C N S 95  
GLU C    C N N 96  
GLU O    O N N 97  
GLU CB   C N N 98  
GLU CG   C N N 99  
GLU CD   C N N 100 
GLU OE1  O N N 101 
GLU OE2  O N N 102 
GLU OXT  O N N 103 
GLU H    H N N 104 
GLU H2   H N N 105 
GLU HA   H N N 106 
GLU HB2  H N N 107 
GLU HB3  H N N 108 
GLU HG2  H N N 109 
GLU HG3  H N N 110 
GLU HE2  H N N 111 
GLU HXT  H N N 112 
GLY N    N N N 113 
GLY CA   C N N 114 
GLY C    C N N 115 
GLY O    O N N 116 
GLY OXT  O N N 117 
GLY H    H N N 118 
GLY H2   H N N 119 
GLY HA2  H N N 120 
GLY HA3  H N N 121 
GLY HXT  H N N 122 
HIS N    N N N 123 
HIS CA   C N S 124 
HIS C    C N N 125 
HIS O    O N N 126 
HIS CB   C N N 127 
HIS CG   C Y N 128 
HIS ND1  N Y N 129 
HIS CD2  C Y N 130 
HIS CE1  C Y N 131 
HIS NE2  N Y N 132 
HIS OXT  O N N 133 
HIS H    H N N 134 
HIS H2   H N N 135 
HIS HA   H N N 136 
HIS HB2  H N N 137 
HIS HB3  H N N 138 
HIS HD1  H N N 139 
HIS HD2  H N N 140 
HIS HE1  H N N 141 
HIS HE2  H N N 142 
HIS HXT  H N N 143 
HOH O    O N N 144 
HOH H1   H N N 145 
HOH H2   H N N 146 
ILE N    N N N 147 
ILE CA   C N S 148 
ILE C    C N N 149 
ILE O    O N N 150 
ILE CB   C N S 151 
ILE CG1  C N N 152 
ILE CG2  C N N 153 
ILE CD1  C N N 154 
ILE OXT  O N N 155 
ILE H    H N N 156 
ILE H2   H N N 157 
ILE HA   H N N 158 
ILE HB   H N N 159 
ILE HG12 H N N 160 
ILE HG13 H N N 161 
ILE HG21 H N N 162 
ILE HG22 H N N 163 
ILE HG23 H N N 164 
ILE HD11 H N N 165 
ILE HD12 H N N 166 
ILE HD13 H N N 167 
ILE HXT  H N N 168 
LEU N    N N N 169 
LEU CA   C N S 170 
LEU C    C N N 171 
LEU O    O N N 172 
LEU CB   C N N 173 
LEU CG   C N N 174 
LEU CD1  C N N 175 
LEU CD2  C N N 176 
LEU OXT  O N N 177 
LEU H    H N N 178 
LEU H2   H N N 179 
LEU HA   H N N 180 
LEU HB2  H N N 181 
LEU HB3  H N N 182 
LEU HG   H N N 183 
LEU HD11 H N N 184 
LEU HD12 H N N 185 
LEU HD13 H N N 186 
LEU HD21 H N N 187 
LEU HD22 H N N 188 
LEU HD23 H N N 189 
LEU HXT  H N N 190 
LYS N    N N N 191 
LYS CA   C N S 192 
LYS C    C N N 193 
LYS O    O N N 194 
LYS CB   C N N 195 
LYS CG   C N N 196 
LYS CD   C N N 197 
LYS CE   C N N 198 
LYS NZ   N N N 199 
LYS OXT  O N N 200 
LYS H    H N N 201 
LYS H2   H N N 202 
LYS HA   H N N 203 
LYS HB2  H N N 204 
LYS HB3  H N N 205 
LYS HG2  H N N 206 
LYS HG3  H N N 207 
LYS HD2  H N N 208 
LYS HD3  H N N 209 
LYS HE2  H N N 210 
LYS HE3  H N N 211 
LYS HZ1  H N N 212 
LYS HZ2  H N N 213 
LYS HZ3  H N N 214 
LYS HXT  H N N 215 
MET N    N N N 216 
MET CA   C N S 217 
MET C    C N N 218 
MET O    O N N 219 
MET CB   C N N 220 
MET CG   C N N 221 
MET SD   S N N 222 
MET CE   C N N 223 
MET OXT  O N N 224 
MET H    H N N 225 
MET H2   H N N 226 
MET HA   H N N 227 
MET HB2  H N N 228 
MET HB3  H N N 229 
MET HG2  H N N 230 
MET HG3  H N N 231 
MET HE1  H N N 232 
MET HE2  H N N 233 
MET HE3  H N N 234 
MET HXT  H N N 235 
PHE N    N N N 236 
PHE CA   C N S 237 
PHE C    C N N 238 
PHE O    O N N 239 
PHE CB   C N N 240 
PHE CG   C Y N 241 
PHE CD1  C Y N 242 
PHE CD2  C Y N 243 
PHE CE1  C Y N 244 
PHE CE2  C Y N 245 
PHE CZ   C Y N 246 
PHE OXT  O N N 247 
PHE H    H N N 248 
PHE H2   H N N 249 
PHE HA   H N N 250 
PHE HB2  H N N 251 
PHE HB3  H N N 252 
PHE HD1  H N N 253 
PHE HD2  H N N 254 
PHE HE1  H N N 255 
PHE HE2  H N N 256 
PHE HZ   H N N 257 
PHE HXT  H N N 258 
PRO N    N N N 259 
PRO CA   C N S 260 
PRO C    C N N 261 
PRO O    O N N 262 
PRO CB   C N N 263 
PRO CG   C N N 264 
PRO CD   C N N 265 
PRO OXT  O N N 266 
PRO H    H N N 267 
PRO HA   H N N 268 
PRO HB2  H N N 269 
PRO HB3  H N N 270 
PRO HG2  H N N 271 
PRO HG3  H N N 272 
PRO HD2  H N N 273 
PRO HD3  H N N 274 
PRO HXT  H N N 275 
SER N    N N N 276 
SER CA   C N S 277 
SER C    C N N 278 
SER O    O N N 279 
SER CB   C N N 280 
SER OG   O N N 281 
SER OXT  O N N 282 
SER H    H N N 283 
SER H2   H N N 284 
SER HA   H N N 285 
SER HB2  H N N 286 
SER HB3  H N N 287 
SER HG   H N N 288 
SER HXT  H N N 289 
THR N    N N N 290 
THR CA   C N S 291 
THR C    C N N 292 
THR O    O N N 293 
THR CB   C N R 294 
THR OG1  O N N 295 
THR CG2  C N N 296 
THR OXT  O N N 297 
THR H    H N N 298 
THR H2   H N N 299 
THR HA   H N N 300 
THR HB   H N N 301 
THR HG1  H N N 302 
THR HG21 H N N 303 
THR HG22 H N N 304 
THR HG23 H N N 305 
THR HXT  H N N 306 
TRP N    N N N 307 
TRP CA   C N S 308 
TRP C    C N N 309 
TRP O    O N N 310 
TRP CB   C N N 311 
TRP CG   C Y N 312 
TRP CD1  C Y N 313 
TRP CD2  C Y N 314 
TRP NE1  N Y N 315 
TRP CE2  C Y N 316 
TRP CE3  C Y N 317 
TRP CZ2  C Y N 318 
TRP CZ3  C Y N 319 
TRP CH2  C Y N 320 
TRP OXT  O N N 321 
TRP H    H N N 322 
TRP H2   H N N 323 
TRP HA   H N N 324 
TRP HB2  H N N 325 
TRP HB3  H N N 326 
TRP HD1  H N N 327 
TRP HE1  H N N 328 
TRP HE3  H N N 329 
TRP HZ2  H N N 330 
TRP HZ3  H N N 331 
TRP HH2  H N N 332 
TRP HXT  H N N 333 
TYR N    N N N 334 
TYR CA   C N S 335 
TYR C    C N N 336 
TYR O    O N N 337 
TYR CB   C N N 338 
TYR CG   C Y N 339 
TYR CD1  C Y N 340 
TYR CD2  C Y N 341 
TYR CE1  C Y N 342 
TYR CE2  C Y N 343 
TYR CZ   C Y N 344 
TYR OH   O N N 345 
TYR OXT  O N N 346 
TYR H    H N N 347 
TYR H2   H N N 348 
TYR HA   H N N 349 
TYR HB2  H N N 350 
TYR HB3  H N N 351 
TYR HD1  H N N 352 
TYR HD2  H N N 353 
TYR HE1  H N N 354 
TYR HE2  H N N 355 
TYR HH   H N N 356 
TYR HXT  H N N 357 
VAL N    N N N 358 
VAL CA   C N S 359 
VAL C    C N N 360 
VAL O    O N N 361 
VAL CB   C N N 362 
VAL CG1  C N N 363 
VAL CG2  C N N 364 
VAL OXT  O N N 365 
VAL H    H N N 366 
VAL H2   H N N 367 
VAL HA   H N N 368 
VAL HB   H N N 369 
VAL HG11 H N N 370 
VAL HG12 H N N 371 
VAL HG13 H N N 372 
VAL HG21 H N N 373 
VAL HG22 H N N 374 
VAL HG23 H N N 375 
VAL HXT  H N N 376 
# 
loop_
_chem_comp_bond.comp_id 
_chem_comp_bond.atom_id_1 
_chem_comp_bond.atom_id_2 
_chem_comp_bond.value_order 
_chem_comp_bond.pdbx_aromatic_flag 
_chem_comp_bond.pdbx_stereo_config 
_chem_comp_bond.pdbx_ordinal 
ALA N   CA   sing N N 1   
ALA N   H    sing N N 2   
ALA N   H2   sing N N 3   
ALA CA  C    sing N N 4   
ALA CA  CB   sing N N 5   
ALA CA  HA   sing N N 6   
ALA C   O    doub N N 7   
ALA C   OXT  sing N N 8   
ALA CB  HB1  sing N N 9   
ALA CB  HB2  sing N N 10  
ALA CB  HB3  sing N N 11  
ALA OXT HXT  sing N N 12  
ARG N   CA   sing N N 13  
ARG N   H    sing N N 14  
ARG N   H2   sing N N 15  
ARG CA  C    sing N N 16  
ARG CA  CB   sing N N 17  
ARG CA  HA   sing N N 18  
ARG C   O    doub N N 19  
ARG C   OXT  sing N N 20  
ARG CB  CG   sing N N 21  
ARG CB  HB2  sing N N 22  
ARG CB  HB3  sing N N 23  
ARG CG  CD   sing N N 24  
ARG CG  HG2  sing N N 25  
ARG CG  HG3  sing N N 26  
ARG CD  NE   sing N N 27  
ARG CD  HD2  sing N N 28  
ARG CD  HD3  sing N N 29  
ARG NE  CZ   sing N N 30  
ARG NE  HE   sing N N 31  
ARG CZ  NH1  sing N N 32  
ARG CZ  NH2  doub N N 33  
ARG NH1 HH11 sing N N 34  
ARG NH1 HH12 sing N N 35  
ARG NH2 HH21 sing N N 36  
ARG NH2 HH22 sing N N 37  
ARG OXT HXT  sing N N 38  
ASN N   CA   sing N N 39  
ASN N   H    sing N N 40  
ASN N   H2   sing N N 41  
ASN CA  C    sing N N 42  
ASN CA  CB   sing N N 43  
ASN CA  HA   sing N N 44  
ASN C   O    doub N N 45  
ASN C   OXT  sing N N 46  
ASN CB  CG   sing N N 47  
ASN CB  HB2  sing N N 48  
ASN CB  HB3  sing N N 49  
ASN CG  OD1  doub N N 50  
ASN CG  ND2  sing N N 51  
ASN ND2 HD21 sing N N 52  
ASN ND2 HD22 sing N N 53  
ASN OXT HXT  sing N N 54  
ASP N   CA   sing N N 55  
ASP N   H    sing N N 56  
ASP N   H2   sing N N 57  
ASP CA  C    sing N N 58  
ASP CA  CB   sing N N 59  
ASP CA  HA   sing N N 60  
ASP C   O    doub N N 61  
ASP C   OXT  sing N N 62  
ASP CB  CG   sing N N 63  
ASP CB  HB2  sing N N 64  
ASP CB  HB3  sing N N 65  
ASP CG  OD1  doub N N 66  
ASP CG  OD2  sing N N 67  
ASP OD2 HD2  sing N N 68  
ASP OXT HXT  sing N N 69  
GLN N   CA   sing N N 70  
GLN N   H    sing N N 71  
GLN N   H2   sing N N 72  
GLN CA  C    sing N N 73  
GLN CA  CB   sing N N 74  
GLN CA  HA   sing N N 75  
GLN C   O    doub N N 76  
GLN C   OXT  sing N N 77  
GLN CB  CG   sing N N 78  
GLN CB  HB2  sing N N 79  
GLN CB  HB3  sing N N 80  
GLN CG  CD   sing N N 81  
GLN CG  HG2  sing N N 82  
GLN CG  HG3  sing N N 83  
GLN CD  OE1  doub N N 84  
GLN CD  NE2  sing N N 85  
GLN NE2 HE21 sing N N 86  
GLN NE2 HE22 sing N N 87  
GLN OXT HXT  sing N N 88  
GLU N   CA   sing N N 89  
GLU N   H    sing N N 90  
GLU N   H2   sing N N 91  
GLU CA  C    sing N N 92  
GLU CA  CB   sing N N 93  
GLU CA  HA   sing N N 94  
GLU C   O    doub N N 95  
GLU C   OXT  sing N N 96  
GLU CB  CG   sing N N 97  
GLU CB  HB2  sing N N 98  
GLU CB  HB3  sing N N 99  
GLU CG  CD   sing N N 100 
GLU CG  HG2  sing N N 101 
GLU CG  HG3  sing N N 102 
GLU CD  OE1  doub N N 103 
GLU CD  OE2  sing N N 104 
GLU OE2 HE2  sing N N 105 
GLU OXT HXT  sing N N 106 
GLY N   CA   sing N N 107 
GLY N   H    sing N N 108 
GLY N   H2   sing N N 109 
GLY CA  C    sing N N 110 
GLY CA  HA2  sing N N 111 
GLY CA  HA3  sing N N 112 
GLY C   O    doub N N 113 
GLY C   OXT  sing N N 114 
GLY OXT HXT  sing N N 115 
HIS N   CA   sing N N 116 
HIS N   H    sing N N 117 
HIS N   H2   sing N N 118 
HIS CA  C    sing N N 119 
HIS CA  CB   sing N N 120 
HIS CA  HA   sing N N 121 
HIS C   O    doub N N 122 
HIS C   OXT  sing N N 123 
HIS CB  CG   sing N N 124 
HIS CB  HB2  sing N N 125 
HIS CB  HB3  sing N N 126 
HIS CG  ND1  sing Y N 127 
HIS CG  CD2  doub Y N 128 
HIS ND1 CE1  doub Y N 129 
HIS ND1 HD1  sing N N 130 
HIS CD2 NE2  sing Y N 131 
HIS CD2 HD2  sing N N 132 
HIS CE1 NE2  sing Y N 133 
HIS CE1 HE1  sing N N 134 
HIS NE2 HE2  sing N N 135 
HIS OXT HXT  sing N N 136 
HOH O   H1   sing N N 137 
HOH O   H2   sing N N 138 
ILE N   CA   sing N N 139 
ILE N   H    sing N N 140 
ILE N   H2   sing N N 141 
ILE CA  C    sing N N 142 
ILE CA  CB   sing N N 143 
ILE CA  HA   sing N N 144 
ILE C   O    doub N N 145 
ILE C   OXT  sing N N 146 
ILE CB  CG1  sing N N 147 
ILE CB  CG2  sing N N 148 
ILE CB  HB   sing N N 149 
ILE CG1 CD1  sing N N 150 
ILE CG1 HG12 sing N N 151 
ILE CG1 HG13 sing N N 152 
ILE CG2 HG21 sing N N 153 
ILE CG2 HG22 sing N N 154 
ILE CG2 HG23 sing N N 155 
ILE CD1 HD11 sing N N 156 
ILE CD1 HD12 sing N N 157 
ILE CD1 HD13 sing N N 158 
ILE OXT HXT  sing N N 159 
LEU N   CA   sing N N 160 
LEU N   H    sing N N 161 
LEU N   H2   sing N N 162 
LEU CA  C    sing N N 163 
LEU CA  CB   sing N N 164 
LEU CA  HA   sing N N 165 
LEU C   O    doub N N 166 
LEU C   OXT  sing N N 167 
LEU CB  CG   sing N N 168 
LEU CB  HB2  sing N N 169 
LEU CB  HB3  sing N N 170 
LEU CG  CD1  sing N N 171 
LEU CG  CD2  sing N N 172 
LEU CG  HG   sing N N 173 
LEU CD1 HD11 sing N N 174 
LEU CD1 HD12 sing N N 175 
LEU CD1 HD13 sing N N 176 
LEU CD2 HD21 sing N N 177 
LEU CD2 HD22 sing N N 178 
LEU CD2 HD23 sing N N 179 
LEU OXT HXT  sing N N 180 
LYS N   CA   sing N N 181 
LYS N   H    sing N N 182 
LYS N   H2   sing N N 183 
LYS CA  C    sing N N 184 
LYS CA  CB   sing N N 185 
LYS CA  HA   sing N N 186 
LYS C   O    doub N N 187 
LYS C   OXT  sing N N 188 
LYS CB  CG   sing N N 189 
LYS CB  HB2  sing N N 190 
LYS CB  HB3  sing N N 191 
LYS CG  CD   sing N N 192 
LYS CG  HG2  sing N N 193 
LYS CG  HG3  sing N N 194 
LYS CD  CE   sing N N 195 
LYS CD  HD2  sing N N 196 
LYS CD  HD3  sing N N 197 
LYS CE  NZ   sing N N 198 
LYS CE  HE2  sing N N 199 
LYS CE  HE3  sing N N 200 
LYS NZ  HZ1  sing N N 201 
LYS NZ  HZ2  sing N N 202 
LYS NZ  HZ3  sing N N 203 
LYS OXT HXT  sing N N 204 
MET N   CA   sing N N 205 
MET N   H    sing N N 206 
MET N   H2   sing N N 207 
MET CA  C    sing N N 208 
MET CA  CB   sing N N 209 
MET CA  HA   sing N N 210 
MET C   O    doub N N 211 
MET C   OXT  sing N N 212 
MET CB  CG   sing N N 213 
MET CB  HB2  sing N N 214 
MET CB  HB3  sing N N 215 
MET CG  SD   sing N N 216 
MET CG  HG2  sing N N 217 
MET CG  HG3  sing N N 218 
MET SD  CE   sing N N 219 
MET CE  HE1  sing N N 220 
MET CE  HE2  sing N N 221 
MET CE  HE3  sing N N 222 
MET OXT HXT  sing N N 223 
PHE N   CA   sing N N 224 
PHE N   H    sing N N 225 
PHE N   H2   sing N N 226 
PHE CA  C    sing N N 227 
PHE CA  CB   sing N N 228 
PHE CA  HA   sing N N 229 
PHE C   O    doub N N 230 
PHE C   OXT  sing N N 231 
PHE CB  CG   sing N N 232 
PHE CB  HB2  sing N N 233 
PHE CB  HB3  sing N N 234 
PHE CG  CD1  doub Y N 235 
PHE CG  CD2  sing Y N 236 
PHE CD1 CE1  sing Y N 237 
PHE CD1 HD1  sing N N 238 
PHE CD2 CE2  doub Y N 239 
PHE CD2 HD2  sing N N 240 
PHE CE1 CZ   doub Y N 241 
PHE CE1 HE1  sing N N 242 
PHE CE2 CZ   sing Y N 243 
PHE CE2 HE2  sing N N 244 
PHE CZ  HZ   sing N N 245 
PHE OXT HXT  sing N N 246 
PRO N   CA   sing N N 247 
PRO N   CD   sing N N 248 
PRO N   H    sing N N 249 
PRO CA  C    sing N N 250 
PRO CA  CB   sing N N 251 
PRO CA  HA   sing N N 252 
PRO C   O    doub N N 253 
PRO C   OXT  sing N N 254 
PRO CB  CG   sing N N 255 
PRO CB  HB2  sing N N 256 
PRO CB  HB3  sing N N 257 
PRO CG  CD   sing N N 258 
PRO CG  HG2  sing N N 259 
PRO CG  HG3  sing N N 260 
PRO CD  HD2  sing N N 261 
PRO CD  HD3  sing N N 262 
PRO OXT HXT  sing N N 263 
SER N   CA   sing N N 264 
SER N   H    sing N N 265 
SER N   H2   sing N N 266 
SER CA  C    sing N N 267 
SER CA  CB   sing N N 268 
SER CA  HA   sing N N 269 
SER C   O    doub N N 270 
SER C   OXT  sing N N 271 
SER CB  OG   sing N N 272 
SER CB  HB2  sing N N 273 
SER CB  HB3  sing N N 274 
SER OG  HG   sing N N 275 
SER OXT HXT  sing N N 276 
THR N   CA   sing N N 277 
THR N   H    sing N N 278 
THR N   H2   sing N N 279 
THR CA  C    sing N N 280 
THR CA  CB   sing N N 281 
THR CA  HA   sing N N 282 
THR C   O    doub N N 283 
THR C   OXT  sing N N 284 
THR CB  OG1  sing N N 285 
THR CB  CG2  sing N N 286 
THR CB  HB   sing N N 287 
THR OG1 HG1  sing N N 288 
THR CG2 HG21 sing N N 289 
THR CG2 HG22 sing N N 290 
THR CG2 HG23 sing N N 291 
THR OXT HXT  sing N N 292 
TRP N   CA   sing N N 293 
TRP N   H    sing N N 294 
TRP N   H2   sing N N 295 
TRP CA  C    sing N N 296 
TRP CA  CB   sing N N 297 
TRP CA  HA   sing N N 298 
TRP C   O    doub N N 299 
TRP C   OXT  sing N N 300 
TRP CB  CG   sing N N 301 
TRP CB  HB2  sing N N 302 
TRP CB  HB3  sing N N 303 
TRP CG  CD1  doub Y N 304 
TRP CG  CD2  sing Y N 305 
TRP CD1 NE1  sing Y N 306 
TRP CD1 HD1  sing N N 307 
TRP CD2 CE2  doub Y N 308 
TRP CD2 CE3  sing Y N 309 
TRP NE1 CE2  sing Y N 310 
TRP NE1 HE1  sing N N 311 
TRP CE2 CZ2  sing Y N 312 
TRP CE3 CZ3  doub Y N 313 
TRP CE3 HE3  sing N N 314 
TRP CZ2 CH2  doub Y N 315 
TRP CZ2 HZ2  sing N N 316 
TRP CZ3 CH2  sing Y N 317 
TRP CZ3 HZ3  sing N N 318 
TRP CH2 HH2  sing N N 319 
TRP OXT HXT  sing N N 320 
TYR N   CA   sing N N 321 
TYR N   H    sing N N 322 
TYR N   H2   sing N N 323 
TYR CA  C    sing N N 324 
TYR CA  CB   sing N N 325 
TYR CA  HA   sing N N 326 
TYR C   O    doub N N 327 
TYR C   OXT  sing N N 328 
TYR CB  CG   sing N N 329 
TYR CB  HB2  sing N N 330 
TYR CB  HB3  sing N N 331 
TYR CG  CD1  doub Y N 332 
TYR CG  CD2  sing Y N 333 
TYR CD1 CE1  sing Y N 334 
TYR CD1 HD1  sing N N 335 
TYR CD2 CE2  doub Y N 336 
TYR CD2 HD2  sing N N 337 
TYR CE1 CZ   doub Y N 338 
TYR CE1 HE1  sing N N 339 
TYR CE2 CZ   sing Y N 340 
TYR CE2 HE2  sing N N 341 
TYR CZ  OH   sing N N 342 
TYR OH  HH   sing N N 343 
TYR OXT HXT  sing N N 344 
VAL N   CA   sing N N 345 
VAL N   H    sing N N 346 
VAL N   H2   sing N N 347 
VAL CA  C    sing N N 348 
VAL CA  CB   sing N N 349 
VAL CA  HA   sing N N 350 
VAL C   O    doub N N 351 
VAL C   OXT  sing N N 352 
VAL CB  CG1  sing N N 353 
VAL CB  CG2  sing N N 354 
VAL CB  HB   sing N N 355 
VAL CG1 HG11 sing N N 356 
VAL CG1 HG12 sing N N 357 
VAL CG1 HG13 sing N N 358 
VAL CG2 HG21 sing N N 359 
VAL CG2 HG22 sing N N 360 
VAL CG2 HG23 sing N N 361 
VAL OXT HXT  sing N N 362 
# 
_atom_sites.entry_id                    1A1X 
_atom_sites.fract_transf_matrix[1][1]   0.00585690 
_atom_sites.fract_transf_matrix[1][2]   0.01148562 
_atom_sites.fract_transf_matrix[1][3]   0.01316489 
_atom_sites.fract_transf_matrix[2][1]   0.00104526 
_atom_sites.fract_transf_matrix[2][2]   0.01808947 
_atom_sites.fract_transf_matrix[2][3]   -0.00335155 
_atom_sites.fract_transf_matrix[3][1]   -0.01094396 
_atom_sites.fract_transf_matrix[3][2]   0.00132093 
_atom_sites.fract_transf_matrix[3][3]   0.00371640 
_atom_sites.fract_transf_vector[1]      0.631330 
_atom_sites.fract_transf_vector[2]      0.764283 
_atom_sites.fract_transf_vector[3]      0.528373 
# 
loop_
_atom_type.symbol 
C 
N 
O 
S 
# 
loop_
_atom_site.group_PDB 
_atom_site.id 
_atom_site.type_symbol 
_atom_site.label_atom_id 
_atom_site.label_alt_id 
_atom_site.label_comp_id 
_atom_site.label_asym_id 
_atom_site.label_entity_id 
_atom_site.label_seq_id 
_atom_site.pdbx_PDB_ins_code 
_atom_site.Cartn_x 
_atom_site.Cartn_y 
_atom_site.Cartn_z 
_atom_site.occupancy 
_atom_site.B_iso_or_equiv 
_atom_site.pdbx_formal_charge 
_atom_site.auth_seq_id 
_atom_site.auth_comp_id 
_atom_site.auth_asym_id 
_atom_site.auth_atom_id 
_atom_site.pdbx_PDB_model_num 
ATOM   1   N N   . ALA A 1 3   ? 5.136   -15.922 -5.879  1.00 32.66 ? 3   ALA A N   1 
ATOM   2   C CA  . ALA A 1 3   ? 5.796   -17.258 -5.757  1.00 36.84 ? 3   ALA A CA  1 
ATOM   3   C C   . ALA A 1 3   ? 4.756   -18.332 -6.055  1.00 35.55 ? 3   ALA A C   1 
ATOM   4   O O   . ALA A 1 3   ? 3.985   -18.725 -5.178  1.00 34.17 ? 3   ALA A O   1 
ATOM   5   C CB  . ALA A 1 3   ? 6.372   -17.449 -4.345  1.00 38.15 ? 3   ALA A CB  1 
ATOM   6   N N   . GLY A 1 4   ? 4.749   -18.806 -7.297  1.00 34.63 ? 4   GLY A N   1 
ATOM   7   C CA  . GLY A 1 4   ? 3.781   -19.803 -7.709  1.00 32.01 ? 4   GLY A CA  1 
ATOM   8   C C   . GLY A 1 4   ? 2.578   -19.092 -8.286  1.00 33.93 ? 4   GLY A C   1 
ATOM   9   O O   . GLY A 1 4   ? 1.557   -19.715 -8.541  1.00 34.34 ? 4   GLY A O   1 
ATOM   10  N N   . GLU A 1 5   ? 2.714   -17.779 -8.486  1.00 34.69 ? 5   GLU A N   1 
ATOM   11  C CA  . GLU A 1 5   ? 1.653   -16.929 -9.034  1.00 33.67 ? 5   GLU A CA  1 
ATOM   12  C C   . GLU A 1 5   ? 2.003   -16.404 -10.416 1.00 36.27 ? 5   GLU A C   1 
ATOM   13  O O   . GLU A 1 5   ? 3.158   -16.448 -10.840 1.00 36.32 ? 5   GLU A O   1 
ATOM   14  C CB  . GLU A 1 5   ? 1.418   -15.703 -8.140  1.00 30.77 ? 5   GLU A CB  1 
ATOM   15  C CG  . GLU A 1 5   ? 0.805   -15.965 -6.776  1.00 26.98 ? 5   GLU A CG  1 
ATOM   16  C CD  . GLU A 1 5   ? -0.660  -16.346 -6.835  1.00 21.88 ? 5   GLU A CD  1 
ATOM   17  O OE1 . GLU A 1 5   ? -1.462  -15.574 -7.391  1.00 17.97 ? 5   GLU A OE1 1 
ATOM   18  O OE2 . GLU A 1 5   ? -1.015  -17.411 -6.296  1.00 23.83 ? 5   GLU A OE2 1 
ATOM   19  N N   . ASP A 1 6   ? 0.983   -15.869 -11.082 1.00 39.47 ? 6   ASP A N   1 
ATOM   20  C CA  . ASP A 1 6   ? 1.093   -15.257 -12.407 1.00 43.46 ? 6   ASP A CA  1 
ATOM   21  C C   . ASP A 1 6   ? 0.470   -13.859 -12.272 1.00 43.77 ? 6   ASP A C   1 
ATOM   22  O O   . ASP A 1 6   ? -0.205  -13.374 -13.179 1.00 47.03 ? 6   ASP A O   1 
ATOM   23  C CB  . ASP A 1 6   ? 0.311   -16.073 -13.457 1.00 47.84 ? 6   ASP A CB  1 
ATOM   24  C CG  . ASP A 1 6   ? 1.035   -17.347 -13.886 1.00 51.43 ? 6   ASP A CG  1 
ATOM   25  O OD1 . ASP A 1 6   ? 1.983   -17.249 -14.700 1.00 51.13 ? 6   ASP A OD1 1 
ATOM   26  O OD2 . ASP A 1 6   ? 0.637   -18.448 -13.434 1.00 54.02 ? 6   ASP A OD2 1 
ATOM   27  N N   . VAL A 1 7   ? 0.692   -13.229 -11.118 1.00 43.28 ? 7   VAL A N   1 
ATOM   28  C CA  . VAL A 1 7   ? 0.150   -11.900 -10.809 1.00 38.90 ? 7   VAL A CA  1 
ATOM   29  C C   . VAL A 1 7   ? 0.963   -10.765 -11.432 1.00 39.82 ? 7   VAL A C   1 
ATOM   30  O O   . VAL A 1 7   ? 0.454   -9.660  -11.626 1.00 42.59 ? 7   VAL A O   1 
ATOM   31  C CB  . VAL A 1 7   ? 0.035   -11.684 -9.269  1.00 34.86 ? 7   VAL A CB  1 
ATOM   32  C CG1 . VAL A 1 7   ? 1.411   -11.603 -8.639  1.00 29.95 ? 7   VAL A CG1 1 
ATOM   33  C CG2 . VAL A 1 7   ? -0.782  -10.448 -8.951  1.00 30.38 ? 7   VAL A CG2 1 
ATOM   34  N N   . GLY A 1 8   ? 2.227   -11.042 -11.738 1.00 36.52 ? 8   GLY A N   1 
ATOM   35  C CA  . GLY A 1 8   ? 3.074   -10.033 -12.347 1.00 33.02 ? 8   GLY A CA  1 
ATOM   36  C C   . GLY A 1 8   ? 3.747   -9.111  -11.353 1.00 33.14 ? 8   GLY A C   1 
ATOM   37  O O   . GLY A 1 8   ? 3.804   -9.406  -10.154 1.00 35.75 ? 8   GLY A O   1 
ATOM   38  N N   . ALA A 1 9   ? 4.224   -7.973  -11.856 1.00 28.39 ? 9   ALA A N   1 
ATOM   39  C CA  . ALA A 1 9   ? 4.929   -6.994  -11.032 1.00 23.88 ? 9   ALA A CA  1 
ATOM   40  C C   . ALA A 1 9   ? 4.036   -6.083  -10.194 1.00 19.87 ? 9   ALA A C   1 
ATOM   41  O O   . ALA A 1 9   ? 2.924   -5.724  -10.601 1.00 18.30 ? 9   ALA A O   1 
ATOM   42  C CB  . ALA A 1 9   ? 5.859   -6.153  -11.899 1.00 23.25 ? 9   ALA A CB  1 
ATOM   43  N N   . PRO A 1 10  ? 4.501   -5.735  -8.983  1.00 18.90 ? 10  PRO A N   1 
ATOM   44  C CA  . PRO A 1 10  ? 3.749   -4.856  -8.084  1.00 18.82 ? 10  PRO A CA  1 
ATOM   45  C C   . PRO A 1 10  ? 3.868   -3.423  -8.587  1.00 16.65 ? 10  PRO A C   1 
ATOM   46  O O   . PRO A 1 10  ? 4.734   -3.127  -9.412  1.00 16.16 ? 10  PRO A O   1 
ATOM   47  C CB  . PRO A 1 10  ? 4.471   -5.048  -6.745  1.00 16.22 ? 10  PRO A CB  1 
ATOM   48  C CG  . PRO A 1 10  ? 5.862   -5.332  -7.149  1.00 17.71 ? 10  PRO A CG  1 
ATOM   49  C CD  . PRO A 1 10  ? 5.678   -6.294  -8.294  1.00 18.47 ? 10  PRO A CD  1 
ATOM   50  N N   . PRO A 1 11  ? 2.969   -2.528  -8.145  1.00 17.77 ? 11  PRO A N   1 
ATOM   51  C CA  . PRO A 1 11  ? 3.066   -1.142  -8.610  1.00 17.80 ? 11  PRO A CA  1 
ATOM   52  C C   . PRO A 1 11  ? 4.360   -0.446  -8.179  1.00 16.54 ? 11  PRO A C   1 
ATOM   53  O O   . PRO A 1 11  ? 4.860   -0.656  -7.077  1.00 16.67 ? 11  PRO A O   1 
ATOM   54  C CB  . PRO A 1 11  ? 1.826   -0.482  -7.992  1.00 15.87 ? 11  PRO A CB  1 
ATOM   55  C CG  . PRO A 1 11  ? 1.565   -1.286  -6.782  1.00 13.61 ? 11  PRO A CG  1 
ATOM   56  C CD  . PRO A 1 11  ? 1.798   -2.702  -7.267  1.00 15.18 ? 11  PRO A CD  1 
ATOM   57  N N   . ASP A 1 12  ? 4.924   0.333   -9.096  1.00 18.08 ? 12  ASP A N   1 
ATOM   58  C CA  . ASP A 1 12  ? 6.140   1.096   -8.854  1.00 17.00 ? 12  ASP A CA  1 
ATOM   59  C C   . ASP A 1 12  ? 5.907   2.103   -7.721  1.00 15.91 ? 12  ASP A C   1 
ATOM   60  O O   . ASP A 1 12  ? 6.814   2.416   -6.944  1.00 15.96 ? 12  ASP A O   1 
ATOM   61  C CB  . ASP A 1 12  ? 6.547   1.807   -10.144 1.00 23.98 ? 12  ASP A CB  1 
ATOM   62  C CG  . ASP A 1 12  ? 7.617   2.832   -9.923  1.00 34.63 ? 12  ASP A CG  1 
ATOM   63  O OD1 . ASP A 1 12  ? 8.744   2.447   -9.531  1.00 42.77 ? 12  ASP A OD1 1 
ATOM   64  O OD2 . ASP A 1 12  ? 7.318   4.029   -10.126 1.00 42.27 ? 12  ASP A OD2 1 
ATOM   65  N N   . HIS A 1 13  ? 4.692   2.629   -7.653  1.00 16.48 ? 13  HIS A N   1 
ATOM   66  C CA  . HIS A 1 13  ? 4.333   3.564   -6.597  1.00 17.19 ? 13  HIS A CA  1 
ATOM   67  C C   . HIS A 1 13  ? 2.836   3.671   -6.332  1.00 16.91 ? 13  HIS A C   1 
ATOM   68  O O   . HIS A 1 13  ? 1.995   3.318   -7.177  1.00 15.83 ? 13  HIS A O   1 
ATOM   69  C CB  . HIS A 1 13  ? 4.953   4.947   -6.834  1.00 25.37 ? 13  HIS A CB  1 
ATOM   70  C CG  . HIS A 1 13  ? 4.498   5.623   -8.087  1.00 29.62 ? 13  HIS A CG  1 
ATOM   71  N ND1 . HIS A 1 13  ? 5.328   5.809   -9.172  1.00 33.44 ? 13  HIS A ND1 1 
ATOM   72  C CD2 . HIS A 1 13  ? 3.323   6.220   -8.402  1.00 32.29 ? 13  HIS A CD2 1 
ATOM   73  C CE1 . HIS A 1 13  ? 4.686   6.498   -10.099 1.00 34.91 ? 13  HIS A CE1 1 
ATOM   74  N NE2 . HIS A 1 13  ? 3.468   6.761   -9.658  1.00 32.19 ? 13  HIS A NE2 1 
ATOM   75  N N   . LEU A 1 14  ? 2.518   4.105   -5.116  1.00 13.14 ? 14  LEU A N   1 
ATOM   76  C CA  . LEU A 1 14  ? 1.143   4.285   -4.681  1.00 13.46 ? 14  LEU A CA  1 
ATOM   77  C C   . LEU A 1 14  ? 1.046   5.634   -3.982  1.00 16.02 ? 14  LEU A C   1 
ATOM   78  O O   . LEU A 1 14  ? 1.756   5.890   -3.006  1.00 16.65 ? 14  LEU A O   1 
ATOM   79  C CB  . LEU A 1 14  ? 0.746   3.161   -3.728  1.00 15.55 ? 14  LEU A CB  1 
ATOM   80  C CG  . LEU A 1 14  ? 0.650   1.786   -4.395  1.00 18.25 ? 14  LEU A CG  1 
ATOM   81  C CD1 . LEU A 1 14  ? 0.771   0.664   -3.378  1.00 20.49 ? 14  LEU A CD1 1 
ATOM   82  C CD2 . LEU A 1 14  ? -0.651  1.705   -5.150  1.00 15.43 ? 14  LEU A CD2 1 
ATOM   83  N N   . TRP A 1 15  ? 0.219   6.518   -4.533  1.00 17.72 ? 15  TRP A N   1 
ATOM   84  C CA  . TRP A 1 15  ? 0.031   7.846   -3.970  1.00 14.75 ? 15  TRP A CA  1 
ATOM   85  C C   . TRP A 1 15  ? -1.366  7.909   -3.375  1.00 12.21 ? 15  TRP A C   1 
ATOM   86  O O   . TRP A 1 15  ? -2.339  7.588   -4.046  1.00 13.12 ? 15  TRP A O   1 
ATOM   87  C CB  . TRP A 1 15  ? 0.154   8.932   -5.049  1.00 21.09 ? 15  TRP A CB  1 
ATOM   88  C CG  . TRP A 1 15  ? 1.526   9.161   -5.638  1.00 31.43 ? 15  TRP A CG  1 
ATOM   89  C CD1 . TRP A 1 15  ? 1.949   8.798   -6.883  1.00 38.00 ? 15  TRP A CD1 1 
ATOM   90  C CD2 . TRP A 1 15  ? 2.607   9.897   -5.051  1.00 38.37 ? 15  TRP A CD2 1 
ATOM   91  N NE1 . TRP A 1 15  ? 3.218   9.273   -7.114  1.00 40.79 ? 15  TRP A NE1 1 
ATOM   92  C CE2 . TRP A 1 15  ? 3.645   9.950   -6.005  1.00 40.40 ? 15  TRP A CE2 1 
ATOM   93  C CE3 . TRP A 1 15  ? 2.797   10.523  -3.810  1.00 45.21 ? 15  TRP A CE3 1 
ATOM   94  C CZ2 . TRP A 1 15  ? 4.858   10.608  -5.760  1.00 48.64 ? 15  TRP A CZ2 1 
ATOM   95  C CZ3 . TRP A 1 15  ? 4.011   11.182  -3.565  1.00 48.47 ? 15  TRP A CZ3 1 
ATOM   96  C CH2 . TRP A 1 15  ? 5.020   11.217  -4.536  1.00 50.70 ? 15  TRP A CH2 1 
ATOM   97  N N   . VAL A 1 16  ? -1.458  8.350   -2.125  1.00 9.84  ? 16  VAL A N   1 
ATOM   98  C CA  . VAL A 1 16  ? -2.731  8.474   -1.429  1.00 9.61  ? 16  VAL A CA  1 
ATOM   99  C C   . VAL A 1 16  ? -3.626  9.531   -2.090  1.00 11.80 ? 16  VAL A C   1 
ATOM   100 O O   . VAL A 1 16  ? -3.137  10.510  -2.681  1.00 11.41 ? 16  VAL A O   1 
ATOM   101 C CB  . VAL A 1 16  ? -2.495  8.846   0.068   1.00 9.84  ? 16  VAL A CB  1 
ATOM   102 C CG1 . VAL A 1 16  ? -1.994  10.273  0.198   1.00 11.99 ? 16  VAL A CG1 1 
ATOM   103 C CG2 . VAL A 1 16  ? -3.744  8.636   0.879   1.00 13.17 ? 16  VAL A CG2 1 
ATOM   104 N N   . HIS A 1 17  ? -4.930  9.283   -2.070  1.00 11.23 ? 17  HIS A N   1 
ATOM   105 C CA  . HIS A 1 17  ? -5.892  10.236  -2.618  1.00 12.50 ? 17  HIS A CA  1 
ATOM   106 C C   . HIS A 1 17  ? -6.763  10.681  -1.457  1.00 11.56 ? 17  HIS A C   1 
ATOM   107 O O   . HIS A 1 17  ? -6.904  11.874  -1.162  1.00 15.66 ? 17  HIS A O   1 
ATOM   108 C CB  . HIS A 1 17  ? -6.762  9.602   -3.692  1.00 8.81  ? 17  HIS A CB  1 
ATOM   109 C CG  . HIS A 1 17  ? -7.652  10.584  -4.373  1.00 12.32 ? 17  HIS A CG  1 
ATOM   110 N ND1 . HIS A 1 17  ? -7.190  11.458  -5.331  1.00 16.44 ? 17  HIS A ND1 1 
ATOM   111 C CD2 . HIS A 1 17  ? -8.953  10.893  -4.177  1.00 12.87 ? 17  HIS A CD2 1 
ATOM   112 C CE1 . HIS A 1 17  ? -8.166  12.268  -5.692  1.00 16.27 ? 17  HIS A CE1 1 
ATOM   113 N NE2 . HIS A 1 17  ? -9.247  11.947  -5.006  1.00 18.21 ? 17  HIS A NE2 1 
ATOM   114 N N   . GLN A 1 18  ? -7.319  9.681   -0.791  1.00 14.35 ? 18  GLN A N   1 
ATOM   115 C CA  . GLN A 1 18  ? -8.159  9.855   0.369   1.00 15.00 ? 18  GLN A CA  1 
ATOM   116 C C   . GLN A 1 18  ? -7.629  8.806   1.335   1.00 14.65 ? 18  GLN A C   1 
ATOM   117 O O   . GLN A 1 18  ? -6.978  7.849   0.909   1.00 15.16 ? 18  GLN A O   1 
ATOM   118 C CB  . GLN A 1 18  ? -9.598  9.550   -0.011  1.00 25.19 ? 18  GLN A CB  1 
ATOM   119 C CG  . GLN A 1 18  ? -10.604 9.888   1.042   1.00 37.43 ? 18  GLN A CG  1 
ATOM   120 C CD  . GLN A 1 18  ? -12.008 9.559   0.600   1.00 42.68 ? 18  GLN A CD  1 
ATOM   121 O OE1 . GLN A 1 18  ? -12.383 8.385   0.515   1.00 45.28 ? 18  GLN A OE1 1 
ATOM   122 N NE2 . GLN A 1 18  ? -12.799 10.595  0.313   1.00 41.38 ? 18  GLN A NE2 1 
ATOM   123 N N   . GLU A 1 19  ? -7.890  8.979   2.625   1.00 12.93 ? 19  GLU A N   1 
ATOM   124 C CA  . GLU A 1 19  ? -7.416  8.032   3.630   1.00 16.07 ? 19  GLU A CA  1 
ATOM   125 C C   . GLU A 1 19  ? -7.753  6.606   3.214   1.00 11.82 ? 19  GLU A C   1 
ATOM   126 O O   . GLU A 1 19  ? -8.914  6.289   2.988   1.00 13.21 ? 19  GLU A O   1 
ATOM   127 C CB  . GLU A 1 19  ? -8.065  8.334   4.990   1.00 19.28 ? 19  GLU A CB  1 
ATOM   128 C CG  . GLU A 1 19  ? -7.086  8.484   6.161   1.00 31.93 ? 19  GLU A CG  1 
ATOM   129 C CD  . GLU A 1 19  ? -6.669  7.159   6.777   1.00 36.30 ? 19  GLU A CD  1 
ATOM   130 O OE1 . GLU A 1 19  ? -5.725  6.514   6.270   1.00 43.02 ? 19  GLU A OE1 1 
ATOM   131 O OE2 . GLU A 1 19  ? -7.281  6.769   7.789   1.00 41.71 ? 19  GLU A OE2 1 
ATOM   132 N N   . GLY A 1 20  ? -6.728  5.778   3.049   1.00 9.32  ? 20  GLY A N   1 
ATOM   133 C CA  . GLY A 1 20  ? -6.947  4.393   2.666   1.00 10.78 ? 20  GLY A CA  1 
ATOM   134 C C   . GLY A 1 20  ? -7.111  4.086   1.185   1.00 12.37 ? 20  GLY A C   1 
ATOM   135 O O   . GLY A 1 20  ? -7.175  2.910   0.808   1.00 11.40 ? 20  GLY A O   1 
ATOM   136 N N   . ILE A 1 21  ? -7.215  5.118   0.347   1.00 11.21 ? 21  ILE A N   1 
ATOM   137 C CA  . ILE A 1 21  ? -7.360  4.904   -1.091  1.00 11.81 ? 21  ILE A CA  1 
ATOM   138 C C   . ILE A 1 21  ? -6.171  5.518   -1.811  1.00 13.84 ? 21  ILE A C   1 
ATOM   139 O O   . ILE A 1 21  ? -5.900  6.716   -1.695  1.00 12.70 ? 21  ILE A O   1 
ATOM   140 C CB  . ILE A 1 21  ? -8.690  5.471   -1.639  1.00 11.59 ? 21  ILE A CB  1 
ATOM   141 C CG1 . ILE A 1 21  ? -9.868  4.841   -0.897  1.00 15.04 ? 21  ILE A CG1 1 
ATOM   142 C CG2 . ILE A 1 21  ? -8.831  5.150   -3.145  1.00 16.33 ? 21  ILE A CG2 1 
ATOM   143 C CD1 . ILE A 1 21  ? -11.227 5.369   -1.327  1.00 22.83 ? 21  ILE A CD1 1 
ATOM   144 N N   . TYR A 1 22  ? -5.443  4.662   -2.518  1.00 10.11 ? 22  TYR A N   1 
ATOM   145 C CA  . TYR A 1 22  ? -4.253  5.044   -3.244  1.00 11.86 ? 22  TYR A CA  1 
ATOM   146 C C   . TYR A 1 22  ? -4.437  4.882   -4.741  1.00 14.44 ? 22  TYR A C   1 
ATOM   147 O O   . TYR A 1 22  ? -5.384  4.253   -5.201  1.00 17.52 ? 22  TYR A O   1 
ATOM   148 C CB  . TYR A 1 22  ? -3.084  4.159   -2.791  1.00 8.92  ? 22  TYR A CB  1 
ATOM   149 C CG  . TYR A 1 22  ? -2.673  4.376   -1.348  1.00 8.62  ? 22  TYR A CG  1 
ATOM   150 C CD1 . TYR A 1 22  ? -3.443  3.876   -0.294  1.00 10.70 ? 22  TYR A CD1 1 
ATOM   151 C CD2 . TYR A 1 22  ? -1.536  5.115   -1.036  1.00 6.29  ? 22  TYR A CD2 1 
ATOM   152 C CE1 . TYR A 1 22  ? -3.085  4.117   1.032   1.00 13.66 ? 22  TYR A CE1 1 
ATOM   153 C CE2 . TYR A 1 22  ? -1.170  5.361   0.279   1.00 6.68  ? 22  TYR A CE2 1 
ATOM   154 C CZ  . TYR A 1 22  ? -1.946  4.863   1.307   1.00 8.01  ? 22  TYR A CZ  1 
ATOM   155 O OH  . TYR A 1 22  ? -1.586  5.119   2.605   1.00 14.82 ? 22  TYR A OH  1 
ATOM   156 N N   . ARG A 1 23  ? -3.505  5.446   -5.498  1.00 16.60 ? 23  ARG A N   1 
ATOM   157 C CA  . ARG A 1 23  ? -3.500  5.335   -6.955  1.00 18.95 ? 23  ARG A CA  1 
ATOM   158 C C   . ARG A 1 23  ? -2.076  5.018   -7.413  1.00 15.47 ? 23  ARG A C   1 
ATOM   159 O O   . ARG A 1 23  ? -1.118  5.586   -6.890  1.00 14.40 ? 23  ARG A O   1 
ATOM   160 C CB  . ARG A 1 23  ? -3.991  6.626   -7.608  1.00 21.56 ? 23  ARG A CB  1 
ATOM   161 C CG  . ARG A 1 23  ? -5.489  6.813   -7.539  1.00 33.66 ? 23  ARG A CG  1 
ATOM   162 C CD  . ARG A 1 23  ? -5.943  7.853   -8.536  1.00 36.15 ? 23  ARG A CD  1 
ATOM   163 N NE  . ARG A 1 23  ? -5.358  9.155   -8.248  1.00 38.83 ? 23  ARG A NE  1 
ATOM   164 C CZ  . ARG A 1 23  ? -5.907  10.313  -8.598  1.00 45.05 ? 23  ARG A CZ  1 
ATOM   165 N NH1 . ARG A 1 23  ? -7.064  10.333  -9.255  1.00 46.49 ? 23  ARG A NH1 1 
ATOM   166 N NH2 . ARG A 1 23  ? -5.306  11.452  -8.275  1.00 46.39 ? 23  ARG A NH2 1 
ATOM   167 N N   . ASP A 1 24  ? -1.933  4.092   -8.358  1.00 15.56 ? 24  ASP A N   1 
ATOM   168 C CA  . ASP A 1 24  ? -0.609  3.720   -8.851  1.00 15.72 ? 24  ASP A CA  1 
ATOM   169 C C   . ASP A 1 24  ? -0.248  4.495   -10.111 1.00 14.47 ? 24  ASP A C   1 
ATOM   170 O O   . ASP A 1 24  ? -0.970  5.406   -10.513 1.00 14.11 ? 24  ASP A O   1 
ATOM   171 C CB  . ASP A 1 24  ? -0.498  2.198   -9.076  1.00 14.43 ? 24  ASP A CB  1 
ATOM   172 C CG  . ASP A 1 24  ? -1.505  1.659   -10.090 1.00 15.26 ? 24  ASP A CG  1 
ATOM   173 O OD1 . ASP A 1 24  ? -1.988  2.418   -10.941 1.00 11.84 ? 24  ASP A OD1 1 
ATOM   174 O OD2 . ASP A 1 24  ? -1.812  0.457   -10.046 1.00 18.06 ? 24  ASP A OD2 1 
ATOM   175 N N   . GLU A 1 25  ? 0.861   4.127   -10.733 1.00 14.92 ? 25  GLU A N   1 
ATOM   176 C CA  . GLU A 1 25  ? 1.322   4.792   -11.948 1.00 17.73 ? 25  GLU A CA  1 
ATOM   177 C C   . GLU A 1 25  ? 0.350   4.720   -13.138 1.00 20.50 ? 25  GLU A C   1 
ATOM   178 O O   . GLU A 1 25  ? 0.499   5.467   -14.102 1.00 22.81 ? 25  GLU A O   1 
ATOM   179 C CB  . GLU A 1 25  ? 2.671   4.221   -12.369 1.00 18.41 ? 25  GLU A CB  1 
ATOM   180 C CG  . GLU A 1 25  ? 2.643   2.726   -12.697 1.00 19.84 ? 25  GLU A CG  1 
ATOM   181 C CD  . GLU A 1 25  ? 3.059   1.851   -11.532 1.00 21.17 ? 25  GLU A CD  1 
ATOM   182 O OE1 . GLU A 1 25  ? 2.790   2.218   -10.365 1.00 16.47 ? 25  GLU A OE1 1 
ATOM   183 O OE2 . GLU A 1 25  ? 3.661   0.788   -11.793 1.00 18.38 ? 25  GLU A OE2 1 
ATOM   184 N N   . TYR A 1 26  ? -0.625  3.812   -13.072 1.00 19.79 ? 26  TYR A N   1 
ATOM   185 C CA  . TYR A 1 26  ? -1.621  3.640   -14.133 1.00 21.31 ? 26  TYR A CA  1 
ATOM   186 C C   . TYR A 1 26  ? -2.956  4.296   -13.812 1.00 22.08 ? 26  TYR A C   1 
ATOM   187 O O   . TYR A 1 26  ? -3.927  4.112   -14.551 1.00 25.79 ? 26  TYR A O   1 
ATOM   188 C CB  . TYR A 1 26  ? -1.873  2.160   -14.392 1.00 17.73 ? 26  TYR A CB  1 
ATOM   189 C CG  . TYR A 1 26  ? -0.647  1.394   -14.779 1.00 23.02 ? 26  TYR A CG  1 
ATOM   190 C CD1 . TYR A 1 26  ? 0.224   1.885   -15.746 1.00 20.72 ? 26  TYR A CD1 1 
ATOM   191 C CD2 . TYR A 1 26  ? -0.354  0.172   -14.183 1.00 26.28 ? 26  TYR A CD2 1 
ATOM   192 C CE1 . TYR A 1 26  ? 1.361   1.178   -16.111 1.00 23.56 ? 26  TYR A CE1 1 
ATOM   193 C CE2 . TYR A 1 26  ? 0.782   -0.546  -14.541 1.00 28.23 ? 26  TYR A CE2 1 
ATOM   194 C CZ  . TYR A 1 26  ? 1.633   -0.036  -15.503 1.00 26.06 ? 26  TYR A CZ  1 
ATOM   195 O OH  . TYR A 1 26  ? 2.763   -0.730  -15.858 1.00 30.94 ? 26  TYR A OH  1 
ATOM   196 N N   . GLN A 1 27  ? -3.004  5.038   -12.706 1.00 20.91 ? 27  GLN A N   1 
ATOM   197 C CA  . GLN A 1 27  ? -4.218  5.718   -12.245 1.00 23.01 ? 27  GLN A CA  1 
ATOM   198 C C   . GLN A 1 27  ? -5.263  4.757   -11.681 1.00 20.14 ? 27  GLN A C   1 
ATOM   199 O O   . GLN A 1 27  ? -6.413  5.133   -11.465 1.00 19.46 ? 27  GLN A O   1 
ATOM   200 C CB  . GLN A 1 27  ? -4.842  6.566   -13.357 1.00 28.90 ? 27  GLN A CB  1 
ATOM   201 C CG  . GLN A 1 27  ? -4.025  7.783   -13.762 1.00 36.12 ? 27  GLN A CG  1 
ATOM   202 C CD  . GLN A 1 27  ? -4.580  8.445   -15.014 1.00 42.43 ? 27  GLN A CD  1 
ATOM   203 O OE1 . GLN A 1 27  ? -4.037  8.277   -16.116 1.00 43.99 ? 27  GLN A OE1 1 
ATOM   204 N NE2 . GLN A 1 27  ? -5.684  9.182   -14.859 1.00 45.23 ? 27  GLN A NE2 1 
ATOM   205 N N   . ARG A 1 28  ? -4.863  3.512   -11.452 1.00 17.12 ? 28  ARG A N   1 
ATOM   206 C CA  . ARG A 1 28  ? -5.762  2.522   -10.885 1.00 15.88 ? 28  ARG A CA  1 
ATOM   207 C C   . ARG A 1 28  ? -5.819  2.721   -9.374  1.00 14.06 ? 28  ARG A C   1 
ATOM   208 O O   . ARG A 1 28  ? -4.823  3.077   -8.742  1.00 11.98 ? 28  ARG A O   1 
ATOM   209 C CB  . ARG A 1 28  ? -5.267  1.114   -11.197 1.00 15.62 ? 28  ARG A CB  1 
ATOM   210 C CG  . ARG A 1 28  ? -5.291  0.775   -12.665 1.00 15.16 ? 28  ARG A CG  1 
ATOM   211 C CD  . ARG A 1 28  ? -4.791  -0.617  -12.878 1.00 18.63 ? 28  ARG A CD  1 
ATOM   212 N NE  . ARG A 1 28  ? -3.487  -0.788  -12.253 1.00 21.42 ? 28  ARG A NE  1 
ATOM   213 C CZ  . ARG A 1 28  ? -2.828  -1.937  -12.201 1.00 26.57 ? 28  ARG A CZ  1 
ATOM   214 N NH1 . ARG A 1 28  ? -3.354  -3.033  -12.741 1.00 29.04 ? 28  ARG A NH1 1 
ATOM   215 N NH2 . ARG A 1 28  ? -1.644  -1.994  -11.604 1.00 28.28 ? 28  ARG A NH2 1 
ATOM   216 N N   . THR A 1 29  ? -6.994  2.513   -8.797  1.00 12.54 ? 29  THR A N   1 
ATOM   217 C CA  . THR A 1 29  ? -7.149  2.678   -7.361  1.00 14.08 ? 29  THR A CA  1 
ATOM   218 C C   . THR A 1 29  ? -6.897  1.391   -6.575  1.00 13.70 ? 29  THR A C   1 
ATOM   219 O O   . THR A 1 29  ? -7.167  0.283   -7.049  1.00 11.99 ? 29  THR A O   1 
ATOM   220 C CB  . THR A 1 29  ? -8.531  3.251   -7.000  1.00 13.34 ? 29  THR A CB  1 
ATOM   221 O OG1 . THR A 1 29  ? -9.551  2.443   -7.586  1.00 12.89 ? 29  THR A OG1 1 
ATOM   222 C CG2 . THR A 1 29  ? -8.668  4.671   -7.505  1.00 17.38 ? 29  THR A CG2 1 
ATOM   223 N N   . TRP A 1 30  ? -6.322  1.558   -5.390  1.00 12.04 ? 30  TRP A N   1 
ATOM   224 C CA  . TRP A 1 30  ? -6.017  0.462   -4.483  1.00 8.73  ? 30  TRP A CA  1 
ATOM   225 C C   . TRP A 1 30  ? -6.593  0.852   -3.138  1.00 10.06 ? 30  TRP A C   1 
ATOM   226 O O   . TRP A 1 30  ? -6.482  2.007   -2.737  1.00 12.46 ? 30  TRP A O   1 
ATOM   227 C CB  . TRP A 1 30  ? -4.513  0.306   -4.342  1.00 9.80  ? 30  TRP A CB  1 
ATOM   228 C CG  . TRP A 1 30  ? -3.841  -0.255  -5.536  1.00 11.47 ? 30  TRP A CG  1 
ATOM   229 C CD1 . TRP A 1 30  ? -3.571  0.394   -6.708  1.00 13.90 ? 30  TRP A CD1 1 
ATOM   230 C CD2 . TRP A 1 30  ? -3.312  -1.578  -5.677  1.00 10.96 ? 30  TRP A CD2 1 
ATOM   231 N NE1 . TRP A 1 30  ? -2.902  -0.442  -7.567  1.00 13.05 ? 30  TRP A NE1 1 
ATOM   232 C CE2 . TRP A 1 30  ? -2.728  -1.660  -6.960  1.00 12.91 ? 30  TRP A CE2 1 
ATOM   233 C CE3 . TRP A 1 30  ? -3.270  -2.703  -4.842  1.00 8.88  ? 30  TRP A CE3 1 
ATOM   234 C CZ2 . TRP A 1 30  ? -2.107  -2.823  -7.430  1.00 12.83 ? 30  TRP A CZ2 1 
ATOM   235 C CZ3 . TRP A 1 30  ? -2.647  -3.862  -5.310  1.00 8.59  ? 30  TRP A CZ3 1 
ATOM   236 C CH2 . TRP A 1 30  ? -2.075  -3.909  -6.591  1.00 10.12 ? 30  TRP A CH2 1 
ATOM   237 N N   . VAL A 1 31  ? -7.263  -0.082  -2.470  1.00 10.56 ? 31  VAL A N   1 
ATOM   238 C CA  . VAL A 1 31  ? -7.845  0.183   -1.155  1.00 9.81  ? 31  VAL A CA  1 
ATOM   239 C C   . VAL A 1 31  ? -6.942  -0.467  -0.109  1.00 13.48 ? 31  VAL A C   1 
ATOM   240 O O   . VAL A 1 31  ? -6.638  -1.666  -0.196  1.00 14.18 ? 31  VAL A O   1 
ATOM   241 C CB  . VAL A 1 31  ? -9.282  -0.396  -1.036  1.00 11.63 ? 31  VAL A CB  1 
ATOM   242 C CG1 . VAL A 1 31  ? -9.813  -0.214  0.378   1.00 13.21 ? 31  VAL A CG1 1 
ATOM   243 C CG2 . VAL A 1 31  ? -10.218 0.287   -2.034  1.00 13.94 ? 31  VAL A CG2 1 
ATOM   244 N N   . ALA A 1 32  ? -6.495  0.327   0.860   1.00 12.15 ? 32  ALA A N   1 
ATOM   245 C CA  . ALA A 1 32  ? -5.617  -0.182  1.905   1.00 11.67 ? 32  ALA A CA  1 
ATOM   246 C C   . ALA A 1 32  ? -6.288  -0.244  3.272   1.00 13.21 ? 32  ALA A C   1 
ATOM   247 O O   . ALA A 1 32  ? -6.928  0.712   3.703   1.00 12.93 ? 32  ALA A O   1 
ATOM   248 C CB  . ALA A 1 32  ? -4.340  0.649   1.978   1.00 9.35  ? 32  ALA A CB  1 
ATOM   249 N N   . VAL A 1 33  ? -6.154  -1.391  3.933   1.00 10.78 ? 33  VAL A N   1 
ATOM   250 C CA  . VAL A 1 33  ? -6.713  -1.575  5.257   1.00 11.43 ? 33  VAL A CA  1 
ATOM   251 C C   . VAL A 1 33  ? -5.596  -1.957  6.223   1.00 13.65 ? 33  VAL A C   1 
ATOM   252 O O   . VAL A 1 33  ? -4.618  -2.596  5.839   1.00 14.89 ? 33  VAL A O   1 
ATOM   253 C CB  . VAL A 1 33  ? -7.833  -2.662  5.305   1.00 11.64 ? 33  VAL A CB  1 
ATOM   254 C CG1 . VAL A 1 33  ? -9.002  -2.264  4.425   1.00 15.29 ? 33  VAL A CG1 1 
ATOM   255 C CG2 . VAL A 1 33  ? -7.296  -4.030  4.913   1.00 15.10 ? 33  VAL A CG2 1 
ATOM   256 N N   . VAL A 1 34  ? -5.739  -1.529  7.473   1.00 14.86 ? 34  VAL A N   1 
ATOM   257 C CA  . VAL A 1 34  ? -4.754  -1.834  8.494   1.00 14.07 ? 34  VAL A CA  1 
ATOM   258 C C   . VAL A 1 34  ? -5.133  -3.106  9.241   1.00 10.75 ? 34  VAL A C   1 
ATOM   259 O O   . VAL A 1 34  ? -6.291  -3.309  9.581   1.00 12.88 ? 34  VAL A O   1 
ATOM   260 C CB  . VAL A 1 34  ? -4.610  -0.669  9.527   1.00 13.34 ? 34  VAL A CB  1 
ATOM   261 C CG1 . VAL A 1 34  ? -3.624  -1.062  10.640  1.00 17.43 ? 34  VAL A CG1 1 
ATOM   262 C CG2 . VAL A 1 34  ? -4.135  0.607   8.838   1.00 10.34 ? 34  VAL A CG2 1 
ATOM   263 N N   . GLU A 1 35  ? -4.156  -3.985  9.423   1.00 13.04 ? 35  GLU A N   1 
ATOM   264 C CA  . GLU A 1 35  ? -4.338  -5.222  10.180  1.00 15.26 ? 35  GLU A CA  1 
ATOM   265 C C   . GLU A 1 35  ? -3.180  -5.245  11.169  1.00 15.10 ? 35  GLU A C   1 
ATOM   266 O O   . GLU A 1 35  ? -2.091  -5.737  10.886  1.00 14.57 ? 35  GLU A O   1 
ATOM   267 C CB  . GLU A 1 35  ? -4.325  -6.420  9.253   1.00 13.76 ? 35  GLU A CB  1 
ATOM   268 C CG  . GLU A 1 35  ? -5.373  -6.275  8.184   1.00 22.79 ? 35  GLU A CG  1 
ATOM   269 C CD  . GLU A 1 35  ? -5.592  -7.532  7.388   1.00 25.07 ? 35  GLU A CD  1 
ATOM   270 O OE1 . GLU A 1 35  ? -4.592  -8.230  7.107   1.00 29.90 ? 35  GLU A OE1 1 
ATOM   271 O OE2 . GLU A 1 35  ? -6.766  -7.812  7.044   1.00 26.94 ? 35  GLU A OE2 1 
ATOM   272 N N   . GLU A 1 36  ? -3.419  -4.632  12.316  1.00 18.73 ? 36  GLU A N   1 
ATOM   273 C CA  . GLU A 1 36  ? -2.414  -4.498  13.351  1.00 23.19 ? 36  GLU A CA  1 
ATOM   274 C C   . GLU A 1 36  ? -2.222  -5.693  14.280  1.00 23.70 ? 36  GLU A C   1 
ATOM   275 O O   . GLU A 1 36  ? -3.176  -6.207  14.865  1.00 27.43 ? 36  GLU A O   1 
ATOM   276 C CB  . GLU A 1 36  ? -2.735  -3.258  14.164  1.00 22.75 ? 36  GLU A CB  1 
ATOM   277 C CG  . GLU A 1 36  ? -1.642  -2.824  15.094  1.00 31.51 ? 36  GLU A CG  1 
ATOM   278 C CD  . GLU A 1 36  ? -2.020  -1.587  15.870  1.00 34.90 ? 36  GLU A CD  1 
ATOM   279 O OE1 . GLU A 1 36  ? -2.842  -0.786  15.369  1.00 40.64 ? 36  GLU A OE1 1 
ATOM   280 O OE2 . GLU A 1 36  ? -1.497  -1.423  16.989  1.00 37.73 ? 36  GLU A OE2 1 
ATOM   281 N N   . GLU A 1 37  ? -0.976  -6.150  14.379  1.00 23.31 ? 37  GLU A N   1 
ATOM   282 C CA  . GLU A 1 37  ? -0.624  -7.257  15.263  1.00 21.82 ? 37  GLU A CA  1 
ATOM   283 C C   . GLU A 1 37  ? -0.170  -6.629  16.582  1.00 23.97 ? 37  GLU A C   1 
ATOM   284 O O   . GLU A 1 37  ? -0.215  -5.403  16.737  1.00 26.06 ? 37  GLU A O   1 
ATOM   285 C CB  . GLU A 1 37  ? 0.511   -8.086  14.652  1.00 24.57 ? 37  GLU A CB  1 
ATOM   286 C CG  . GLU A 1 37  ? 0.199   -8.668  13.272  1.00 26.70 ? 37  GLU A CG  1 
ATOM   287 C CD  . GLU A 1 37  ? -0.984  -9.615  13.278  1.00 26.82 ? 37  GLU A CD  1 
ATOM   288 O OE1 . GLU A 1 37  ? -1.102  -10.409 14.234  1.00 30.00 ? 37  GLU A OE1 1 
ATOM   289 O OE2 . GLU A 1 37  ? -1.793  -9.570  12.323  1.00 34.57 ? 37  GLU A OE2 1 
ATOM   290 N N   . THR A 1 38  ? 0.267   -7.452  17.531  1.00 22.64 ? 38  THR A N   1 
ATOM   291 C CA  . THR A 1 38  ? 0.723   -6.933  18.823  1.00 21.52 ? 38  THR A CA  1 
ATOM   292 C C   . THR A 1 38  ? 2.058   -6.182  18.711  1.00 19.63 ? 38  THR A C   1 
ATOM   293 O O   . THR A 1 38  ? 2.218   -5.068  19.222  1.00 19.04 ? 38  THR A O   1 
ATOM   294 C CB  . THR A 1 38  ? 0.890   -8.070  19.869  1.00 18.09 ? 38  THR A CB  1 
ATOM   295 O OG1 . THR A 1 38  ? -0.376  -8.683  20.120  1.00 21.23 ? 38  THR A OG1 1 
ATOM   296 C CG2 . THR A 1 38  ? 1.434   -7.518  21.177  1.00 20.54 ? 38  THR A CG2 1 
ATOM   297 N N   . SER A 1 39  ? 2.993   -6.793  18.003  1.00 17.14 ? 39  SER A N   1 
ATOM   298 C CA  . SER A 1 39  ? 4.317   -6.243  17.850  1.00 20.78 ? 39  SER A CA  1 
ATOM   299 C C   . SER A 1 39  ? 4.561   -5.442  16.587  1.00 21.63 ? 39  SER A C   1 
ATOM   300 O O   . SER A 1 39  ? 5.587   -4.775  16.476  1.00 19.37 ? 39  SER A O   1 
ATOM   301 C CB  . SER A 1 39  ? 5.322   -7.376  17.941  1.00 21.56 ? 39  SER A CB  1 
ATOM   302 O OG  . SER A 1 39  ? 4.988   -8.194  19.047  1.00 26.38 ? 39  SER A OG  1 
ATOM   303 N N   . PHE A 1 40  ? 3.645   -5.506  15.626  1.00 22.41 ? 40  PHE A N   1 
ATOM   304 C CA  . PHE A 1 40  ? 3.841   -4.762  14.380  1.00 19.83 ? 40  PHE A CA  1 
ATOM   305 C C   . PHE A 1 40  ? 2.555   -4.470  13.632  1.00 17.95 ? 40  PHE A C   1 
ATOM   306 O O   . PHE A 1 40  ? 1.465   -4.883  14.034  1.00 14.28 ? 40  PHE A O   1 
ATOM   307 C CB  . PHE A 1 40  ? 4.836   -5.483  13.453  1.00 19.37 ? 40  PHE A CB  1 
ATOM   308 C CG  . PHE A 1 40  ? 4.457   -6.891  13.163  1.00 25.11 ? 40  PHE A CG  1 
ATOM   309 C CD1 . PHE A 1 40  ? 4.861   -7.915  14.008  1.00 29.88 ? 40  PHE A CD1 1 
ATOM   310 C CD2 . PHE A 1 40  ? 3.636   -7.193  12.087  1.00 26.71 ? 40  PHE A CD2 1 
ATOM   311 C CE1 . PHE A 1 40  ? 4.442   -9.230  13.789  1.00 32.01 ? 40  PHE A CE1 1 
ATOM   312 C CE2 . PHE A 1 40  ? 3.215   -8.501  11.859  1.00 30.64 ? 40  PHE A CE2 1 
ATOM   313 C CZ  . PHE A 1 40  ? 3.618   -9.522  12.714  1.00 28.16 ? 40  PHE A CZ  1 
ATOM   314 N N   . LEU A 1 41  ? 2.712   -3.779  12.509  1.00 16.59 ? 41  LEU A N   1 
ATOM   315 C CA  . LEU A 1 41  ? 1.591   -3.393  11.687  1.00 11.19 ? 41  LEU A CA  1 
ATOM   316 C C   . LEU A 1 41  ? 1.718   -3.889  10.256  1.00 10.44 ? 41  LEU A C   1 
ATOM   317 O O   . LEU A 1 41  ? 2.804   -3.895  9.675   1.00 6.65  ? 41  LEU A O   1 
ATOM   318 C CB  . LEU A 1 41  ? 1.468   -1.873  11.718  1.00 15.40 ? 41  LEU A CB  1 
ATOM   319 C CG  . LEU A 1 41  ? 0.273   -1.246  11.018  1.00 17.96 ? 41  LEU A CG  1 
ATOM   320 C CD1 . LEU A 1 41  ? -0.322  -0.173  11.912  1.00 22.78 ? 41  LEU A CD1 1 
ATOM   321 C CD2 . LEU A 1 41  ? 0.693   -0.692  9.677   1.00 17.63 ? 41  LEU A CD2 1 
ATOM   322 N N   . ARG A 1 42  ? 0.595   -4.347  9.719   1.00 9.43  ? 42  ARG A N   1 
ATOM   323 C CA  . ARG A 1 42  ? 0.510   -4.828  8.346   1.00 12.78 ? 42  ARG A CA  1 
ATOM   324 C C   . ARG A 1 42  ? -0.579  -4.040  7.625   1.00 10.33 ? 42  ARG A C   1 
ATOM   325 O O   . ARG A 1 42  ? -1.513  -3.538  8.248   1.00 13.14 ? 42  ARG A O   1 
ATOM   326 C CB  . ARG A 1 42  ? 0.142   -6.320  8.291   1.00 10.56 ? 42  ARG A CB  1 
ATOM   327 C CG  . ARG A 1 42  ? 1.265   -7.291  8.666   1.00 13.78 ? 42  ARG A CG  1 
ATOM   328 C CD  . ARG A 1 42  ? 1.028   -8.675  8.035   1.00 15.67 ? 42  ARG A CD  1 
ATOM   329 N NE  . ARG A 1 42  ? 1.908   -9.705  8.590   1.00 15.51 ? 42  ARG A NE  1 
ATOM   330 C CZ  . ARG A 1 42  ? 1.563   -10.566 9.545   1.00 12.10 ? 42  ARG A CZ  1 
ATOM   331 N NH1 . ARG A 1 42  ? 0.346   -10.544 10.067  1.00 11.66 ? 42  ARG A NH1 1 
ATOM   332 N NH2 . ARG A 1 42  ? 2.445   -11.446 9.995   1.00 13.24 ? 42  ARG A NH2 1 
ATOM   333 N N   . ALA A 1 43  ? -0.425  -3.891  6.317   1.00 10.52 ? 43  ALA A N   1 
ATOM   334 C CA  . ALA A 1 43  ? -1.418  -3.210  5.503   1.00 9.84  ? 43  ALA A CA  1 
ATOM   335 C C   . ALA A 1 43  ? -1.757  -4.178  4.382   1.00 8.98  ? 43  ALA A C   1 
ATOM   336 O O   . ALA A 1 43  ? -0.869  -4.745  3.769   1.00 12.92 ? 43  ALA A O   1 
ATOM   337 C CB  . ALA A 1 43  ? -0.858  -1.919  4.931   1.00 8.83  ? 43  ALA A CB  1 
ATOM   338 N N   . ARG A 1 44  ? -3.041  -4.439  4.186   1.00 8.69  ? 44  ARG A N   1 
ATOM   339 C CA  . ARG A 1 44  ? -3.480  -5.327  3.122   1.00 9.60  ? 44  ARG A CA  1 
ATOM   340 C C   . ARG A 1 44  ? -4.039  -4.377  2.072   1.00 8.62  ? 44  ARG A C   1 
ATOM   341 O O   . ARG A 1 44  ? -4.938  -3.592  2.351   1.00 15.33 ? 44  ARG A O   1 
ATOM   342 C CB  . ARG A 1 44  ? -4.545  -6.294  3.638   1.00 8.69  ? 44  ARG A CB  1 
ATOM   343 C CG  . ARG A 1 44  ? -4.909  -7.394  2.657   1.00 11.48 ? 44  ARG A CG  1 
ATOM   344 C CD  . ARG A 1 44  ? -5.389  -8.629  3.400   1.00 14.85 ? 44  ARG A CD  1 
ATOM   345 N NE  . ARG A 1 44  ? -6.518  -8.330  4.264   1.00 20.01 ? 44  ARG A NE  1 
ATOM   346 C CZ  . ARG A 1 44  ? -7.786  -8.304  3.867   1.00 25.11 ? 44  ARG A CZ  1 
ATOM   347 N NH1 . ARG A 1 44  ? -8.104  -8.562  2.605   1.00 28.22 ? 44  ARG A NH1 1 
ATOM   348 N NH2 . ARG A 1 44  ? -8.740  -8.033  4.744   1.00 25.52 ? 44  ARG A NH2 1 
ATOM   349 N N   . VAL A 1 45  ? -3.441  -4.395  0.889   1.00 11.50 ? 45  VAL A N   1 
ATOM   350 C CA  . VAL A 1 45  ? -3.838  -3.479  -0.172  1.00 12.07 ? 45  VAL A CA  1 
ATOM   351 C C   . VAL A 1 45  ? -4.344  -4.246  -1.384  1.00 12.67 ? 45  VAL A C   1 
ATOM   352 O O   . VAL A 1 45  ? -3.639  -5.098  -1.930  1.00 13.12 ? 45  VAL A O   1 
ATOM   353 C CB  . VAL A 1 45  ? -2.637  -2.566  -0.592  1.00 12.86 ? 45  VAL A CB  1 
ATOM   354 C CG1 . VAL A 1 45  ? -3.137  -1.325  -1.281  1.00 12.39 ? 45  VAL A CG1 1 
ATOM   355 C CG2 . VAL A 1 45  ? -1.772  -2.197  0.626   1.00 10.08 ? 45  VAL A CG2 1 
ATOM   356 N N   . GLN A 1 46  ? -5.573  -3.935  -1.790  1.00 9.87  ? 46  GLN A N   1 
ATOM   357 C CA  . GLN A 1 46  ? -6.202  -4.589  -2.927  1.00 12.52 ? 46  GLN A CA  1 
ATOM   358 C C   . GLN A 1 46  ? -6.574  -3.620  -4.044  1.00 12.60 ? 46  GLN A C   1 
ATOM   359 O O   . GLN A 1 46  ? -7.096  -2.526  -3.796  1.00 10.34 ? 46  GLN A O   1 
ATOM   360 C CB  . GLN A 1 46  ? -7.453  -5.352  -2.476  1.00 12.62 ? 46  GLN A CB  1 
ATOM   361 C CG  . GLN A 1 46  ? -7.164  -6.523  -1.559  1.00 16.77 ? 46  GLN A CG  1 
ATOM   362 C CD  . GLN A 1 46  ? -8.411  -7.303  -1.223  1.00 19.44 ? 46  GLN A CD  1 
ATOM   363 O OE1 . GLN A 1 46  ? -9.514  -6.879  -1.541  1.00 17.87 ? 46  GLN A OE1 1 
ATOM   364 N NE2 . GLN A 1 46  ? -8.243  -8.455  -0.576  1.00 14.24 ? 46  GLN A NE2 1 
ATOM   365 N N   . GLN A 1 47  ? -6.327  -4.053  -5.278  1.00 12.30 ? 47  GLN A N   1 
ATOM   366 C CA  . GLN A 1 47  ? -6.627  -3.254  -6.458  1.00 11.62 ? 47  GLN A CA  1 
ATOM   367 C C   . GLN A 1 47  ? -8.102  -3.412  -6.799  1.00 13.03 ? 47  GLN A C   1 
ATOM   368 O O   . GLN A 1 47  ? -8.513  -4.371  -7.454  1.00 14.19 ? 47  GLN A O   1 
ATOM   369 C CB  . GLN A 1 47  ? -5.739  -3.683  -7.634  1.00 9.85  ? 47  GLN A CB  1 
ATOM   370 C CG  . GLN A 1 47  ? -5.483  -2.588  -8.667  1.00 12.95 ? 47  GLN A CG  1 
ATOM   371 C CD  . GLN A 1 47  ? -6.665  -2.360  -9.579  1.00 18.42 ? 47  GLN A CD  1 
ATOM   372 O OE1 . GLN A 1 47  ? -6.828  -3.073  -10.570 1.00 19.94 ? 47  GLN A OE1 1 
ATOM   373 N NE2 . GLN A 1 47  ? -7.500  -1.375  -9.256  1.00 15.59 ? 47  GLN A NE2 1 
ATOM   374 N N   . ILE A 1 48  ? -8.893  -2.480  -6.289  1.00 12.27 ? 48  ILE A N   1 
ATOM   375 C CA  . ILE A 1 48  ? -10.326 -2.456  -6.511  1.00 11.76 ? 48  ILE A CA  1 
ATOM   376 C C   . ILE A 1 48  ? -10.704 -1.062  -6.994  1.00 15.46 ? 48  ILE A C   1 
ATOM   377 O O   . ILE A 1 48  ? -10.229 -0.055  -6.453  1.00 15.44 ? 48  ILE A O   1 
ATOM   378 C CB  . ILE A 1 48  ? -11.094 -2.780  -5.203  1.00 15.37 ? 48  ILE A CB  1 
ATOM   379 C CG1 . ILE A 1 48  ? -10.726 -4.193  -4.720  1.00 14.45 ? 48  ILE A CG1 1 
ATOM   380 C CG2 . ILE A 1 48  ? -12.615 -2.646  -5.415  1.00 16.12 ? 48  ILE A CG2 1 
ATOM   381 C CD1 . ILE A 1 48  ? -11.330 -4.576  -3.367  1.00 19.15 ? 48  ILE A CD1 1 
ATOM   382 N N   . GLN A 1 49  ? -11.529 -1.020  -8.037  1.00 16.14 ? 49  GLN A N   1 
ATOM   383 C CA  . GLN A 1 49  ? -12.021 0.224   -8.625  1.00 18.88 ? 49  GLN A CA  1 
ATOM   384 C C   . GLN A 1 49  ? -13.041 0.879   -7.685  1.00 16.77 ? 49  GLN A C   1 
ATOM   385 O O   . GLN A 1 49  ? -14.098 0.316   -7.405  1.00 16.00 ? 49  GLN A O   1 
ATOM   386 C CB  . GLN A 1 49  ? -12.668 -0.090  -9.972  1.00 21.86 ? 49  GLN A CB  1 
ATOM   387 C CG  . GLN A 1 49  ? -13.164 1.110   -10.756 1.00 34.69 ? 49  GLN A CG  1 
ATOM   388 C CD  . GLN A 1 49  ? -13.659 0.717   -12.141 1.00 42.01 ? 49  GLN A CD  1 
ATOM   389 O OE1 . GLN A 1 49  ? -12.888 0.218   -12.978 1.00 43.27 ? 49  GLN A OE1 1 
ATOM   390 N NE2 . GLN A 1 49  ? -14.952 0.916   -12.384 1.00 41.30 ? 49  GLN A NE2 1 
ATOM   391 N N   . VAL A 1 50  ? -12.685 2.029   -7.127  1.00 15.30 ? 50  VAL A N   1 
ATOM   392 C CA  . VAL A 1 50  ? -13.583 2.739   -6.222  1.00 16.37 ? 50  VAL A CA  1 
ATOM   393 C C   . VAL A 1 50  ? -13.737 4.168   -6.717  1.00 18.04 ? 50  VAL A C   1 
ATOM   394 O O   . VAL A 1 50  ? -12.923 4.640   -7.507  1.00 16.50 ? 50  VAL A O   1 
ATOM   395 C CB  . VAL A 1 50  ? -13.056 2.743   -4.760  1.00 18.68 ? 50  VAL A CB  1 
ATOM   396 C CG1 . VAL A 1 50  ? -13.069 1.336   -4.191  1.00 19.50 ? 50  VAL A CG1 1 
ATOM   397 C CG2 . VAL A 1 50  ? -11.655 3.322   -4.692  1.00 16.54 ? 50  VAL A CG2 1 
ATOM   398 N N   . PRO A 1 51  ? -14.809 4.860   -6.302  1.00 18.12 ? 51  PRO A N   1 
ATOM   399 C CA  . PRO A 1 51  ? -14.995 6.240   -6.755  1.00 19.86 ? 51  PRO A CA  1 
ATOM   400 C C   . PRO A 1 51  ? -13.960 7.147   -6.123  1.00 21.43 ? 51  PRO A C   1 
ATOM   401 O O   . PRO A 1 51  ? -13.392 6.830   -5.073  1.00 19.19 ? 51  PRO A O   1 
ATOM   402 C CB  . PRO A 1 51  ? -16.400 6.575   -6.253  1.00 24.01 ? 51  PRO A CB  1 
ATOM   403 C CG  . PRO A 1 51  ? -16.506 5.780   -4.995  1.00 25.48 ? 51  PRO A CG  1 
ATOM   404 C CD  . PRO A 1 51  ? -15.908 4.450   -5.410  1.00 18.27 ? 51  PRO A CD  1 
ATOM   405 N N   . LEU A 1 52  ? -13.665 8.241   -6.803  1.00 19.15 ? 52  LEU A N   1 
ATOM   406 C CA  . LEU A 1 52  ? -12.710 9.207   -6.289  1.00 21.07 ? 52  LEU A CA  1 
ATOM   407 C C   . LEU A 1 52  ? -13.422 10.539  -6.190  1.00 22.46 ? 52  LEU A C   1 
ATOM   408 O O   . LEU A 1 52  ? -14.104 10.956  -7.126  1.00 27.86 ? 52  LEU A O   1 
ATOM   409 C CB  . LEU A 1 52  ? -11.501 9.343   -7.215  1.00 21.76 ? 52  LEU A CB  1 
ATOM   410 C CG  . LEU A 1 52  ? -10.525 8.172   -7.270  1.00 23.20 ? 52  LEU A CG  1 
ATOM   411 C CD1 . LEU A 1 52  ? -9.449  8.456   -8.304  1.00 25.70 ? 52  LEU A CD1 1 
ATOM   412 C CD2 . LEU A 1 52  ? -9.908  7.947   -5.912  1.00 21.63 ? 52  LEU A CD2 1 
ATOM   413 N N   . GLY A 1 53  ? -13.319 11.162  -5.024  1.00 19.61 ? 53  GLY A N   1 
ATOM   414 C CA  . GLY A 1 53  ? -13.925 12.461  -4.825  1.00 18.06 ? 53  GLY A CA  1 
ATOM   415 C C   . GLY A 1 53  ? -12.764 13.425  -4.717  1.00 17.91 ? 53  GLY A C   1 
ATOM   416 O O   . GLY A 1 53  ? -11.780 13.299  -5.457  1.00 16.04 ? 53  GLY A O   1 
ATOM   417 N N   . ASP A 1 54  ? -12.846 14.351  -3.768  1.00 17.80 ? 54  ASP A N   1 
ATOM   418 C CA  . ASP A 1 54  ? -11.771 15.316  -3.566  1.00 19.56 ? 54  ASP A CA  1 
ATOM   419 C C   . ASP A 1 54  ? -10.568 14.648  -2.899  1.00 18.53 ? 54  ASP A C   1 
ATOM   420 O O   . ASP A 1 54  ? -10.728 13.690  -2.133  1.00 16.74 ? 54  ASP A O   1 
ATOM   421 C CB  . ASP A 1 54  ? -12.243 16.459  -2.660  1.00 20.87 ? 54  ASP A CB  1 
ATOM   422 C CG  . ASP A 1 54  ? -13.462 17.179  -3.203  1.00 14.70 ? 54  ASP A CG  1 
ATOM   423 O OD1 . ASP A 1 54  ? -13.747 17.071  -4.410  1.00 23.14 ? 54  ASP A OD1 1 
ATOM   424 O OD2 . ASP A 1 54  ? -14.140 17.858  -2.410  1.00 20.21 ? 54  ASP A OD2 1 
ATOM   425 N N   . ALA A 1 55  ? -9.368  15.135  -3.212  1.00 15.45 ? 55  ALA A N   1 
ATOM   426 C CA  . ALA A 1 55  ? -8.163  14.611  -2.582  1.00 15.62 ? 55  ALA A CA  1 
ATOM   427 C C   . ALA A 1 55  ? -8.212  15.168  -1.170  1.00 17.34 ? 55  ALA A C   1 
ATOM   428 O O   . ALA A 1 55  ? -8.608  16.316  -0.968  1.00 18.82 ? 55  ALA A O   1 
ATOM   429 C CB  . ALA A 1 55  ? -6.934  15.111  -3.294  1.00 12.76 ? 55  ALA A CB  1 
ATOM   430 N N   . ALA A 1 56  ? -7.860  14.354  -0.182  1.00 17.62 ? 56  ALA A N   1 
ATOM   431 C CA  . ALA A 1 56  ? -7.891  14.831  1.196   1.00 18.22 ? 56  ALA A CA  1 
ATOM   432 C C   . ALA A 1 56  ? -6.753  15.817  1.469   1.00 18.86 ? 56  ALA A C   1 
ATOM   433 O O   . ALA A 1 56  ? -5.718  15.770  0.804   1.00 15.46 ? 56  ALA A O   1 
ATOM   434 C CB  . ALA A 1 56  ? -7.812  13.652  2.165   1.00 17.23 ? 56  ALA A CB  1 
ATOM   435 N N   . ARG A 1 57  ? -6.961  16.723  2.425   1.00 21.08 ? 57  ARG A N   1 
ATOM   436 C CA  . ARG A 1 57  ? -5.932  17.691  2.798   1.00 23.00 ? 57  ARG A CA  1 
ATOM   437 C C   . ARG A 1 57  ? -4.892  16.970  3.641   1.00 22.15 ? 57  ARG A C   1 
ATOM   438 O O   . ARG A 1 57  ? -5.239  16.144  4.487   1.00 22.87 ? 57  ARG A O   1 
ATOM   439 C CB  . ARG A 1 57  ? -6.515  18.828  3.634   1.00 24.04 ? 57  ARG A CB  1 
ATOM   440 C CG  . ARG A 1 57  ? -7.647  19.585  2.982   1.00 32.51 ? 57  ARG A CG  1 
ATOM   441 C CD  . ARG A 1 57  ? -7.242  20.220  1.668   1.00 34.98 ? 57  ARG A CD  1 
ATOM   442 N NE  . ARG A 1 57  ? -8.326  21.045  1.136   1.00 41.64 ? 57  ARG A NE  1 
ATOM   443 C CZ  . ARG A 1 57  ? -8.277  21.704  -0.018  1.00 43.46 ? 57  ARG A CZ  1 
ATOM   444 N NH1 . ARG A 1 57  ? -7.190  21.640  -0.781  1.00 42.40 ? 57  ARG A NH1 1 
ATOM   445 N NH2 . ARG A 1 57  ? -9.309  22.452  -0.394  1.00 45.97 ? 57  ARG A NH2 1 
ATOM   446 N N   . PRO A 1 58  ? -3.601  17.268  3.417   1.00 21.73 ? 58  PRO A N   1 
ATOM   447 C CA  . PRO A 1 58  ? -2.513  16.636  4.174   1.00 20.52 ? 58  PRO A CA  1 
ATOM   448 C C   . PRO A 1 58  ? -2.693  16.753  5.703   1.00 21.37 ? 58  PRO A C   1 
ATOM   449 O O   . PRO A 1 58  ? -2.260  15.878  6.460   1.00 20.72 ? 58  PRO A O   1 
ATOM   450 C CB  . PRO A 1 58  ? -1.279  17.396  3.676   1.00 22.99 ? 58  PRO A CB  1 
ATOM   451 C CG  . PRO A 1 58  ? -1.637  17.703  2.253   1.00 20.91 ? 58  PRO A CG  1 
ATOM   452 C CD  . PRO A 1 58  ? -3.065  18.159  2.369   1.00 22.61 ? 58  PRO A CD  1 
ATOM   453 N N   . SER A 1 59  ? -3.348  17.825  6.141   1.00 20.39 ? 59  SER A N   1 
ATOM   454 C CA  . SER A 1 59  ? -3.603  18.058  7.556   1.00 25.45 ? 59  SER A CA  1 
ATOM   455 C C   . SER A 1 59  ? -4.384  16.903  8.182   1.00 29.06 ? 59  SER A C   1 
ATOM   456 O O   . SER A 1 59  ? -4.147  16.544  9.332   1.00 30.56 ? 59  SER A O   1 
ATOM   457 C CB  . SER A 1 59  ? -4.339  19.388  7.759   1.00 23.85 ? 59  SER A CB  1 
ATOM   458 O OG  . SER A 1 59  ? -5.521  19.468  6.979   1.00 25.39 ? 59  SER A OG  1 
ATOM   459 N N   . HIS A 1 60  ? -5.305  16.321  7.416   1.00 32.05 ? 60  HIS A N   1 
ATOM   460 C CA  . HIS A 1 60  ? -6.104  15.187  7.880   1.00 34.52 ? 60  HIS A CA  1 
ATOM   461 C C   . HIS A 1 60  ? -5.305  13.893  7.822   1.00 34.25 ? 60  HIS A C   1 
ATOM   462 O O   . HIS A 1 60  ? -5.517  12.982  8.621   1.00 37.45 ? 60  HIS A O   1 
ATOM   463 C CB  . HIS A 1 60  ? -7.344  15.005  7.008   1.00 39.39 ? 60  HIS A CB  1 
ATOM   464 C CG  . HIS A 1 60  ? -8.497  15.872  7.402   1.00 50.07 ? 60  HIS A CG  1 
ATOM   465 N ND1 . HIS A 1 60  ? -9.058  16.796  6.546   1.00 53.27 ? 60  HIS A ND1 1 
ATOM   466 C CD2 . HIS A 1 60  ? -9.220  15.928  8.546   1.00 53.22 ? 60  HIS A CD2 1 
ATOM   467 C CE1 . HIS A 1 60  ? -10.081 17.380  7.144   1.00 55.62 ? 60  HIS A CE1 1 
ATOM   468 N NE2 . HIS A 1 60  ? -10.200 16.873  8.358   1.00 56.55 ? 60  HIS A NE2 1 
ATOM   469 N N   . LEU A 1 61  ? -4.382  13.820  6.871   1.00 30.20 ? 61  LEU A N   1 
ATOM   470 C CA  . LEU A 1 61  ? -3.572  12.628  6.681   1.00 30.63 ? 61  LEU A CA  1 
ATOM   471 C C   . LEU A 1 61  ? -2.370  12.476  7.623   1.00 32.64 ? 61  LEU A C   1 
ATOM   472 O O   . LEU A 1 61  ? -1.808  11.388  7.735   1.00 32.33 ? 61  LEU A O   1 
ATOM   473 C CB  . LEU A 1 61  ? -3.125  12.557  5.223   1.00 26.99 ? 61  LEU A CB  1 
ATOM   474 C CG  . LEU A 1 61  ? -4.260  12.663  4.202   1.00 27.97 ? 61  LEU A CG  1 
ATOM   475 C CD1 . LEU A 1 61  ? -3.699  12.842  2.795   1.00 27.16 ? 61  LEU A CD1 1 
ATOM   476 C CD2 . LEU A 1 61  ? -5.149  11.431  4.279   1.00 24.67 ? 61  LEU A CD2 1 
ATOM   477 N N   . LEU A 1 62  ? -1.992  13.553  8.309   1.00 35.49 ? 62  LEU A N   1 
ATOM   478 C CA  . LEU A 1 62  ? -0.846  13.526  9.224   1.00 37.77 ? 62  LEU A CA  1 
ATOM   479 C C   . LEU A 1 62  ? -0.975  12.496  10.345  1.00 36.44 ? 62  LEU A C   1 
ATOM   480 O O   . LEU A 1 62  ? 0.020   11.940  10.808  1.00 36.53 ? 62  LEU A O   1 
ATOM   481 C CB  . LEU A 1 62  ? -0.620  14.906  9.863   1.00 40.27 ? 62  LEU A CB  1 
ATOM   482 C CG  . LEU A 1 62  ? -0.211  16.144  9.054   1.00 42.29 ? 62  LEU A CG  1 
ATOM   483 C CD1 . LEU A 1 62  ? -0.195  17.330  9.999   1.00 39.59 ? 62  LEU A CD1 1 
ATOM   484 C CD2 . LEU A 1 62  ? 1.154   15.975  8.402   1.00 40.03 ? 62  LEU A CD2 1 
ATOM   485 N N   . THR A 1 63  ? -2.202  12.245  10.773  1.00 34.57 ? 63  THR A N   1 
ATOM   486 C CA  . THR A 1 63  ? -2.457  11.314  11.865  1.00 35.29 ? 63  THR A CA  1 
ATOM   487 C C   . THR A 1 63  ? -2.656  9.850   11.474  1.00 32.03 ? 63  THR A C   1 
ATOM   488 O O   . THR A 1 63  ? -2.640  8.970   12.340  1.00 31.17 ? 63  THR A O   1 
ATOM   489 C CB  . THR A 1 63  ? -3.681  11.768  12.670  1.00 37.75 ? 63  THR A CB  1 
ATOM   490 O OG1 . THR A 1 63  ? -4.829  11.833  11.806  1.00 39.81 ? 63  THR A OG1 1 
ATOM   491 C CG2 . THR A 1 63  ? -3.420  13.142  13.288  1.00 40.91 ? 63  THR A CG2 1 
ATOM   492 N N   . SER A 1 64  ? -2.835  9.597   10.180  1.00 28.60 ? 64  SER A N   1 
ATOM   493 C CA  . SER A 1 64  ? -3.058  8.248   9.664   1.00 27.01 ? 64  SER A CA  1 
ATOM   494 C C   . SER A 1 64  ? -1.925  7.265   9.944   1.00 25.06 ? 64  SER A C   1 
ATOM   495 O O   . SER A 1 64  ? -0.767  7.659   10.050  1.00 25.07 ? 64  SER A O   1 
ATOM   496 C CB  . SER A 1 64  ? -3.309  8.311   8.156   1.00 25.98 ? 64  SER A CB  1 
ATOM   497 O OG  . SER A 1 64  ? -3.525  7.017   7.623   1.00 30.64 ? 64  SER A OG  1 
ATOM   498 N N   . GLN A 1 65  ? -2.268  5.984   10.060  1.00 20.79 ? 65  GLN A N   1 
ATOM   499 C CA  . GLN A 1 65  ? -1.268  4.932   10.288  1.00 20.97 ? 65  GLN A CA  1 
ATOM   500 C C   . GLN A 1 65  ? -0.564  4.557   8.970   1.00 17.84 ? 65  GLN A C   1 
ATOM   501 O O   . GLN A 1 65  ? 0.543   4.011   8.967   1.00 18.22 ? 65  GLN A O   1 
ATOM   502 C CB  . GLN A 1 65  ? -1.925  3.691   10.903  1.00 20.52 ? 65  GLN A CB  1 
ATOM   503 C CG  . GLN A 1 65  ? -2.482  3.914   12.302  1.00 20.61 ? 65  GLN A CG  1 
ATOM   504 C CD  . GLN A 1 65  ? -3.081  2.652   12.884  1.00 24.18 ? 65  GLN A CD  1 
ATOM   505 O OE1 . GLN A 1 65  ? -4.210  2.291   12.568  1.00 27.16 ? 65  GLN A OE1 1 
ATOM   506 N NE2 . GLN A 1 65  ? -2.321  1.964   13.721  1.00 22.39 ? 65  GLN A NE2 1 
ATOM   507 N N   . LEU A 1 66  ? -1.238  4.836   7.861   1.00 16.91 ? 66  LEU A N   1 
ATOM   508 C CA  . LEU A 1 66  ? -0.730  4.571   6.514   1.00 17.29 ? 66  LEU A CA  1 
ATOM   509 C C   . LEU A 1 66  ? -0.023  5.825   5.983   1.00 15.83 ? 66  LEU A C   1 
ATOM   510 O O   . LEU A 1 66  ? -0.390  6.955   6.334   1.00 14.50 ? 66  LEU A O   1 
ATOM   511 C CB  . LEU A 1 66  ? -1.889  4.176   5.587   1.00 19.92 ? 66  LEU A CB  1 
ATOM   512 C CG  . LEU A 1 66  ? -2.263  2.697   5.436   1.00 21.14 ? 66  LEU A CG  1 
ATOM   513 C CD1 . LEU A 1 66  ? -1.566  1.830   6.470   1.00 21.08 ? 66  LEU A CD1 1 
ATOM   514 C CD2 . LEU A 1 66  ? -3.774  2.543   5.500   1.00 20.36 ? 66  LEU A CD2 1 
ATOM   515 N N   . PRO A 1 67  ? 0.965   5.642   5.095   1.00 14.35 ? 67  PRO A N   1 
ATOM   516 C CA  . PRO A 1 67  ? 1.718   6.763   4.526   1.00 14.67 ? 67  PRO A CA  1 
ATOM   517 C C   . PRO A 1 67  ? 1.073   7.492   3.360   1.00 14.26 ? 67  PRO A C   1 
ATOM   518 O O   . PRO A 1 67  ? 0.083   7.034   2.782   1.00 13.77 ? 67  PRO A O   1 
ATOM   519 C CB  . PRO A 1 67  ? 3.026   6.100   4.107   1.00 12.70 ? 67  PRO A CB  1 
ATOM   520 C CG  . PRO A 1 67  ? 2.557   4.769   3.609   1.00 16.82 ? 67  PRO A CG  1 
ATOM   521 C CD  . PRO A 1 67  ? 1.509   4.351   4.632   1.00 14.43 ? 67  PRO A CD  1 
ATOM   522 N N   . LEU A 1 68  ? 1.649   8.647   3.033   1.00 13.52 ? 68  LEU A N   1 
ATOM   523 C CA  . LEU A 1 68  ? 1.186   9.466   1.917   1.00 13.91 ? 68  LEU A CA  1 
ATOM   524 C C   . LEU A 1 68  ? 1.579   8.784   0.610   1.00 12.87 ? 68  LEU A C   1 
ATOM   525 O O   . LEU A 1 68  ? 0.903   8.936   -0.406  1.00 11.98 ? 68  LEU A O   1 
ATOM   526 C CB  . LEU A 1 68  ? 1.831   10.855  1.953   1.00 12.66 ? 68  LEU A CB  1 
ATOM   527 C CG  . LEU A 1 68  ? 1.555   11.805  3.115   1.00 17.85 ? 68  LEU A CG  1 
ATOM   528 C CD1 . LEU A 1 68  ? 2.341   13.085  2.893   1.00 17.81 ? 68  LEU A CD1 1 
ATOM   529 C CD2 . LEU A 1 68  ? 0.077   12.113  3.218   1.00 18.03 ? 68  LEU A CD2 1 
ATOM   530 N N   . MET A 1 69  ? 2.673   8.032   0.641   1.00 11.64 ? 69  MET A N   1 
ATOM   531 C CA  . MET A 1 69  ? 3.137   7.351   -0.556  1.00 16.65 ? 69  MET A CA  1 
ATOM   532 C C   . MET A 1 69  ? 4.064   6.180   -0.280  1.00 16.10 ? 69  MET A C   1 
ATOM   533 O O   . MET A 1 69  ? 4.775   6.152   0.724   1.00 15.01 ? 69  MET A O   1 
ATOM   534 C CB  . MET A 1 69  ? 3.876   8.332   -1.459  1.00 20.53 ? 69  MET A CB  1 
ATOM   535 C CG  . MET A 1 69  ? 5.134   8.890   -0.825  1.00 29.19 ? 69  MET A CG  1 
ATOM   536 S SD  . MET A 1 69  ? 6.540   8.859   -1.940  1.00 46.93 ? 69  MET A SD  1 
ATOM   537 C CE  . MET A 1 69  ? 7.265   7.306   -1.509  1.00 38.88 ? 69  MET A CE  1 
ATOM   538 N N   . TRP A 1 70  ? 4.062   5.235   -1.215  1.00 13.15 ? 70  TRP A N   1 
ATOM   539 C CA  . TRP A 1 70  ? 4.912   4.053   -1.168  1.00 10.26 ? 70  TRP A CA  1 
ATOM   540 C C   . TRP A 1 70  ? 5.619   4.036   -2.512  1.00 10.68 ? 70  TRP A C   1 
ATOM   541 O O   . TRP A 1 70  ? 4.986   4.269   -3.537  1.00 12.34 ? 70  TRP A O   1 
ATOM   542 C CB  . TRP A 1 70  ? 4.076   2.777   -1.042  1.00 12.59 ? 70  TRP A CB  1 
ATOM   543 C CG  . TRP A 1 70  ? 3.757   2.355   0.351   1.00 10.88 ? 70  TRP A CG  1 
ATOM   544 C CD1 . TRP A 1 70  ? 4.643   2.018   1.327   1.00 8.84  ? 70  TRP A CD1 1 
ATOM   545 C CD2 . TRP A 1 70  ? 2.453   2.093   0.883   1.00 8.55  ? 70  TRP A CD2 1 
ATOM   546 N NE1 . TRP A 1 70  ? 3.971   1.546   2.431   1.00 7.96  ? 70  TRP A NE1 1 
ATOM   547 C CE2 . TRP A 1 70  ? 2.627   1.579   2.184   1.00 9.30  ? 70  TRP A CE2 1 
ATOM   548 C CE3 . TRP A 1 70  ? 1.151   2.234   0.379   1.00 6.59  ? 70  TRP A CE3 1 
ATOM   549 C CZ2 . TRP A 1 70  ? 1.546   1.202   2.994   1.00 9.37  ? 70  TRP A CZ2 1 
ATOM   550 C CZ3 . TRP A 1 70  ? 0.075   1.863   1.183   1.00 10.38 ? 70  TRP A CZ3 1 
ATOM   551 C CH2 . TRP A 1 70  ? 0.283   1.350   2.481   1.00 9.72  ? 70  TRP A CH2 1 
ATOM   552 N N   . GLN A 1 71  ? 6.915   3.758   -2.504  1.00 11.12 ? 71  GLN A N   1 
ATOM   553 C CA  . GLN A 1 71  ? 7.713   3.699   -3.720  1.00 10.97 ? 71  GLN A CA  1 
ATOM   554 C C   . GLN A 1 71  ? 8.431   2.356   -3.720  1.00 12.14 ? 71  GLN A C   1 
ATOM   555 O O   . GLN A 1 71  ? 9.083   2.007   -2.739  1.00 13.62 ? 71  GLN A O   1 
ATOM   556 C CB  . GLN A 1 71  ? 8.727   4.841   -3.704  1.00 19.11 ? 71  GLN A CB  1 
ATOM   557 C CG  . GLN A 1 71  ? 9.601   4.957   -4.933  1.00 21.02 ? 71  GLN A CG  1 
ATOM   558 C CD  . GLN A 1 71  ? 10.562  6.136   -4.831  1.00 27.76 ? 71  GLN A CD  1 
ATOM   559 O OE1 . GLN A 1 71  ? 11.696  5.996   -4.366  1.00 29.53 ? 71  GLN A OE1 1 
ATOM   560 N NE2 . GLN A 1 71  ? 10.101  7.312   -5.245  1.00 28.11 ? 71  GLN A NE2 1 
ATOM   561 N N   . LEU A 1 72  ? 8.295   1.592   -4.803  1.00 14.29 ? 72  LEU A N   1 
ATOM   562 C CA  . LEU A 1 72  ? 8.948   0.287   -4.894  1.00 16.97 ? 72  LEU A CA  1 
ATOM   563 C C   . LEU A 1 72  ? 10.458  0.418   -4.658  1.00 20.03 ? 72  LEU A C   1 
ATOM   564 O O   . LEU A 1 72  ? 11.144  1.239   -5.275  1.00 19.06 ? 72  LEU A O   1 
ATOM   565 C CB  . LEU A 1 72  ? 8.633   -0.378  -6.235  1.00 18.95 ? 72  LEU A CB  1 
ATOM   566 C CG  . LEU A 1 72  ? 8.913   -1.873  -6.408  1.00 20.18 ? 72  LEU A CG  1 
ATOM   567 C CD1 . LEU A 1 72  ? 8.305   -2.689  -5.266  1.00 20.20 ? 72  LEU A CD1 1 
ATOM   568 C CD2 . LEU A 1 72  ? 8.350   -2.329  -7.758  1.00 21.11 ? 72  LEU A CD2 1 
ATOM   569 N N   . TYR A 1 73  ? 10.951  -0.398  -3.733  1.00 22.95 ? 73  TYR A N   1 
ATOM   570 C CA  . TYR A 1 73  ? 12.347  -0.399  -3.319  1.00 24.81 ? 73  TYR A CA  1 
ATOM   571 C C   . TYR A 1 73  ? 12.933  -1.804  -3.550  1.00 27.98 ? 73  TYR A C   1 
ATOM   572 O O   . TYR A 1 73  ? 12.194  -2.785  -3.531  1.00 27.51 ? 73  TYR A O   1 
ATOM   573 C CB  . TYR A 1 73  ? 12.371  -0.034  -1.832  1.00 24.82 ? 73  TYR A CB  1 
ATOM   574 C CG  . TYR A 1 73  ? 13.695  0.433   -1.310  1.00 28.69 ? 73  TYR A CG  1 
ATOM   575 C CD1 . TYR A 1 73  ? 14.209  1.675   -1.671  1.00 29.31 ? 73  TYR A CD1 1 
ATOM   576 C CD2 . TYR A 1 73  ? 14.451  -0.381  -0.475  1.00 29.76 ? 73  TYR A CD2 1 
ATOM   577 C CE1 . TYR A 1 73  ? 15.454  2.089   -1.215  1.00 32.02 ? 73  TYR A CE1 1 
ATOM   578 C CE2 . TYR A 1 73  ? 15.689  0.020   -0.015  1.00 32.56 ? 73  TYR A CE2 1 
ATOM   579 C CZ  . TYR A 1 73  ? 16.189  1.254   -0.388  1.00 31.82 ? 73  TYR A CZ  1 
ATOM   580 O OH  . TYR A 1 73  ? 17.433  1.629   0.063   1.00 36.68 ? 73  TYR A OH  1 
ATOM   581 N N   . PRO A 1 74  ? 14.263  -1.917  -3.781  1.00 32.74 ? 74  PRO A N   1 
ATOM   582 C CA  . PRO A 1 74  ? 14.914  -3.221  -4.013  1.00 31.54 ? 74  PRO A CA  1 
ATOM   583 C C   . PRO A 1 74  ? 14.654  -4.231  -2.901  1.00 31.66 ? 74  PRO A C   1 
ATOM   584 O O   . PRO A 1 74  ? 14.496  -3.850  -1.739  1.00 33.95 ? 74  PRO A O   1 
ATOM   585 C CB  . PRO A 1 74  ? 16.402  -2.861  -4.057  1.00 33.02 ? 74  PRO A CB  1 
ATOM   586 C CG  . PRO A 1 74  ? 16.402  -1.482  -4.609  1.00 36.16 ? 74  PRO A CG  1 
ATOM   587 C CD  . PRO A 1 74  ? 15.258  -0.828  -3.862  1.00 32.78 ? 74  PRO A CD  1 
ATOM   588 N N   . GLU A 1 75  ? 14.633  -5.512  -3.266  1.00 30.64 ? 75  GLU A N   1 
ATOM   589 C CA  . GLU A 1 75  ? 14.409  -6.606  -2.318  1.00 31.65 ? 75  GLU A CA  1 
ATOM   590 C C   . GLU A 1 75  ? 12.938  -6.746  -1.921  1.00 28.27 ? 75  GLU A C   1 
ATOM   591 O O   . GLU A 1 75  ? 12.615  -7.048  -0.769  1.00 29.39 ? 75  GLU A O   1 
ATOM   592 C CB  . GLU A 1 75  ? 15.272  -6.427  -1.058  1.00 37.57 ? 75  GLU A CB  1 
ATOM   593 C CG  . GLU A 1 75  ? 16.754  -6.200  -1.320  1.00 43.26 ? 75  GLU A CG  1 
ATOM   594 C CD  . GLU A 1 75  ? 17.389  -7.352  -2.060  1.00 50.20 ? 75  GLU A CD  1 
ATOM   595 O OE1 . GLU A 1 75  ? 17.320  -8.491  -1.555  1.00 53.62 ? 75  GLU A OE1 1 
ATOM   596 O OE2 . GLU A 1 75  ? 17.955  -7.123  -3.149  1.00 54.09 ? 75  GLU A OE2 1 
ATOM   597 N N   . GLU A 1 76  ? 12.051  -6.530  -2.886  1.00 24.07 ? 76  GLU A N   1 
ATOM   598 C CA  . GLU A 1 76  ? 10.615  -6.635  -2.675  1.00 24.29 ? 76  GLU A CA  1 
ATOM   599 C C   . GLU A 1 76  ? 10.081  -5.983  -1.418  1.00 20.63 ? 76  GLU A C   1 
ATOM   600 O O   . GLU A 1 76  ? 9.641   -6.640  -0.478  1.00 18.08 ? 76  GLU A O   1 
ATOM   601 C CB  . GLU A 1 76  ? 10.151  -8.089  -2.779  1.00 32.67 ? 76  GLU A CB  1 
ATOM   602 C CG  . GLU A 1 76  ? 10.210  -8.619  -4.209  1.00 44.16 ? 76  GLU A CG  1 
ATOM   603 C CD  . GLU A 1 76  ? 9.623   -7.632  -5.226  1.00 51.92 ? 76  GLU A CD  1 
ATOM   604 O OE1 . GLU A 1 76  ? 8.396   -7.686  -5.475  1.00 56.04 ? 76  GLU A OE1 1 
ATOM   605 O OE2 . GLU A 1 76  ? 10.388  -6.798  -5.770  1.00 52.76 ? 76  GLU A OE2 1 
ATOM   606 N N   . ARG A 1 77  ? 10.137  -4.666  -1.419  1.00 18.61 ? 77  ARG A N   1 
ATOM   607 C CA  . ARG A 1 77  ? 9.637   -3.874  -0.317  1.00 17.16 ? 77  ARG A CA  1 
ATOM   608 C C   . ARG A 1 77  ? 9.403   -2.460  -0.809  1.00 15.52 ? 77  ARG A C   1 
ATOM   609 O O   . ARG A 1 77  ? 9.800   -2.112  -1.921  1.00 18.04 ? 77  ARG A O   1 
ATOM   610 C CB  . ARG A 1 77  ? 10.593  -3.919  0.880   1.00 17.74 ? 77  ARG A CB  1 
ATOM   611 C CG  . ARG A 1 77  ? 12.014  -3.641  0.557   1.00 24.36 ? 77  ARG A CG  1 
ATOM   612 C CD  . ARG A 1 77  ? 12.922  -4.330  1.561   1.00 29.77 ? 77  ARG A CD  1 
ATOM   613 N NE  . ARG A 1 77  ? 14.298  -3.891  1.367   1.00 36.45 ? 77  ARG A NE  1 
ATOM   614 C CZ  . ARG A 1 77  ? 15.252  -3.975  2.286   1.00 41.91 ? 77  ARG A CZ  1 
ATOM   615 N NH1 . ARG A 1 77  ? 14.989  -4.500  3.481   1.00 41.81 ? 77  ARG A NH1 1 
ATOM   616 N NH2 . ARG A 1 77  ? 16.449  -3.465  2.032   1.00 42.87 ? 77  ARG A NH2 1 
ATOM   617 N N   . TYR A 1 78  ? 8.666   -1.685  -0.023  1.00 14.26 ? 78  TYR A N   1 
ATOM   618 C CA  . TYR A 1 78  ? 8.351   -0.308  -0.374  1.00 12.21 ? 78  TYR A CA  1 
ATOM   619 C C   . TYR A 1 78  ? 8.917   0.658   0.641   1.00 12.38 ? 78  TYR A C   1 
ATOM   620 O O   . TYR A 1 78  ? 8.965   0.358   1.834   1.00 13.31 ? 78  TYR A O   1 
ATOM   621 C CB  . TYR A 1 78  ? 6.841   -0.098  -0.415  1.00 11.37 ? 78  TYR A CB  1 
ATOM   622 C CG  . TYR A 1 78  ? 6.148   -0.656  -1.631  1.00 13.61 ? 78  TYR A CG  1 
ATOM   623 C CD1 . TYR A 1 78  ? 5.984   0.119   -2.778  1.00 11.56 ? 78  TYR A CD1 1 
ATOM   624 C CD2 . TYR A 1 78  ? 5.635   -1.949  -1.628  1.00 10.08 ? 78  TYR A CD2 1 
ATOM   625 C CE1 . TYR A 1 78  ? 5.324   -0.380  -3.894  1.00 13.82 ? 78  TYR A CE1 1 
ATOM   626 C CE2 . TYR A 1 78  ? 4.976   -2.456  -2.734  1.00 13.45 ? 78  TYR A CE2 1 
ATOM   627 C CZ  . TYR A 1 78  ? 4.824   -1.671  -3.864  1.00 16.37 ? 78  TYR A CZ  1 
ATOM   628 O OH  . TYR A 1 78  ? 4.184   -2.187  -4.967  1.00 15.20 ? 78  TYR A OH  1 
ATOM   629 N N   . MET A 1 79  ? 9.374   1.806   0.159   1.00 12.71 ? 79  MET A N   1 
ATOM   630 C CA  . MET A 1 79  ? 9.863   2.840   1.048   1.00 13.56 ? 79  MET A CA  1 
ATOM   631 C C   . MET A 1 79  ? 8.789   3.923   1.009   1.00 12.04 ? 79  MET A C   1 
ATOM   632 O O   . MET A 1 79  ? 8.364   4.326   -0.071  1.00 14.41 ? 79  MET A O   1 
ATOM   633 C CB  . MET A 1 79  ? 11.202  3.418   0.584   1.00 11.12 ? 79  MET A CB  1 
ATOM   634 C CG  . MET A 1 79  ? 11.705  4.515   1.527   1.00 14.73 ? 79  MET A CG  1 
ATOM   635 S SD  . MET A 1 79  ? 13.286  5.232   1.106   1.00 19.00 ? 79  MET A SD  1 
ATOM   636 C CE  . MET A 1 79  ? 14.376  4.175   2.004   1.00 15.38 ? 79  MET A CE  1 
ATOM   637 N N   . ASP A 1 80  ? 8.308   4.344   2.176   1.00 10.24 ? 80  ASP A N   1 
ATOM   638 C CA  . ASP A 1 80  ? 7.286   5.377   2.241   1.00 10.68 ? 80  ASP A CA  1 
ATOM   639 C C   . ASP A 1 80  ? 7.889   6.781   2.299   1.00 13.19 ? 80  ASP A C   1 
ATOM   640 O O   . ASP A 1 80  ? 9.110   6.948   2.188   1.00 16.65 ? 80  ASP A O   1 
ATOM   641 C CB  . ASP A 1 80  ? 6.312   5.134   3.406   1.00 11.02 ? 80  ASP A CB  1 
ATOM   642 C CG  . ASP A 1 80  ? 6.975   5.183   4.794   1.00 13.93 ? 80  ASP A CG  1 
ATOM   643 O OD1 . ASP A 1 80  ? 8.032   5.823   4.972   1.00 13.00 ? 80  ASP A OD1 1 
ATOM   644 O OD2 . ASP A 1 80  ? 6.401   4.585   5.734   1.00 15.93 ? 80  ASP A OD2 1 
ATOM   645 N N   . ASN A 1 81  ? 7.036   7.779   2.500   1.00 16.40 ? 81  ASN A N   1 
ATOM   646 C CA  . ASN A 1 81  ? 7.478   9.168   2.566   1.00 18.10 ? 81  ASN A CA  1 
ATOM   647 C C   . ASN A 1 81  ? 8.301   9.523   3.807   1.00 16.47 ? 81  ASN A C   1 
ATOM   648 O O   . ASN A 1 81  ? 8.980   10.547  3.824   1.00 17.21 ? 81  ASN A O   1 
ATOM   649 C CB  . ASN A 1 81  ? 6.282   10.100  2.435   1.00 13.98 ? 81  ASN A CB  1 
ATOM   650 C CG  . ASN A 1 81  ? 5.192   9.746   3.385   1.00 14.03 ? 81  ASN A CG  1 
ATOM   651 O OD1 . ASN A 1 81  ? 4.497   8.749   3.202   1.00 13.53 ? 81  ASN A OD1 1 
ATOM   652 N ND2 . ASN A 1 81  ? 5.062   10.528  4.445   1.00 16.16 ? 81  ASN A ND2 1 
ATOM   653 N N   . ASN A 1 82  ? 8.257   8.671   4.829   1.00 17.77 ? 82  ASN A N   1 
ATOM   654 C CA  . ASN A 1 82  ? 9.029   8.883   6.058   1.00 16.10 ? 82  ASN A CA  1 
ATOM   655 C C   . ASN A 1 82  ? 10.335  8.076   6.056   1.00 16.16 ? 82  ASN A C   1 
ATOM   656 O O   . ASN A 1 82  ? 11.018  8.000   7.075   1.00 19.80 ? 82  ASN A O   1 
ATOM   657 C CB  . ASN A 1 82  ? 8.211   8.473   7.281   1.00 18.78 ? 82  ASN A CB  1 
ATOM   658 C CG  . ASN A 1 82  ? 6.954   9.286   7.442   1.00 22.33 ? 82  ASN A CG  1 
ATOM   659 O OD1 . ASN A 1 82  ? 5.904   8.764   7.816   1.00 23.21 ? 82  ASN A OD1 1 
ATOM   660 N ND2 . ASN A 1 82  ? 7.051   10.575  7.165   1.00 27.16 ? 82  ASN A ND2 1 
ATOM   661 N N   . SER A 1 83  ? 10.656  7.460   4.919   1.00 17.04 ? 83  SER A N   1 
ATOM   662 C CA  . SER A 1 83  ? 11.853  6.624   4.742   1.00 17.78 ? 83  SER A CA  1 
ATOM   663 C C   . SER A 1 83  ? 11.765  5.242   5.380   1.00 17.32 ? 83  SER A C   1 
ATOM   664 O O   . SER A 1 83  ? 12.767  4.526   5.443   1.00 21.76 ? 83  SER A O   1 
ATOM   665 C CB  . SER A 1 83  ? 13.130  7.321   5.231   1.00 18.73 ? 83  SER A CB  1 
ATOM   666 O OG  . SER A 1 83  ? 13.581  8.270   4.288   1.00 31.03 ? 83  SER A OG  1 
ATOM   667 N N   . ARG A 1 84  ? 10.582  4.867   5.857   1.00 16.34 ? 84  ARG A N   1 
ATOM   668 C CA  . ARG A 1 84  ? 10.398  3.559   6.469   1.00 15.27 ? 84  ARG A CA  1 
ATOM   669 C C   . ARG A 1 84  ? 10.197  2.513   5.385   1.00 14.93 ? 84  ARG A C   1 
ATOM   670 O O   . ARG A 1 84  ? 9.709   2.827   4.303   1.00 12.68 ? 84  ARG A O   1 
ATOM   671 C CB  . ARG A 1 84  ? 9.201   3.577   7.401   1.00 17.72 ? 84  ARG A CB  1 
ATOM   672 C CG  . ARG A 1 84  ? 9.329   4.593   8.492   1.00 25.25 ? 84  ARG A CG  1 
ATOM   673 C CD  . ARG A 1 84  ? 8.045   4.697   9.271   1.00 34.69 ? 84  ARG A CD  1 
ATOM   674 N NE  . ARG A 1 84  ? 8.105   5.753   10.279  1.00 42.42 ? 84  ARG A NE  1 
ATOM   675 C CZ  . ARG A 1 84  ? 7.082   6.541   10.590  1.00 45.31 ? 84  ARG A CZ  1 
ATOM   676 N NH1 . ARG A 1 84  ? 5.917   6.391   9.968   1.00 47.22 ? 84  ARG A NH1 1 
ATOM   677 N NH2 . ARG A 1 84  ? 7.222   7.477   11.522  1.00 47.36 ? 84  ARG A NH2 1 
ATOM   678 N N   . LEU A 1 85  ? 10.592  1.277   5.681   1.00 14.33 ? 85  LEU A N   1 
ATOM   679 C CA  . LEU A 1 85  ? 10.476  0.162   4.747   1.00 17.03 ? 85  LEU A CA  1 
ATOM   680 C C   . LEU A 1 85  ? 9.334   -0.767  5.102   1.00 15.42 ? 85  LEU A C   1 
ATOM   681 O O   . LEU A 1 85  ? 9.083   -1.047  6.273   1.00 15.71 ? 85  LEU A O   1 
ATOM   682 C CB  . LEU A 1 85  ? 11.779  -0.635  4.691   1.00 20.80 ? 85  LEU A CB  1 
ATOM   683 C CG  . LEU A 1 85  ? 12.806  -0.278  3.614   1.00 24.06 ? 85  LEU A CG  1 
ATOM   684 C CD1 . LEU A 1 85  ? 12.982  1.216   3.514   1.00 25.84 ? 85  LEU A CD1 1 
ATOM   685 C CD2 . LEU A 1 85  ? 14.124  -0.953  3.930   1.00 31.93 ? 85  LEU A CD2 1 
ATOM   686 N N   . TRP A 1 86  ? 8.629   -1.216  4.071   1.00 14.08 ? 86  TRP A N   1 
ATOM   687 C CA  . TRP A 1 86  ? 7.500   -2.122  4.218   1.00 10.66 ? 86  TRP A CA  1 
ATOM   688 C C   . TRP A 1 86  ? 7.810   -3.359  3.393   1.00 12.64 ? 86  TRP A C   1 
ATOM   689 O O   . TRP A 1 86  ? 8.006   -3.265  2.188   1.00 13.85 ? 86  TRP A O   1 
ATOM   690 C CB  . TRP A 1 86  ? 6.214   -1.480  3.700   1.00 7.24  ? 86  TRP A CB  1 
ATOM   691 C CG  . TRP A 1 86  ? 5.778   -0.280  4.473   1.00 9.74  ? 86  TRP A CG  1 
ATOM   692 C CD1 . TRP A 1 86  ? 6.400   0.939   4.514   1.00 10.12 ? 86  TRP A CD1 1 
ATOM   693 C CD2 . TRP A 1 86  ? 4.610   -0.161  5.296   1.00 8.32  ? 86  TRP A CD2 1 
ATOM   694 N NE1 . TRP A 1 86  ? 5.692   1.803   5.308   1.00 12.02 ? 86  TRP A NE1 1 
ATOM   695 C CE2 . TRP A 1 86  ? 4.588   1.159   5.802   1.00 8.47  ? 86  TRP A CE2 1 
ATOM   696 C CE3 . TRP A 1 86  ? 3.576   -1.040  5.653   1.00 9.41  ? 86  TRP A CE3 1 
ATOM   697 C CZ2 . TRP A 1 86  ? 3.574   1.626   6.650   1.00 11.95 ? 86  TRP A CZ2 1 
ATOM   698 C CZ3 . TRP A 1 86  ? 2.564   -0.577  6.491   1.00 8.69  ? 86  TRP A CZ3 1 
ATOM   699 C CH2 . TRP A 1 86  ? 2.572   0.744   6.981   1.00 15.01 ? 86  TRP A CH2 1 
ATOM   700 N N   . GLN A 1 87  ? 7.877   -4.508  4.050   1.00 11.88 ? 87  GLN A N   1 
ATOM   701 C CA  . GLN A 1 87  ? 8.178   -5.764  3.378   1.00 11.39 ? 87  GLN A CA  1 
ATOM   702 C C   . GLN A 1 87  ? 6.961   -6.311  2.645   1.00 12.00 ? 87  GLN A C   1 
ATOM   703 O O   . GLN A 1 87  ? 5.871   -6.337  3.204   1.00 11.24 ? 87  GLN A O   1 
ATOM   704 C CB  . GLN A 1 87  ? 8.631   -6.802  4.418   1.00 14.49 ? 87  GLN A CB  1 
ATOM   705 C CG  . GLN A 1 87  ? 9.024   -8.153  3.837   1.00 18.40 ? 87  GLN A CG  1 
ATOM   706 C CD  . GLN A 1 87  ? 10.283  -8.075  2.989   1.00 23.31 ? 87  GLN A CD  1 
ATOM   707 O OE1 . GLN A 1 87  ? 11.341  -7.657  3.469   1.00 27.67 ? 87  GLN A OE1 1 
ATOM   708 N NE2 . GLN A 1 87  ? 10.179  -8.477  1.723   1.00 26.80 ? 87  GLN A NE2 1 
ATOM   709 N N   . ILE A 1 88  ? 7.125   -6.714  1.389   1.00 11.31 ? 88  ILE A N   1 
ATOM   710 C CA  . ILE A 1 88  ? 6.004   -7.309  0.667   1.00 12.62 ? 88  ILE A CA  1 
ATOM   711 C C   . ILE A 1 88  ? 6.014   -8.771  1.115   1.00 11.88 ? 88  ILE A C   1 
ATOM   712 O O   . ILE A 1 88  ? 6.925   -9.518  0.767   1.00 14.98 ? 88  ILE A O   1 
ATOM   713 C CB  . ILE A 1 88  ? 6.184   -7.248  -0.869  1.00 15.22 ? 88  ILE A CB  1 
ATOM   714 C CG1 . ILE A 1 88  ? 6.142   -5.799  -1.366  1.00 17.20 ? 88  ILE A CG1 1 
ATOM   715 C CG2 . ILE A 1 88  ? 5.081   -8.049  -1.564  1.00 12.57 ? 88  ILE A CG2 1 
ATOM   716 C CD1 . ILE A 1 88  ? 6.530   -5.649  -2.842  1.00 13.83 ? 88  ILE A CD1 1 
ATOM   717 N N   . GLN A 1 89  ? 5.060   -9.153  1.961   1.00 15.00 ? 89  GLN A N   1 
ATOM   718 C CA  . GLN A 1 89  ? 4.991   -10.533 2.449   1.00 16.39 ? 89  GLN A CA  1 
ATOM   719 C C   . GLN A 1 89  ? 4.339   -11.454 1.432   1.00 16.88 ? 89  GLN A C   1 
ATOM   720 O O   . GLN A 1 89  ? 4.651   -12.646 1.364   1.00 19.34 ? 89  GLN A O   1 
ATOM   721 C CB  . GLN A 1 89  ? 4.309   -10.595 3.804   1.00 12.14 ? 89  GLN A CB  1 
ATOM   722 C CG  . GLN A 1 89  ? 5.028   -9.744  4.823   1.00 13.54 ? 89  GLN A CG  1 
ATOM   723 C CD  . GLN A 1 89  ? 4.668   -10.129 6.228   1.00 9.67  ? 89  GLN A CD  1 
ATOM   724 O OE1 . GLN A 1 89  ? 3.613   -9.766  6.727   1.00 12.98 ? 89  GLN A OE1 1 
ATOM   725 N NE2 . GLN A 1 89  ? 5.544   -10.882 6.874   1.00 13.21 ? 89  GLN A NE2 1 
ATOM   726 N N   . HIS A 1 90  ? 3.393   -10.907 0.675   1.00 15.39 ? 90  HIS A N   1 
ATOM   727 C CA  . HIS A 1 90  ? 2.781   -11.654 -0.416  1.00 12.39 ? 90  HIS A CA  1 
ATOM   728 C C   . HIS A 1 90  ? 2.092   -10.745 -1.430  1.00 11.51 ? 90  HIS A C   1 
ATOM   729 O O   . HIS A 1 90  ? 1.679   -9.627  -1.111  1.00 9.32  ? 90  HIS A O   1 
ATOM   730 C CB  . HIS A 1 90  ? 1.926   -12.853 0.054   1.00 11.57 ? 90  HIS A CB  1 
ATOM   731 C CG  . HIS A 1 90  ? 0.531   -12.515 0.477   1.00 11.82 ? 90  HIS A CG  1 
ATOM   732 N ND1 . HIS A 1 90  ? -0.273  -11.634 -0.213  1.00 15.98 ? 90  HIS A ND1 1 
ATOM   733 C CD2 . HIS A 1 90  ? -0.227  -13.000 1.485   1.00 5.68  ? 90  HIS A CD2 1 
ATOM   734 C CE1 . HIS A 1 90  ? -1.464  -11.591 0.352   1.00 5.12  ? 90  HIS A CE1 1 
ATOM   735 N NE2 . HIS A 1 90  ? -1.462  -12.411 1.386   1.00 9.37  ? 90  HIS A NE2 1 
ATOM   736 N N   . HIS A 1 91  ? 2.095   -11.199 -2.676  1.00 12.42 ? 91  HIS A N   1 
ATOM   737 C CA  . HIS A 1 91  ? 1.494   -10.487 -3.792  1.00 13.33 ? 91  HIS A CA  1 
ATOM   738 C C   . HIS A 1 91  ? 0.800   -11.560 -4.608  1.00 14.22 ? 91  HIS A C   1 
ATOM   739 O O   . HIS A 1 91  ? 1.431   -12.297 -5.362  1.00 14.55 ? 91  HIS A O   1 
ATOM   740 C CB  . HIS A 1 91  ? 2.584   -9.807  -4.627  1.00 14.49 ? 91  HIS A CB  1 
ATOM   741 C CG  . HIS A 1 91  ? 2.066   -9.061  -5.821  1.00 11.65 ? 91  HIS A CG  1 
ATOM   742 N ND1 . HIS A 1 91  ? 2.868   -8.732  -6.892  1.00 10.13 ? 91  HIS A ND1 1 
ATOM   743 C CD2 . HIS A 1 91  ? 0.842   -8.554  -6.097  1.00 12.17 ? 91  HIS A CD2 1 
ATOM   744 C CE1 . HIS A 1 91  ? 2.160   -8.053  -7.776  1.00 11.37 ? 91  HIS A CE1 1 
ATOM   745 N NE2 . HIS A 1 91  ? 0.928   -7.930  -7.318  1.00 11.03 ? 91  HIS A NE2 1 
ATOM   746 N N   . LEU A 1 92  ? -0.511  -11.650 -4.438  1.00 14.20 ? 92  LEU A N   1 
ATOM   747 C CA  . LEU A 1 92  ? -1.280  -12.660 -5.128  1.00 16.13 ? 92  LEU A CA  1 
ATOM   748 C C   . LEU A 1 92  ? -2.667  -12.219 -5.537  1.00 15.61 ? 92  LEU A C   1 
ATOM   749 O O   . LEU A 1 92  ? -3.095  -11.096 -5.259  1.00 13.18 ? 92  LEU A O   1 
ATOM   750 C CB  . LEU A 1 92  ? -1.351  -13.942 -4.280  1.00 21.91 ? 92  LEU A CB  1 
ATOM   751 C CG  . LEU A 1 92  ? -1.242  -13.841 -2.755  1.00 19.48 ? 92  LEU A CG  1 
ATOM   752 C CD1 . LEU A 1 92  ? -2.548  -13.424 -2.166  1.00 21.10 ? 92  LEU A CD1 1 
ATOM   753 C CD2 . LEU A 1 92  ? -0.819  -15.163 -2.172  1.00 24.03 ? 92  LEU A CD2 1 
ATOM   754 N N   . MET A 1 93  ? -3.319  -13.096 -6.289  1.00 15.85 ? 93  MET A N   1 
ATOM   755 C CA  . MET A 1 93  ? -4.667  -12.891 -6.777  1.00 20.41 ? 93  MET A CA  1 
ATOM   756 C C   . MET A 1 93  ? -5.561  -13.640 -5.797  1.00 22.02 ? 93  MET A C   1 
ATOM   757 O O   . MET A 1 93  ? -5.382  -14.847 -5.587  1.00 19.65 ? 93  MET A O   1 
ATOM   758 C CB  . MET A 1 93  ? -4.794  -13.515 -8.164  1.00 26.24 ? 93  MET A CB  1 
ATOM   759 C CG  . MET A 1 93  ? -5.908  -12.939 -9.019  1.00 34.92 ? 93  MET A CG  1 
ATOM   760 S SD  . MET A 1 93  ? -5.578  -11.216 -9.457  1.00 41.75 ? 93  MET A SD  1 
ATOM   761 C CE  . MET A 1 93  ? -3.861  -11.282 -9.853  1.00 34.79 ? 93  MET A CE  1 
ATOM   762 N N   . VAL A 1 94  ? -6.460  -12.917 -5.138  1.00 22.33 ? 94  VAL A N   1 
ATOM   763 C CA  . VAL A 1 94  ? -7.375  -13.530 -4.180  1.00 24.39 ? 94  VAL A CA  1 
ATOM   764 C C   . VAL A 1 94  ? -8.804  -13.231 -4.604  1.00 26.64 ? 94  VAL A C   1 
ATOM   765 O O   . VAL A 1 94  ? -9.223  -12.079 -4.635  1.00 26.50 ? 94  VAL A O   1 
ATOM   766 C CB  . VAL A 1 94  ? -7.161  -13.004 -2.759  1.00 25.47 ? 94  VAL A CB  1 
ATOM   767 C CG1 . VAL A 1 94  ? -8.147  -13.651 -1.812  1.00 26.45 ? 94  VAL A CG1 1 
ATOM   768 C CG2 . VAL A 1 94  ? -5.767  -13.294 -2.303  1.00 25.45 ? 94  VAL A CG2 1 
ATOM   769 N N   . ARG A 1 95  ? -9.548  -14.281 -4.929  1.00 28.59 ? 95  ARG A N   1 
ATOM   770 C CA  . ARG A 1 95  ? -10.927 -14.143 -5.376  1.00 30.86 ? 95  ARG A CA  1 
ATOM   771 C C   . ARG A 1 95  ? -11.029 -13.196 -6.576  1.00 28.49 ? 95  ARG A C   1 
ATOM   772 O O   . ARG A 1 95  ? -12.005 -12.462 -6.726  1.00 31.14 ? 95  ARG A O   1 
ATOM   773 C CB  . ARG A 1 95  ? -11.832 -13.696 -4.219  1.00 35.29 ? 95  ARG A CB  1 
ATOM   774 C CG  . ARG A 1 95  ? -12.271 -14.835 -3.282  1.00 43.27 ? 95  ARG A CG  1 
ATOM   775 C CD  . ARG A 1 95  ? -11.097 -15.525 -2.585  1.00 50.53 ? 95  ARG A CD  1 
ATOM   776 N NE  . ARG A 1 95  ? -11.514 -16.672 -1.771  1.00 54.79 ? 95  ARG A NE  1 
ATOM   777 C CZ  . ARG A 1 95  ? -11.161 -16.865 -0.500  1.00 56.28 ? 95  ARG A CZ  1 
ATOM   778 N NH1 . ARG A 1 95  ? -10.377 -15.991 0.125   1.00 52.45 ? 95  ARG A NH1 1 
ATOM   779 N NH2 . ARG A 1 95  ? -11.601 -17.934 0.156   1.00 59.62 ? 95  ARG A NH2 1 
ATOM   780 N N   . GLY A 1 96  ? -9.998  -13.218 -7.420  1.00 26.49 ? 96  GLY A N   1 
ATOM   781 C CA  . GLY A 1 96  ? -9.975  -12.387 -8.614  1.00 24.62 ? 96  GLY A CA  1 
ATOM   782 C C   . GLY A 1 96  ? -9.426  -10.981 -8.464  1.00 24.27 ? 96  GLY A C   1 
ATOM   783 O O   . GLY A 1 96  ? -9.334  -10.249 -9.453  1.00 26.98 ? 96  GLY A O   1 
ATOM   784 N N   . VAL A 1 97  ? -9.040  -10.612 -7.246  1.00 20.29 ? 97  VAL A N   1 
ATOM   785 C CA  . VAL A 1 97  ? -8.498  -9.284  -6.962  1.00 18.13 ? 97  VAL A CA  1 
ATOM   786 C C   . VAL A 1 97  ? -7.026  -9.361  -6.585  1.00 16.61 ? 97  VAL A C   1 
ATOM   787 O O   . VAL A 1 97  ? -6.628  -10.201 -5.773  1.00 18.26 ? 97  VAL A O   1 
ATOM   788 C CB  . VAL A 1 97  ? -9.271  -8.616  -5.804  1.00 21.27 ? 97  VAL A CB  1 
ATOM   789 C CG1 . VAL A 1 97  ? -8.673  -7.266  -5.452  1.00 21.18 ? 97  VAL A CG1 1 
ATOM   790 C CG2 . VAL A 1 97  ? -10.722 -8.452  -6.184  1.00 24.93 ? 97  VAL A CG2 1 
ATOM   791 N N   . GLN A 1 98  ? -6.222  -8.479  -7.174  1.00 11.13 ? 98  GLN A N   1 
ATOM   792 C CA  . GLN A 1 98  ? -4.790  -8.424  -6.887  1.00 9.24  ? 98  GLN A CA  1 
ATOM   793 C C   . GLN A 1 98  ? -4.606  -7.883  -5.463  1.00 11.25 ? 98  GLN A C   1 
ATOM   794 O O   . GLN A 1 98  ? -5.205  -6.864  -5.088  1.00 9.57  ? 98  GLN A O   1 
ATOM   795 C CB  . GLN A 1 98  ? -4.075  -7.529  -7.897  1.00 11.50 ? 98  GLN A CB  1 
ATOM   796 C CG  . GLN A 1 98  ? -2.568  -7.636  -7.854  1.00 20.05 ? 98  GLN A CG  1 
ATOM   797 C CD  . GLN A 1 98  ? -1.898  -6.823  -8.943  1.00 21.93 ? 98  GLN A CD  1 
ATOM   798 O OE1 . GLN A 1 98  ? -0.700  -6.543  -8.876  1.00 24.81 ? 98  GLN A OE1 1 
ATOM   799 N NE2 . GLN A 1 98  ? -2.670  -6.440  -9.957  1.00 24.35 ? 98  GLN A NE2 1 
ATOM   800 N N   . GLU A 1 99  ? -3.769  -8.560  -4.683  1.00 12.43 ? 99  GLU A N   1 
ATOM   801 C CA  . GLU A 1 99  ? -3.554  -8.166  -3.301  1.00 11.35 ? 99  GLU A CA  1 
ATOM   802 C C   . GLU A 1 99  ? -2.098  -8.112  -2.847  1.00 10.20 ? 99  GLU A C   1 
ATOM   803 O O   . GLU A 1 99  ? -1.314  -9.016  -3.124  1.00 9.87  ? 99  GLU A O   1 
ATOM   804 C CB  . GLU A 1 99  ? -4.338  -9.106  -2.377  1.00 9.36  ? 99  GLU A CB  1 
ATOM   805 C CG  . GLU A 1 99  ? -4.039  -8.903  -0.905  1.00 14.16 ? 99  GLU A CG  1 
ATOM   806 C CD  . GLU A 1 99  ? -4.772  -9.878  -0.021  1.00 13.26 ? 99  GLU A CD  1 
ATOM   807 O OE1 . GLU A 1 99  ? -5.997  -9.736  0.147   1.00 18.35 ? 99  GLU A OE1 1 
ATOM   808 O OE2 . GLU A 1 99  ? -4.123  -10.779 0.529   1.00 13.98 ? 99  GLU A OE2 1 
ATOM   809 N N   . LEU A 1 100 ? -1.749  -7.035  -2.146  1.00 10.42 ? 100 LEU A N   1 
ATOM   810 C CA  . LEU A 1 100 ? -0.408  -6.872  -1.593  1.00 8.12  ? 100 LEU A CA  1 
ATOM   811 C C   . LEU A 1 100 ? -0.561  -6.953  -0.096  1.00 7.89  ? 100 LEU A C   1 
ATOM   812 O O   . LEU A 1 100 ? -1.537  -6.437  0.448   1.00 8.59  ? 100 LEU A O   1 
ATOM   813 C CB  . LEU A 1 100 ? 0.175   -5.500  -1.931  1.00 10.38 ? 100 LEU A CB  1 
ATOM   814 C CG  . LEU A 1 100 ? 0.726   -5.213  -3.327  1.00 8.57  ? 100 LEU A CG  1 
ATOM   815 C CD1 . LEU A 1 100 ? 1.019   -3.726  -3.448  1.00 12.70 ? 100 LEU A CD1 1 
ATOM   816 C CD2 . LEU A 1 100 ? 1.978   -6.031  -3.571  1.00 11.56 ? 100 LEU A CD2 1 
ATOM   817 N N   . LEU A 1 101 ? 0.339   -7.687  0.554   1.00 8.76  ? 101 LEU A N   1 
ATOM   818 C CA  . LEU A 1 101 ? 0.337   -7.776  2.007   1.00 10.93 ? 101 LEU A CA  1 
ATOM   819 C C   . LEU A 1 101 ? 1.676   -7.184  2.435   1.00 12.06 ? 101 LEU A C   1 
ATOM   820 O O   . LEU A 1 101 ? 2.736   -7.787  2.218   1.00 13.11 ? 101 LEU A O   1 
ATOM   821 C CB  . LEU A 1 101 ? 0.190   -9.216  2.515   1.00 9.65  ? 101 LEU A CB  1 
ATOM   822 C CG  . LEU A 1 101 ? 0.096   -9.241  4.050   1.00 11.27 ? 101 LEU A CG  1 
ATOM   823 C CD1 . LEU A 1 101 ? -1.177  -8.540  4.497   1.00 11.25 ? 101 LEU A CD1 1 
ATOM   824 C CD2 . LEU A 1 101 ? 0.158   -10.671 4.583   1.00 12.23 ? 101 LEU A CD2 1 
ATOM   825 N N   . LEU A 1 102 ? 1.607   -5.978  3.001   1.00 12.14 ? 102 LEU A N   1 
ATOM   826 C CA  . LEU A 1 102 ? 2.780   -5.222  3.444   1.00 12.70 ? 102 LEU A CA  1 
ATOM   827 C C   . LEU A 1 102 ? 2.988   -5.237  4.950   1.00 11.45 ? 102 LEU A C   1 
ATOM   828 O O   . LEU A 1 102 ? 2.039   -5.120  5.717   1.00 14.27 ? 102 LEU A O   1 
ATOM   829 C CB  . LEU A 1 102 ? 2.653   -3.763  2.995   1.00 9.65  ? 102 LEU A CB  1 
ATOM   830 C CG  . LEU A 1 102 ? 2.420   -3.505  1.510   1.00 12.23 ? 102 LEU A CG  1 
ATOM   831 C CD1 . LEU A 1 102 ? 2.283   -2.003  1.244   1.00 11.94 ? 102 LEU A CD1 1 
ATOM   832 C CD2 . LEU A 1 102 ? 3.572   -4.095  0.723   1.00 11.88 ? 102 LEU A CD2 1 
ATOM   833 N N   . LYS A 1 103 ? 4.246   -5.307  5.361   1.00 10.60 ? 103 LYS A N   1 
ATOM   834 C CA  . LYS A 1 103 ? 4.574   -5.317  6.772   1.00 10.78 ? 103 LYS A CA  1 
ATOM   835 C C   . LYS A 1 103 ? 5.572   -4.212  7.075   1.00 8.25  ? 103 LYS A C   1 
ATOM   836 O O   . LYS A 1 103 ? 6.661   -4.182  6.502   1.00 9.80  ? 103 LYS A O   1 
ATOM   837 C CB  . LYS A 1 103 ? 5.166   -6.674  7.170   1.00 14.08 ? 103 LYS A CB  1 
ATOM   838 C CG  . LYS A 1 103 ? 5.447   -6.816  8.668   1.00 12.97 ? 103 LYS A CG  1 
ATOM   839 C CD  . LYS A 1 103 ? 6.035   -8.168  8.996   1.00 18.27 ? 103 LYS A CD  1 
ATOM   840 C CE  . LYS A 1 103 ? 6.297   -8.279  10.473  1.00 19.25 ? 103 LYS A CE  1 
ATOM   841 N NZ  . LYS A 1 103 ? 6.753   -9.635  10.855  1.00 26.24 ? 103 LYS A NZ  1 
ATOM   842 N N   . LEU A 1 104 ? 5.196   -3.305  7.970   1.00 8.70  ? 104 LEU A N   1 
ATOM   843 C CA  . LEU A 1 104 ? 6.079   -2.203  8.350   1.00 10.28 ? 104 LEU A CA  1 
ATOM   844 C C   . LEU A 1 104 ? 7.221   -2.734  9.201   1.00 9.18  ? 104 LEU A C   1 
ATOM   845 O O   . LEU A 1 104 ? 6.996   -3.303  10.266  1.00 11.41 ? 104 LEU A O   1 
ATOM   846 C CB  . LEU A 1 104 ? 5.308   -1.128  9.118   1.00 10.80 ? 104 LEU A CB  1 
ATOM   847 C CG  . LEU A 1 104 ? 6.163   0.028   9.626   1.00 10.58 ? 104 LEU A CG  1 
ATOM   848 C CD1 . LEU A 1 104 ? 6.891   0.703   8.470   1.00 10.79 ? 104 LEU A CD1 1 
ATOM   849 C CD2 . LEU A 1 104 ? 5.288   1.007   10.369  1.00 11.82 ? 104 LEU A CD2 1 
ATOM   850 N N   . LEU A 1 105 ? 8.438   -2.577  8.699   1.00 6.87  ? 105 LEU A N   1 
ATOM   851 C CA  . LEU A 1 105 ? 9.634   -3.040  9.380   1.00 9.92  ? 105 LEU A CA  1 
ATOM   852 C C   . LEU A 1 105 ? 10.214  -1.953  10.284  1.00 15.63 ? 105 LEU A C   1 
ATOM   853 O O   . LEU A 1 105 ? 9.977   -0.762  10.064  1.00 14.69 ? 105 LEU A O   1 
ATOM   854 C CB  . LEU A 1 105 ? 10.676  -3.457  8.342   1.00 10.09 ? 105 LEU A CB  1 
ATOM   855 C CG  . LEU A 1 105 ? 10.274  -4.584  7.386   1.00 8.13  ? 105 LEU A CG  1 
ATOM   856 C CD1 . LEU A 1 105 ? 11.369  -4.779  6.341   1.00 12.90 ? 105 LEU A CD1 1 
ATOM   857 C CD2 . LEU A 1 105 ? 10.044  -5.862  8.154   1.00 12.11 ? 105 LEU A CD2 1 
ATOM   858 N N   . PRO A 1 106 ? 10.965  -2.350  11.328  1.00 19.64 ? 106 PRO A N   1 
ATOM   859 C CA  . PRO A 1 106 ? 11.564  -1.372  12.245  1.00 22.67 ? 106 PRO A CA  1 
ATOM   860 C C   . PRO A 1 106 ? 12.610  -0.573  11.493  1.00 25.96 ? 106 PRO A C   1 
ATOM   861 O O   . PRO A 1 106 ? 13.280  -1.114  10.611  1.00 29.22 ? 106 PRO A O   1 
ATOM   862 C CB  . PRO A 1 106 ? 12.189  -2.253  13.329  1.00 20.17 ? 106 PRO A CB  1 
ATOM   863 C CG  . PRO A 1 106 ? 12.492  -3.532  12.611  1.00 18.51 ? 106 PRO A CG  1 
ATOM   864 C CD  . PRO A 1 106 ? 11.279  -3.729  11.741  1.00 19.87 ? 106 PRO A CD  1 
ATOM   865 N N   . ASP A 1 107 ? 12.725  0.717   11.788  1.00 30.85 ? 107 ASP A N   1 
ATOM   866 C CA  . ASP A 1 107 ? 13.709  1.536   11.081  1.00 37.83 ? 107 ASP A CA  1 
ATOM   867 C C   . ASP A 1 107 ? 15.122  1.105   11.429  1.00 41.65 ? 107 ASP A C   1 
ATOM   868 O O   . ASP A 1 107 ? 15.459  0.973   12.603  1.00 40.17 ? 107 ASP A O   1 
ATOM   869 C CB  . ASP A 1 107 ? 13.533  3.023   11.391  1.00 43.05 ? 107 ASP A CB  1 
ATOM   870 C CG  . ASP A 1 107 ? 14.425  3.909   10.520  1.00 51.89 ? 107 ASP A CG  1 
ATOM   871 O OD1 . ASP A 1 107 ? 15.641  4.026   10.817  1.00 53.03 ? 107 ASP A OD1 1 
ATOM   872 O OD2 . ASP A 1 107 ? 13.906  4.484   9.531   1.00 54.46 ? 107 ASP A OD2 1 
ATOM   873 N N   . ASP A 1 108 ? 15.932  0.853   10.406  1.00 46.19 ? 108 ASP A N   1 
ATOM   874 C CA  . ASP A 1 108 ? 17.313  0.444   10.624  1.00 50.93 ? 108 ASP A CA  1 
ATOM   875 C C   . ASP A 1 108 ? 18.267  1.477   10.033  1.00 51.95 ? 108 ASP A C   1 
ATOM   876 O O   . ASP A 1 108 ? 18.188  2.631   10.504  1.00 53.18 ? 108 ASP A O   1 
ATOM   877 C CB  . ASP A 1 108 ? 17.577  -0.938  10.014  1.00 51.88 ? 108 ASP A CB  1 
ATOM   878 C CG  . ASP A 1 108 ? 18.937  -1.517  10.419  1.00 52.53 ? 108 ASP A CG  1 
ATOM   879 O OD1 . ASP A 1 108 ? 19.611  -0.947  11.312  1.00 50.50 ? 108 ASP A OD1 1 
ATOM   880 O OD2 . ASP A 1 108 ? 19.328  -2.558  9.845   1.00 55.16 ? 108 ASP A OD2 1 
ATOM   881 O OXT . ASP A 1 108 ? 19.194  1.138   9.306   1.00 53.01 ? 108 ASP A OXT 1 
HETATM 882 O O   . HOH B 2 .   ? -4.396  12.335  -5.639  1.00 40.18 ? 201 HOH A O   1 
HETATM 883 O O   . HOH B 2 .   ? -9.110  1.445   -11.022 1.00 23.32 ? 202 HOH A O   1 
HETATM 884 O O   . HOH B 2 .   ? 3.051   5.083   8.374   1.00 43.48 ? 203 HOH A O   1 
HETATM 885 O O   . HOH B 2 .   ? -8.584  18.917  -2.421  1.00 43.75 ? 204 HOH A O   1 
HETATM 886 O O   . HOH B 2 .   ? 11.418  0.876   8.395   1.00 17.49 ? 205 HOH A O   1 
HETATM 887 O O   . HOH B 2 .   ? 7.981   -5.630  11.171  1.00 50.30 ? 206 HOH A O   1 
HETATM 888 O O   . HOH B 2 .   ? -7.453  -6.629  -9.140  1.00 23.32 ? 207 HOH A O   1 
HETATM 889 O O   . HOH B 2 .   ? -4.541  4.538   9.148   1.00 43.87 ? 208 HOH A O   1 
HETATM 890 O O   . HOH B 2 .   ? -10.962 -9.265  2.981   1.00 42.65 ? 209 HOH A O   1 
HETATM 891 O O   . HOH B 2 .   ? -3.174  9.799   -5.823  1.00 46.65 ? 210 HOH A O   1 
HETATM 892 O O   . HOH B 2 .   ? -1.316  -5.512  -12.832 1.00 42.89 ? 211 HOH A O   1 
HETATM 893 O O   . HOH B 2 .   ? -4.019  6.565   3.734   1.00 20.60 ? 212 HOH A O   1 
HETATM 894 O O   . HOH B 2 .   ? 9.376   2.045   11.136  1.00 35.57 ? 213 HOH A O   1 
HETATM 895 O O   . HOH B 2 .   ? 12.961  -9.506  0.823   1.00 47.68 ? 214 HOH A O   1 
HETATM 896 O O   . HOH B 2 .   ? -13.230 9.043   3.341   1.00 46.82 ? 215 HOH A O   1 
HETATM 897 O O   . HOH B 2 .   ? -15.448 -2.514  -12.138 1.00 58.68 ? 216 HOH A O   1 
HETATM 898 O O   . HOH B 2 .   ? 7.004   -2.210  -11.094 1.00 44.43 ? 217 HOH A O   1 
HETATM 899 O O   . HOH B 2 .   ? 2.065   10.252  11.537  1.00 56.72 ? 218 HOH A O   1 
HETATM 900 O O   . HOH B 2 .   ? -8.580  8.062   10.525  1.00 39.86 ? 219 HOH A O   1 
HETATM 901 O O   . HOH B 2 .   ? -10.823 -5.362  -8.840  1.00 51.92 ? 220 HOH A O   1 
HETATM 902 O O   . HOH B 2 .   ? 6.753   10.324  11.459  1.00 57.81 ? 221 HOH A O   1 
HETATM 903 O O   . HOH B 2 .   ? 12.017  9.357   9.405   1.00 45.35 ? 222 HOH A O   1 
HETATM 904 O O   . HOH B 2 .   ? -6.854  12.297  14.017  1.00 50.83 ? 223 HOH A O   1 
HETATM 905 O O   . HOH B 2 .   ? 4.922   -11.608 -8.881  1.00 29.20 ? 224 HOH A O   1 
# 
